data_8CXU
#
_entry.id   8CXU
#
_cell.length_a   81.446
_cell.length_b   161.237
_cell.length_c   229.523
_cell.angle_alpha   90.000
_cell.angle_beta   90.000
_cell.angle_gamma   90.000
#
_symmetry.space_group_name_H-M   'P 21 21 21'
#
loop_
_entity.id
_entity.type
_entity.pdbx_description
1 polymer 'Site-specific DNA-methyltransferase (adenine-specific)'
2 polymer 'DNA Strand 1'
3 polymer 'DNA Strand 2'
4 non-polymer 1,2-ETHANEDIOL
5 non-polymer 'POTASSIUM ION'
6 non-polymer N-[(4-aminophenyl)methyl]adenosine
7 water water
#
loop_
_entity_poly.entity_id
_entity_poly.type
_entity_poly.pdbx_seq_one_letter_code
_entity_poly.pdbx_strand_id
1 'polypeptide(L)'
;HMDDISQDNFLLSKEYENSLDVDTKKASGIYYTPKIIVDYIVKKTLKNHDIIKNPYPRILDISCGCGNFLLEVYDILYDL
FEENIYELKKKYDENYWTVDNIHRHILNYCIYGADIDEKAISILKDSLTNKKVVNDLDESDIKINLFCCDSLKKKWRYKF
DYIVGNPPYIGHKKLEKKYKKFLLEKYSEVYKDKADLYFCFYKKIIDILKQGGIGSVITPRYFLESLSGKDLREYIKSNV
NVQEIVDFLGANIFKNIGVSSCILTFDKKKTKETYIDVFKIKNEDICINKFETLEELLKSSKFEHFNINQRLLSDEWILV
NKDDETFYNKIQEKCKYSLEDIAISFQGIITGCDKAFILSKDDVKLNLVDDKFLKCWIKSKNINKYIVDKSEYRLIYSND
IDNENTNKRILDEIIGLYKTKLENRRECKSGIRKWYELQWGREKLFFERKKIMYPYKSNENRFAIDYDNNFSSADVYSFF
IKEEYLDKFSYEYLVGILNSSVYDKYFKITAKKMSKNIYDYYPNKVMKIRIFRDNNYEEIENLSKQIISILLNKSIDKGK
VEKLQIKMDNLIMDSLGI
;
A,B,C
2 'polydeoxyribonucleotide' (DT)(DT)(DC)(DA)(DA)(DA)(DA)(DA)(DG)(DT)(DC)(DC)(DC)(DA) D,F,H
3 'polydeoxyribonucleotide' (DA)(DT)(DG)(DG)(DG)(DA)(DC)(DT)(DT)(DT)(DT)(DT)(DG)(DA) E,G,I
#
loop_
_chem_comp.id
_chem_comp.type
_chem_comp.name
_chem_comp.formula
DA DNA linking 2'-DEOXYADENOSINE-5'-MONOPHOSPHATE 'C10 H14 N5 O6 P'
DC DNA linking 2'-DEOXYCYTIDINE-5'-MONOPHOSPHATE 'C9 H14 N3 O7 P'
DG DNA linking 2'-DEOXYGUANOSINE-5'-MONOPHOSPHATE 'C10 H14 N5 O7 P'
DT DNA linking THYMIDINE-5'-MONOPHOSPHATE 'C10 H15 N2 O8 P'
EDO non-polymer 1,2-ETHANEDIOL 'C2 H6 O2'
K non-polymer 'POTASSIUM ION' 'K 1'
T96 non-polymer N-[(4-aminophenyl)methyl]adenosine 'C17 H20 N6 O4'
#
# COMPACT_ATOMS: atom_id res chain seq x y z
N GLY A 29 -42.91 24.20 -6.72
CA GLY A 29 -41.84 23.99 -7.67
C GLY A 29 -42.02 24.71 -8.99
N ILE A 30 -43.12 25.43 -9.13
CA ILE A 30 -43.45 26.17 -10.34
C ILE A 30 -43.54 27.65 -10.01
N TYR A 31 -42.81 28.47 -10.77
CA TYR A 31 -42.73 29.91 -10.54
C TYR A 31 -43.29 30.66 -11.74
N TYR A 32 -44.09 31.70 -11.46
CA TYR A 32 -44.80 32.45 -12.48
C TYR A 32 -44.00 33.71 -12.84
N THR A 33 -43.53 33.78 -14.08
CA THR A 33 -42.82 34.96 -14.58
C THR A 33 -43.82 36.08 -14.90
N PRO A 34 -43.52 37.32 -14.51
CA PRO A 34 -44.44 38.43 -14.81
C PRO A 34 -44.69 38.58 -16.31
N LYS A 35 -45.94 38.87 -16.66
CA LYS A 35 -46.34 38.89 -18.06
C LYS A 35 -45.55 39.92 -18.86
N ILE A 36 -45.21 41.06 -18.24
CA ILE A 36 -44.48 42.09 -18.96
C ILE A 36 -43.10 41.59 -19.37
N ILE A 37 -42.52 40.66 -18.60
CA ILE A 37 -41.22 40.12 -18.92
C ILE A 37 -41.32 38.99 -19.95
N VAL A 38 -42.37 38.16 -19.84
CA VAL A 38 -42.59 37.12 -20.84
C VAL A 38 -42.77 37.75 -22.22
N ASP A 39 -43.63 38.76 -22.32
CA ASP A 39 -43.84 39.44 -23.60
C ASP A 39 -42.54 40.01 -24.14
N TYR A 40 -41.72 40.59 -23.26
CA TYR A 40 -40.44 41.15 -23.71
C TYR A 40 -39.52 40.07 -24.25
N ILE A 41 -39.44 38.92 -23.59
CA ILE A 41 -38.53 37.87 -24.01
C ILE A 41 -38.98 37.25 -25.33
N VAL A 42 -40.29 37.01 -25.48
CA VAL A 42 -40.81 36.46 -26.72
C VAL A 42 -40.60 37.45 -27.87
N LYS A 43 -40.90 38.74 -27.63
CA LYS A 43 -40.68 39.73 -28.66
C LYS A 43 -39.20 39.83 -29.04
N LYS A 44 -38.31 39.70 -28.04
CA LYS A 44 -36.89 39.84 -28.29
C LYS A 44 -36.38 38.81 -29.29
N THR A 45 -36.95 37.61 -29.28
CA THR A 45 -36.46 36.56 -30.17
C THR A 45 -37.19 36.50 -31.51
N LEU A 46 -38.43 36.96 -31.58
CA LEU A 46 -39.26 36.74 -32.76
C LEU A 46 -39.60 37.99 -33.56
N LYS A 47 -39.32 39.19 -33.04
CA LYS A 47 -39.88 40.40 -33.64
C LYS A 47 -39.36 40.62 -35.06
N ASN A 48 -38.17 40.12 -35.38
CA ASN A 48 -37.58 40.31 -36.71
C ASN A 48 -37.47 39.00 -37.48
N HIS A 49 -38.23 37.98 -37.09
CA HIS A 49 -38.19 36.72 -37.82
C HIS A 49 -38.84 36.88 -39.19
N ASP A 50 -38.15 36.41 -40.23
CA ASP A 50 -38.64 36.48 -41.60
C ASP A 50 -39.44 35.20 -41.87
N ILE A 51 -40.75 35.28 -41.62
CA ILE A 51 -41.59 34.09 -41.73
C ILE A 51 -41.74 33.63 -43.18
N ILE A 52 -41.56 34.52 -44.16
CA ILE A 52 -41.59 34.10 -45.56
C ILE A 52 -40.38 33.23 -45.88
N LYS A 53 -39.19 33.66 -45.46
CA LYS A 53 -37.98 32.90 -45.73
C LYS A 53 -37.98 31.57 -44.98
N ASN A 54 -38.41 31.57 -43.71
CA ASN A 54 -38.48 30.36 -42.91
C ASN A 54 -39.84 30.29 -42.21
N PRO A 55 -40.81 29.61 -42.81
CA PRO A 55 -42.09 29.37 -42.15
C PRO A 55 -42.12 28.16 -41.22
N TYR A 56 -40.96 27.58 -40.87
CA TYR A 56 -40.89 26.46 -39.93
C TYR A 56 -39.91 26.78 -38.80
N PRO A 57 -40.14 27.84 -38.02
CA PRO A 57 -39.24 28.12 -36.91
C PRO A 57 -39.53 27.19 -35.74
N ARG A 58 -38.45 26.69 -35.12
CA ARG A 58 -38.55 25.83 -33.95
C ARG A 58 -38.30 26.67 -32.70
N ILE A 59 -39.34 26.85 -31.89
CA ILE A 59 -39.26 27.65 -30.67
C ILE A 59 -39.43 26.71 -29.48
N LEU A 60 -38.49 26.79 -28.54
CA LEU A 60 -38.39 25.83 -27.45
C LEU A 60 -38.33 26.54 -26.11
N ASP A 61 -38.97 25.93 -25.11
CA ASP A 61 -38.80 26.28 -23.71
C ASP A 61 -38.58 24.97 -22.96
N ILE A 62 -37.37 24.79 -22.39
CA ILE A 62 -37.03 23.52 -21.76
C ILE A 62 -37.43 23.44 -20.29
N SER A 63 -38.02 24.49 -19.75
CA SER A 63 -38.65 24.46 -18.43
C SER A 63 -40.00 25.16 -18.51
N CYS A 64 -40.81 24.76 -19.49
CA CYS A 64 -41.99 25.52 -19.90
C CYS A 64 -43.02 25.63 -18.80
N GLY A 65 -43.06 24.66 -17.87
CA GLY A 65 -44.08 24.70 -16.84
C GLY A 65 -45.47 24.63 -17.44
N CYS A 66 -46.34 25.55 -17.01
CA CYS A 66 -47.70 25.59 -17.53
C CYS A 66 -47.80 26.33 -18.86
N GLY A 67 -46.70 26.89 -19.36
CA GLY A 67 -46.68 27.54 -20.64
C GLY A 67 -46.81 29.04 -20.63
N ASN A 68 -46.28 29.72 -19.61
CA ASN A 68 -46.28 31.17 -19.61
C ASN A 68 -45.65 31.72 -20.89
N PHE A 69 -44.57 31.09 -21.33
CA PHE A 69 -43.88 31.55 -22.54
C PHE A 69 -44.47 30.94 -23.80
N LEU A 70 -44.74 29.63 -23.79
CA LEU A 70 -45.16 28.96 -25.02
C LEU A 70 -46.53 29.44 -25.49
N LEU A 71 -47.45 29.73 -24.56
CA LEU A 71 -48.75 30.24 -24.95
C LEU A 71 -48.63 31.61 -25.60
N GLU A 72 -47.71 32.45 -25.10
CA GLU A 72 -47.49 33.74 -25.75
C GLU A 72 -46.79 33.57 -27.10
N VAL A 73 -45.90 32.58 -27.19
CA VAL A 73 -45.28 32.28 -28.49
C VAL A 73 -46.33 31.90 -29.51
N TYR A 74 -47.35 31.15 -29.09
CA TYR A 74 -48.42 30.78 -30.01
C TYR A 74 -49.11 32.01 -30.57
N ASP A 75 -49.47 32.97 -29.70
CA ASP A 75 -50.15 34.17 -30.16
C ASP A 75 -49.30 34.97 -31.13
N ILE A 76 -48.00 35.14 -30.82
CA ILE A 76 -47.12 35.88 -31.71
C ILE A 76 -46.99 35.16 -33.05
N LEU A 77 -46.82 33.84 -33.02
CA LEU A 77 -46.73 33.08 -34.26
C LEU A 77 -48.00 33.20 -35.09
N TYR A 78 -49.17 33.09 -34.44
CA TYR A 78 -50.43 33.09 -35.17
C TYR A 78 -50.61 34.38 -35.96
N ASP A 79 -50.35 35.52 -35.32
CA ASP A 79 -50.43 36.79 -36.03
C ASP A 79 -49.40 36.85 -37.16
N LEU A 80 -48.22 36.29 -36.92
CA LEU A 80 -47.16 36.32 -37.94
C LEU A 80 -47.56 35.54 -39.19
N PHE A 81 -48.15 34.35 -39.01
CA PHE A 81 -48.61 33.58 -40.16
C PHE A 81 -49.82 34.23 -40.81
N GLU A 82 -50.79 34.66 -39.99
CA GLU A 82 -52.02 35.23 -40.54
C GLU A 82 -51.74 36.51 -41.32
N GLU A 83 -50.79 37.32 -40.85
CA GLU A 83 -50.46 38.56 -41.52
C GLU A 83 -49.82 38.33 -42.89
N ASN A 84 -49.25 37.15 -43.13
CA ASN A 84 -48.53 36.87 -44.37
C ASN A 84 -49.08 35.64 -45.09
N ILE A 85 -50.35 35.28 -44.83
CA ILE A 85 -50.85 33.98 -45.29
C ILE A 85 -50.89 33.92 -46.82
N TYR A 86 -51.33 35.00 -47.47
CA TYR A 86 -51.43 34.98 -48.93
C TYR A 86 -50.05 34.96 -49.58
N GLU A 87 -49.07 35.64 -48.99
CA GLU A 87 -47.71 35.57 -49.51
C GLU A 87 -47.15 34.15 -49.40
N LEU A 88 -47.39 33.49 -48.26
CA LEU A 88 -46.99 32.10 -48.13
C LEU A 88 -47.74 31.21 -49.11
N LYS A 89 -49.04 31.46 -49.27
CA LYS A 89 -49.84 30.67 -50.21
C LYS A 89 -49.27 30.75 -51.61
N LYS A 90 -48.82 31.94 -52.03
CA LYS A 90 -48.27 32.11 -53.37
C LYS A 90 -46.89 31.46 -53.50
N LYS A 91 -46.03 31.62 -52.49
CA LYS A 91 -44.65 31.14 -52.60
C LYS A 91 -44.55 29.62 -52.44
N TYR A 92 -45.43 29.01 -51.66
CA TYR A 92 -45.33 27.59 -51.32
C TYR A 92 -46.61 26.88 -51.71
N ASP A 93 -46.81 25.66 -51.19
CA ASP A 93 -48.03 24.90 -51.44
C ASP A 93 -49.26 25.74 -51.10
N GLU A 94 -50.02 26.13 -52.12
CA GLU A 94 -51.16 27.02 -51.91
C GLU A 94 -52.32 26.32 -51.20
N ASN A 95 -52.36 24.99 -51.21
CA ASN A 95 -53.40 24.29 -50.46
C ASN A 95 -53.03 24.14 -48.99
N TYR A 96 -51.73 24.10 -48.67
CA TYR A 96 -51.29 23.97 -47.29
C TYR A 96 -51.47 25.27 -46.51
N TRP A 97 -51.11 26.41 -47.11
CA TRP A 97 -51.07 27.67 -46.39
C TRP A 97 -52.41 28.38 -46.47
N THR A 98 -53.29 28.03 -45.53
CA THR A 98 -54.56 28.70 -45.35
C THR A 98 -54.69 29.12 -43.90
N VAL A 99 -55.54 30.10 -43.64
CA VAL A 99 -55.74 30.58 -42.27
C VAL A 99 -56.24 29.44 -41.38
N ASP A 100 -57.12 28.60 -41.91
CA ASP A 100 -57.67 27.51 -41.12
C ASP A 100 -56.62 26.45 -40.76
N ASN A 101 -55.48 26.44 -41.45
CA ASN A 101 -54.43 25.47 -41.18
C ASN A 101 -53.33 26.01 -40.28
N ILE A 102 -53.42 27.28 -39.86
CA ILE A 102 -52.33 27.88 -39.08
C ILE A 102 -52.17 27.18 -37.74
N HIS A 103 -53.29 26.91 -37.05
CA HIS A 103 -53.23 26.30 -35.74
C HIS A 103 -52.54 24.95 -35.77
N ARG A 104 -52.92 24.11 -36.74
CA ARG A 104 -52.29 22.80 -36.87
C ARG A 104 -50.80 22.92 -37.18
N HIS A 105 -50.43 23.86 -38.05
CA HIS A 105 -49.03 24.00 -38.45
C HIS A 105 -48.16 24.44 -37.28
N ILE A 106 -48.67 25.36 -36.45
CA ILE A 106 -47.90 25.85 -35.31
C ILE A 106 -47.56 24.70 -34.36
N LEU A 107 -48.56 23.86 -34.07
CA LEU A 107 -48.36 22.80 -33.09
C LEU A 107 -47.52 21.66 -33.64
N ASN A 108 -47.63 21.37 -34.93
CA ASN A 108 -46.86 20.27 -35.51
C ASN A 108 -45.38 20.60 -35.60
N TYR A 109 -45.05 21.83 -36.00
CA TYR A 109 -43.70 22.13 -36.43
C TYR A 109 -43.00 23.26 -35.66
N CYS A 110 -43.72 24.05 -34.88
CA CYS A 110 -43.13 25.29 -34.37
C CYS A 110 -42.93 25.34 -32.86
N ILE A 111 -43.84 24.81 -32.06
CA ILE A 111 -43.80 24.98 -30.61
C ILE A 111 -43.30 23.70 -29.95
N TYR A 112 -42.25 23.82 -29.14
CA TYR A 112 -41.67 22.70 -28.40
C TYR A 112 -41.50 23.09 -26.94
N GLY A 113 -41.78 22.16 -26.06
CA GLY A 113 -41.67 22.42 -24.62
C GLY A 113 -41.25 21.19 -23.87
N ALA A 114 -40.58 21.40 -22.75
CA ALA A 114 -40.14 20.33 -21.87
C ALA A 114 -40.27 20.77 -20.42
N ASP A 115 -40.72 19.86 -19.57
CA ASP A 115 -40.75 20.13 -18.14
C ASP A 115 -40.82 18.81 -17.39
N ILE A 116 -40.25 18.81 -16.18
CA ILE A 116 -40.24 17.60 -15.38
C ILE A 116 -41.61 17.33 -14.74
N ASP A 117 -42.45 18.36 -14.59
CA ASP A 117 -43.73 18.24 -13.90
C ASP A 117 -44.79 17.77 -14.89
N GLU A 118 -45.32 16.57 -14.67
CA GLU A 118 -46.29 15.99 -15.59
C GLU A 118 -47.58 16.79 -15.62
N LYS A 119 -48.06 17.23 -14.46
CA LYS A 119 -49.35 17.92 -14.41
C LYS A 119 -49.29 19.23 -15.18
N ALA A 120 -48.17 19.96 -15.09
CA ALA A 120 -48.02 21.20 -15.84
C ALA A 120 -48.05 20.94 -17.35
N ILE A 121 -47.40 19.86 -17.79
CA ILE A 121 -47.43 19.53 -19.21
C ILE A 121 -48.85 19.23 -19.67
N SER A 122 -49.60 18.46 -18.87
CA SER A 122 -50.98 18.14 -19.22
C SER A 122 -51.83 19.40 -19.33
N ILE A 123 -51.63 20.35 -18.41
CA ILE A 123 -52.38 21.61 -18.46
C ILE A 123 -51.98 22.40 -19.70
N LEU A 124 -50.69 22.48 -20.00
CA LEU A 124 -50.24 23.23 -21.17
C LEU A 124 -50.75 22.59 -22.45
N LYS A 125 -50.75 21.25 -22.51
CA LYS A 125 -51.27 20.56 -23.68
C LYS A 125 -52.74 20.90 -23.91
N ASP A 126 -53.53 20.95 -22.84
CA ASP A 126 -54.92 21.38 -22.96
C ASP A 126 -55.02 22.83 -23.40
N SER A 127 -54.16 23.70 -22.85
CA SER A 127 -54.21 25.11 -23.21
C SER A 127 -53.89 25.31 -24.69
N LEU A 128 -52.88 24.59 -25.20
CA LEU A 128 -52.56 24.70 -26.62
C LEU A 128 -53.68 24.14 -27.48
N THR A 129 -54.30 23.04 -27.06
CA THR A 129 -55.41 22.46 -27.81
C THR A 129 -56.60 23.42 -27.86
N ASN A 130 -56.89 24.09 -26.75
CA ASN A 130 -58.03 24.99 -26.67
C ASN A 130 -57.80 26.33 -27.37
N LYS A 131 -56.69 26.49 -28.09
CA LYS A 131 -56.48 27.72 -28.84
C LYS A 131 -57.34 27.76 -30.11
N LYS A 132 -57.85 26.62 -30.55
CA LYS A 132 -58.70 26.57 -31.75
C LYS A 132 -60.16 26.79 -31.38
N ASP A 138 -63.30 15.45 -32.73
CA ASP A 138 -61.94 15.68 -33.20
C ASP A 138 -61.87 15.67 -34.72
N GLU A 139 -60.86 16.36 -35.27
CA GLU A 139 -60.66 16.37 -36.71
C GLU A 139 -59.56 15.40 -37.13
N SER A 140 -58.35 15.54 -36.60
CA SER A 140 -57.26 14.64 -36.97
C SER A 140 -56.29 14.38 -35.82
N ASP A 141 -56.58 14.84 -34.60
CA ASP A 141 -55.78 14.55 -33.41
C ASP A 141 -54.34 15.04 -33.58
N ILE A 142 -54.22 16.38 -33.63
CA ILE A 142 -52.93 17.03 -33.82
C ILE A 142 -51.94 16.61 -32.74
N LYS A 143 -50.69 16.40 -33.14
CA LYS A 143 -49.62 16.04 -32.22
C LYS A 143 -48.90 17.28 -31.71
N ILE A 144 -48.63 17.32 -30.41
CA ILE A 144 -48.05 18.47 -29.75
C ILE A 144 -46.68 18.07 -29.20
N ASN A 145 -45.66 18.87 -29.50
CA ASN A 145 -44.28 18.54 -29.17
C ASN A 145 -43.96 18.98 -27.74
N LEU A 146 -44.61 18.30 -26.79
CA LEU A 146 -44.40 18.54 -25.37
C LEU A 146 -43.86 17.27 -24.73
N PHE A 147 -42.74 17.39 -24.02
CA PHE A 147 -42.07 16.26 -23.41
C PHE A 147 -42.03 16.45 -21.90
N CYS A 148 -42.44 15.41 -21.17
CA CYS A 148 -42.31 15.38 -19.72
C CYS A 148 -41.05 14.58 -19.41
N CYS A 149 -39.98 15.29 -19.07
CA CYS A 149 -38.66 14.67 -18.93
C CYS A 149 -37.75 15.64 -18.17
N ASP A 150 -36.52 15.20 -17.93
CA ASP A 150 -35.46 16.06 -17.42
C ASP A 150 -34.71 16.61 -18.63
N SER A 151 -34.83 17.92 -18.86
CA SER A 151 -34.23 18.54 -20.03
C SER A 151 -32.71 18.38 -20.05
N LEU A 152 -32.08 18.18 -18.89
CA LEU A 152 -30.63 18.03 -18.83
C LEU A 152 -30.18 16.62 -19.21
N LYS A 153 -31.09 15.66 -19.29
CA LYS A 153 -30.75 14.30 -19.70
C LYS A 153 -31.33 13.92 -21.05
N LYS A 154 -32.35 14.63 -21.53
CA LYS A 154 -33.00 14.26 -22.78
C LYS A 154 -32.01 14.30 -23.94
N LYS A 155 -32.06 13.27 -24.78
CA LYS A 155 -31.32 13.27 -26.04
C LYS A 155 -32.10 14.09 -27.05
N TRP A 156 -31.63 15.31 -27.34
CA TRP A 156 -32.33 16.21 -28.24
C TRP A 156 -31.98 15.85 -29.68
N ARG A 157 -32.99 15.51 -30.48
CA ARG A 157 -32.78 14.98 -31.81
C ARG A 157 -32.46 16.06 -32.84
N TYR A 158 -32.62 17.34 -32.50
CA TYR A 158 -32.32 18.42 -33.42
C TYR A 158 -32.16 19.72 -32.63
N LYS A 159 -31.58 20.71 -33.28
CA LYS A 159 -31.36 22.02 -32.67
C LYS A 159 -32.55 22.93 -32.95
N PHE A 160 -32.52 24.14 -32.38
CA PHE A 160 -33.69 25.01 -32.38
C PHE A 160 -33.33 26.43 -32.81
N ASP A 161 -34.28 27.06 -33.51
CA ASP A 161 -34.09 28.45 -33.95
C ASP A 161 -34.15 29.41 -32.77
N TYR A 162 -35.13 29.24 -31.90
CA TYR A 162 -35.36 30.18 -30.81
C TYR A 162 -35.63 29.42 -29.51
N ILE A 163 -34.96 29.83 -28.44
CA ILE A 163 -35.13 29.22 -27.12
C ILE A 163 -35.39 30.32 -26.11
N VAL A 164 -36.47 30.17 -25.33
CA VAL A 164 -36.87 31.16 -24.34
C VAL A 164 -37.32 30.45 -23.07
N GLY A 165 -37.33 31.17 -21.96
CA GLY A 165 -37.99 30.67 -20.77
C GLY A 165 -37.28 31.06 -19.50
N ASN A 166 -37.72 30.44 -18.41
CA ASN A 166 -37.24 30.71 -17.05
C ASN A 166 -36.79 29.39 -16.42
N PRO A 167 -35.50 29.11 -16.39
CA PRO A 167 -35.02 27.80 -15.90
C PRO A 167 -35.15 27.70 -14.40
N PRO A 168 -35.06 26.49 -13.85
CA PRO A 168 -35.03 26.35 -12.39
C PRO A 168 -33.72 26.84 -11.80
N TYR A 169 -33.82 27.50 -10.64
CA TYR A 169 -32.64 27.90 -9.87
C TYR A 169 -32.59 27.03 -8.62
N ILE A 170 -31.55 26.20 -8.51
CA ILE A 170 -31.35 25.37 -7.33
C ILE A 170 -29.87 25.43 -6.95
N GLY A 171 -29.58 25.90 -5.74
CA GLY A 171 -28.21 26.04 -5.27
C GLY A 171 -27.65 24.75 -4.72
N HIS A 172 -26.42 24.86 -4.18
CA HIS A 172 -25.66 23.67 -3.79
C HIS A 172 -26.21 23.00 -2.53
N LYS A 173 -26.96 23.71 -1.70
CA LYS A 173 -27.54 23.09 -0.52
C LYS A 173 -28.82 22.33 -0.84
N LYS A 174 -29.65 22.88 -1.74
CA LYS A 174 -30.97 22.34 -2.01
C LYS A 174 -31.00 21.34 -3.16
N LEU A 175 -29.85 21.00 -3.72
CA LEU A 175 -29.76 20.03 -4.81
C LEU A 175 -29.34 18.67 -4.26
N GLU A 176 -29.97 17.62 -4.77
CA GLU A 176 -29.66 16.27 -4.31
C GLU A 176 -28.23 15.89 -4.68
N LYS A 177 -27.55 15.22 -3.74
CA LYS A 177 -26.16 14.82 -3.96
C LYS A 177 -26.04 13.81 -5.10
N LYS A 178 -27.02 12.91 -5.23
CA LYS A 178 -27.00 11.99 -6.35
C LYS A 178 -27.07 12.72 -7.68
N TYR A 179 -27.96 13.72 -7.77
CA TYR A 179 -28.07 14.50 -9.00
C TYR A 179 -26.81 15.31 -9.25
N LYS A 180 -26.21 15.87 -8.20
CA LYS A 180 -25.01 16.68 -8.36
C LYS A 180 -23.86 15.87 -8.93
N LYS A 181 -23.79 14.57 -8.61
CA LYS A 181 -22.77 13.72 -9.20
C LYS A 181 -22.93 13.67 -10.72
N PHE A 182 -24.18 13.57 -11.19
CA PHE A 182 -24.44 13.61 -12.62
C PHE A 182 -24.00 14.95 -13.22
N LEU A 183 -24.34 16.06 -12.55
CA LEU A 183 -24.00 17.38 -13.07
C LEU A 183 -22.49 17.58 -13.11
N LEU A 184 -21.80 17.17 -12.04
CA LEU A 184 -20.34 17.32 -12.00
C LEU A 184 -19.67 16.49 -13.09
N GLU A 185 -20.29 15.38 -13.48
CA GLU A 185 -19.69 14.51 -14.50
C GLU A 185 -19.99 14.99 -15.91
N LYS A 186 -21.23 15.40 -16.18
CA LYS A 186 -21.65 15.71 -17.54
C LYS A 186 -21.68 17.19 -17.87
N TYR A 187 -21.70 18.07 -16.87
CA TYR A 187 -21.75 19.50 -17.08
C TYR A 187 -20.55 20.21 -16.47
N SER A 188 -19.40 19.53 -16.46
CA SER A 188 -18.22 20.04 -15.77
C SER A 188 -17.69 21.33 -16.36
N GLU A 189 -18.02 21.64 -17.62
CA GLU A 189 -17.54 22.89 -18.21
C GLU A 189 -18.17 24.11 -17.55
N VAL A 190 -19.34 23.97 -16.92
CA VAL A 190 -19.97 25.09 -16.23
C VAL A 190 -20.29 24.78 -14.78
N TYR A 191 -20.37 23.52 -14.36
CA TYR A 191 -20.85 23.17 -13.03
C TYR A 191 -19.71 22.53 -12.24
N LYS A 192 -19.17 23.28 -11.28
CA LYS A 192 -18.26 22.77 -10.26
C LYS A 192 -18.57 23.46 -8.95
N ASP A 193 -18.14 22.81 -7.86
CA ASP A 193 -18.08 23.43 -6.53
C ASP A 193 -19.46 23.97 -6.14
N LYS A 194 -19.63 25.27 -5.92
CA LYS A 194 -20.88 25.84 -5.44
C LYS A 194 -21.73 26.42 -6.58
N ALA A 195 -21.63 25.84 -7.77
CA ALA A 195 -22.41 26.32 -8.90
C ALA A 195 -23.89 26.02 -8.69
N ASP A 196 -24.71 26.57 -9.58
CA ASP A 196 -26.16 26.43 -9.50
C ASP A 196 -26.68 25.63 -10.68
N LEU A 197 -27.86 25.02 -10.48
CA LEU A 197 -28.48 24.21 -11.52
C LEU A 197 -28.71 25.01 -12.79
N TYR A 198 -29.06 26.30 -12.68
CA TYR A 198 -29.36 27.06 -13.88
C TYR A 198 -28.12 27.31 -14.73
N PHE A 199 -26.92 27.12 -14.20
CA PHE A 199 -25.72 27.15 -15.04
C PHE A 199 -25.81 26.10 -16.13
N CYS A 200 -26.32 24.91 -15.77
CA CYS A 200 -26.38 23.81 -16.72
C CYS A 200 -27.42 24.07 -17.80
N PHE A 201 -28.53 24.70 -17.43
CA PHE A 201 -29.53 25.06 -18.42
C PHE A 201 -28.98 26.07 -19.43
N TYR A 202 -28.13 26.99 -18.97
CA TYR A 202 -27.43 27.87 -19.89
C TYR A 202 -26.61 27.05 -20.89
N LYS A 203 -25.87 26.05 -20.40
CA LYS A 203 -25.08 25.22 -21.29
C LYS A 203 -25.97 24.43 -22.25
N LYS A 204 -27.05 23.84 -21.73
CA LYS A 204 -27.92 23.04 -22.58
C LYS A 204 -28.57 23.91 -23.66
N ILE A 205 -29.05 25.09 -23.29
CA ILE A 205 -29.69 25.98 -24.25
C ILE A 205 -28.73 26.37 -25.36
N ILE A 206 -27.51 26.75 -24.98
CA ILE A 206 -26.51 27.14 -25.97
C ILE A 206 -26.20 25.98 -26.90
N ASP A 207 -26.10 24.77 -26.35
CA ASP A 207 -25.68 23.63 -27.15
C ASP A 207 -26.71 23.26 -28.21
N ILE A 208 -28.00 23.35 -27.89
CA ILE A 208 -29.05 22.93 -28.81
C ILE A 208 -29.66 24.11 -29.57
N LEU A 209 -28.95 25.24 -29.63
CA LEU A 209 -29.40 26.38 -30.40
C LEU A 209 -28.78 26.31 -31.79
N LYS A 210 -29.61 26.42 -32.83
CA LYS A 210 -29.13 26.35 -34.20
C LYS A 210 -28.17 27.51 -34.48
N GLN A 211 -27.30 27.30 -35.47
CA GLN A 211 -26.50 28.40 -35.97
C GLN A 211 -27.43 29.50 -36.47
N GLY A 212 -27.15 30.74 -36.07
CA GLY A 212 -28.02 31.84 -36.36
C GLY A 212 -29.24 31.95 -35.47
N GLY A 213 -29.39 31.07 -34.48
CA GLY A 213 -30.52 31.13 -33.59
C GLY A 213 -30.38 32.20 -32.52
N ILE A 214 -31.46 32.41 -31.76
CA ILE A 214 -31.52 33.43 -30.73
C ILE A 214 -32.10 32.84 -29.47
N GLY A 215 -31.45 33.07 -28.33
CA GLY A 215 -31.94 32.63 -27.05
C GLY A 215 -32.14 33.81 -26.13
N SER A 216 -33.17 33.71 -25.26
CA SER A 216 -33.48 34.77 -24.32
C SER A 216 -34.12 34.17 -23.09
N VAL A 217 -33.46 34.32 -21.93
CA VAL A 217 -33.92 33.72 -20.68
C VAL A 217 -33.82 34.75 -19.56
N ILE A 218 -34.61 34.53 -18.53
CA ILE A 218 -34.48 35.25 -17.26
C ILE A 218 -33.96 34.28 -16.23
N THR A 219 -32.83 34.62 -15.61
CA THR A 219 -32.16 33.78 -14.61
C THR A 219 -31.75 34.67 -13.45
N PRO A 220 -31.18 34.12 -12.36
CA PRO A 220 -30.55 34.98 -11.36
C PRO A 220 -29.40 35.77 -11.98
N ARG A 221 -29.16 36.94 -11.41
CA ARG A 221 -28.09 37.80 -11.89
C ARG A 221 -26.72 37.42 -11.33
N TYR A 222 -26.67 36.52 -10.35
CA TYR A 222 -25.45 36.34 -9.56
C TYR A 222 -24.28 35.82 -10.38
N PHE A 223 -24.54 35.02 -11.42
CA PHE A 223 -23.45 34.47 -12.21
C PHE A 223 -22.63 35.56 -12.89
N LEU A 224 -23.19 36.77 -13.05
CA LEU A 224 -22.47 37.84 -13.72
C LEU A 224 -21.19 38.23 -12.97
N GLU A 225 -21.21 38.13 -11.64
CA GLU A 225 -20.05 38.50 -10.83
C GLU A 225 -19.51 37.38 -9.96
N SER A 226 -20.30 36.34 -9.68
CA SER A 226 -19.93 35.37 -8.66
C SER A 226 -18.73 34.53 -9.10
N LEU A 227 -17.98 34.06 -8.10
CA LEU A 227 -16.85 33.19 -8.35
C LEU A 227 -17.29 31.88 -9.01
N SER A 228 -18.43 31.34 -8.59
CA SER A 228 -18.90 30.08 -9.15
C SER A 228 -19.21 30.19 -10.63
N GLY A 229 -19.64 31.37 -11.08
CA GLY A 229 -20.00 31.57 -12.47
C GLY A 229 -18.85 31.86 -13.40
N LYS A 230 -17.61 31.72 -12.94
CA LYS A 230 -16.46 32.02 -13.80
C LYS A 230 -16.47 31.15 -15.06
N ASP A 231 -16.64 29.84 -14.89
CA ASP A 231 -16.65 28.94 -16.05
C ASP A 231 -17.87 29.19 -16.93
N LEU A 232 -19.03 29.42 -16.33
CA LEU A 232 -20.22 29.70 -17.10
C LEU A 232 -20.06 30.97 -17.95
N ARG A 233 -19.45 32.01 -17.36
CA ARG A 233 -19.17 33.23 -18.12
C ARG A 233 -18.26 32.94 -19.30
N GLU A 234 -17.24 32.09 -19.09
CA GLU A 234 -16.33 31.74 -20.17
C GLU A 234 -17.06 30.98 -21.27
N TYR A 235 -17.97 30.07 -20.89
CA TYR A 235 -18.70 29.29 -21.88
C TYR A 235 -19.62 30.17 -22.72
N ILE A 236 -20.33 31.11 -22.08
CA ILE A 236 -21.21 32.01 -22.82
C ILE A 236 -20.40 32.89 -23.77
N LYS A 237 -19.32 33.49 -23.25
CA LYS A 237 -18.56 34.46 -24.02
C LYS A 237 -17.98 33.85 -25.29
N SER A 238 -17.51 32.60 -25.22
CA SER A 238 -16.79 31.99 -26.31
C SER A 238 -17.67 31.14 -27.24
N ASN A 239 -18.97 31.01 -26.95
CA ASN A 239 -19.84 30.20 -27.78
C ASN A 239 -21.00 30.96 -28.40
N VAL A 240 -21.39 32.11 -27.86
CA VAL A 240 -22.49 32.90 -28.39
C VAL A 240 -22.08 34.37 -28.39
N ASN A 241 -22.80 35.16 -29.19
CA ASN A 241 -22.74 36.61 -29.09
C ASN A 241 -23.86 37.06 -28.17
N VAL A 242 -23.51 37.79 -27.12
CA VAL A 242 -24.49 38.30 -26.16
C VAL A 242 -25.01 39.63 -26.69
N GLN A 243 -26.30 39.69 -27.01
CA GLN A 243 -26.87 40.91 -27.55
C GLN A 243 -27.18 41.92 -26.46
N GLU A 244 -27.79 41.46 -25.37
CA GLU A 244 -28.37 42.37 -24.41
C GLU A 244 -28.39 41.74 -23.02
N ILE A 245 -28.15 42.57 -22.01
CA ILE A 245 -28.26 42.18 -20.61
C ILE A 245 -29.14 43.22 -19.91
N VAL A 246 -30.27 42.77 -19.38
CA VAL A 246 -31.12 43.60 -18.54
C VAL A 246 -30.83 43.21 -17.10
N ASP A 247 -30.23 44.11 -16.33
CA ASP A 247 -29.81 43.83 -14.96
C ASP A 247 -30.72 44.61 -14.01
N PHE A 248 -31.60 43.88 -13.33
CA PHE A 248 -32.54 44.49 -12.38
C PHE A 248 -31.94 44.73 -11.02
N LEU A 249 -30.69 44.33 -10.78
CA LEU A 249 -29.99 44.50 -9.50
C LEU A 249 -30.89 43.92 -8.39
N GLY A 250 -31.10 44.62 -7.29
CA GLY A 250 -31.87 44.10 -6.18
C GLY A 250 -33.36 44.26 -6.28
N ALA A 251 -33.88 44.66 -7.44
CA ALA A 251 -35.31 44.83 -7.59
C ALA A 251 -36.04 43.50 -7.44
N ASN A 252 -37.27 43.57 -6.93
CA ASN A 252 -38.07 42.38 -6.69
C ASN A 252 -38.93 42.14 -7.93
N ILE A 253 -38.53 41.17 -8.75
CA ILE A 253 -39.24 40.84 -9.97
C ILE A 253 -40.27 39.74 -9.72
N PHE A 254 -39.91 38.74 -8.92
CA PHE A 254 -40.81 37.66 -8.56
C PHE A 254 -41.35 37.95 -7.17
N LYS A 255 -42.66 38.22 -7.08
CA LYS A 255 -43.27 38.60 -5.82
C LYS A 255 -43.11 37.50 -4.78
N ASN A 256 -42.70 37.90 -3.57
CA ASN A 256 -42.50 36.99 -2.45
C ASN A 256 -41.42 35.94 -2.73
N ILE A 257 -40.43 36.29 -3.54
CA ILE A 257 -39.29 35.42 -3.82
C ILE A 257 -38.02 36.21 -3.54
N GLY A 258 -37.11 35.61 -2.76
CA GLY A 258 -35.85 36.26 -2.46
C GLY A 258 -34.78 35.98 -3.49
N VAL A 259 -34.91 36.58 -4.67
CA VAL A 259 -33.94 36.39 -5.75
C VAL A 259 -33.84 37.68 -6.55
N SER A 260 -32.67 37.90 -7.13
CA SER A 260 -32.41 39.06 -7.97
C SER A 260 -32.16 38.59 -9.40
N SER A 261 -32.78 39.26 -10.36
CA SER A 261 -32.97 38.74 -11.70
C SER A 261 -32.19 39.54 -12.74
N CYS A 262 -31.90 38.86 -13.85
CA CYS A 262 -31.42 39.51 -15.06
C CYS A 262 -32.00 38.79 -16.27
N ILE A 263 -32.04 39.48 -17.41
CA ILE A 263 -32.50 38.91 -18.67
C ILE A 263 -31.32 38.94 -19.64
N LEU A 264 -30.99 37.77 -20.19
CA LEU A 264 -29.87 37.61 -21.11
C LEU A 264 -30.39 37.22 -22.47
N THR A 265 -29.96 37.93 -23.51
CA THR A 265 -30.32 37.62 -24.89
C THR A 265 -29.04 37.41 -25.70
N PHE A 266 -29.00 36.30 -26.44
CA PHE A 266 -27.79 35.92 -27.15
C PHE A 266 -28.16 35.24 -28.46
N ASP A 267 -27.20 35.15 -29.37
CA ASP A 267 -27.43 34.54 -30.67
C ASP A 267 -26.18 33.81 -31.13
N LYS A 268 -26.36 32.97 -32.14
CA LYS A 268 -25.29 32.28 -32.84
C LYS A 268 -25.17 32.79 -34.28
N LYS A 269 -25.31 34.10 -34.45
CA LYS A 269 -25.20 34.73 -35.76
C LYS A 269 -23.74 35.07 -36.06
N LYS A 270 -23.38 34.94 -37.33
CA LYS A 270 -22.04 35.33 -37.79
C LYS A 270 -22.01 36.84 -37.90
N THR A 271 -21.46 37.51 -36.89
CA THR A 271 -21.41 38.96 -36.86
C THR A 271 -19.99 39.41 -36.52
N LYS A 272 -19.52 40.44 -37.23
CA LYS A 272 -18.25 41.06 -36.89
C LYS A 272 -18.38 41.95 -35.67
N GLU A 273 -19.54 42.58 -35.47
CA GLU A 273 -19.75 43.42 -34.30
C GLU A 273 -19.94 42.55 -33.06
N THR A 274 -19.27 42.93 -31.98
CA THR A 274 -19.24 42.15 -30.75
C THR A 274 -19.54 43.03 -29.55
N TYR A 275 -20.58 43.87 -29.65
CA TYR A 275 -20.94 44.78 -28.59
C TYR A 275 -22.27 44.38 -27.96
N ILE A 276 -22.34 44.51 -26.64
CA ILE A 276 -23.50 44.12 -25.85
C ILE A 276 -24.25 45.38 -25.43
N ASP A 277 -25.57 45.35 -25.53
CA ASP A 277 -26.39 46.36 -24.89
C ASP A 277 -26.59 45.97 -23.42
N VAL A 278 -26.28 46.90 -22.51
CA VAL A 278 -26.49 46.66 -21.09
C VAL A 278 -27.50 47.67 -20.59
N PHE A 279 -28.60 47.17 -20.04
CA PHE A 279 -29.60 47.99 -19.36
C PHE A 279 -29.54 47.68 -17.87
N LYS A 280 -29.15 48.67 -17.09
CA LYS A 280 -28.98 48.52 -15.64
C LYS A 280 -29.96 49.46 -14.94
N ILE A 281 -30.77 48.89 -14.05
CA ILE A 281 -31.78 49.70 -13.36
C ILE A 281 -31.09 50.70 -12.44
N LYS A 282 -31.69 51.88 -12.32
CA LYS A 282 -31.16 52.94 -11.48
C LYS A 282 -31.87 53.05 -10.14
N ASN A 283 -33.13 52.65 -10.07
CA ASN A 283 -33.90 52.69 -8.84
C ASN A 283 -34.49 51.31 -8.60
N GLU A 284 -34.06 50.65 -7.52
CA GLU A 284 -34.52 49.31 -7.22
C GLU A 284 -35.93 49.27 -6.64
N ASP A 285 -36.52 50.42 -6.31
CA ASP A 285 -37.82 50.49 -5.66
C ASP A 285 -38.98 50.54 -6.64
N ILE A 286 -38.71 50.60 -7.94
CA ILE A 286 -39.79 50.78 -8.91
C ILE A 286 -40.64 49.52 -8.99
N CYS A 287 -41.89 49.70 -9.39
CA CYS A 287 -42.77 48.58 -9.71
C CYS A 287 -42.64 48.24 -11.19
N ILE A 288 -42.56 46.94 -11.49
CA ILE A 288 -42.29 46.50 -12.84
C ILE A 288 -43.40 46.89 -13.82
N ASN A 289 -44.60 47.14 -13.32
CA ASN A 289 -45.78 47.40 -14.17
C ASN A 289 -45.99 48.89 -14.44
N LYS A 290 -44.93 49.70 -14.39
CA LYS A 290 -45.10 51.14 -14.56
C LYS A 290 -45.66 51.48 -15.93
N PHE A 291 -45.17 50.82 -16.97
CA PHE A 291 -45.67 50.99 -18.32
C PHE A 291 -46.29 49.70 -18.81
N GLU A 292 -46.94 49.77 -19.98
CA GLU A 292 -47.54 48.58 -20.55
C GLU A 292 -46.48 47.58 -21.03
N THR A 293 -45.30 48.07 -21.41
CA THR A 293 -44.26 47.25 -21.97
C THR A 293 -42.96 47.43 -21.21
N LEU A 294 -42.13 46.39 -21.21
CA LEU A 294 -40.83 46.48 -20.55
C LEU A 294 -39.90 47.45 -21.28
N GLU A 295 -39.95 47.48 -22.62
CA GLU A 295 -39.06 48.36 -23.36
C GLU A 295 -39.34 49.83 -23.10
N GLU A 296 -40.57 50.17 -22.69
CA GLU A 296 -40.82 51.54 -22.23
C GLU A 296 -40.02 51.85 -20.98
N LEU A 297 -39.97 50.90 -20.04
CA LEU A 297 -39.19 51.09 -18.83
C LEU A 297 -37.70 51.19 -19.14
N LEU A 298 -37.21 50.37 -20.07
CA LEU A 298 -35.78 50.38 -20.38
C LEU A 298 -35.34 51.71 -21.01
N LYS A 299 -36.15 52.28 -21.90
CA LYS A 299 -35.80 53.54 -22.53
C LYS A 299 -35.92 54.73 -21.58
N SER A 300 -36.62 54.55 -20.46
CA SER A 300 -36.94 55.66 -19.57
C SER A 300 -35.75 56.01 -18.66
N SER A 301 -35.99 56.99 -17.80
CA SER A 301 -34.98 57.43 -16.84
C SER A 301 -34.78 56.45 -15.70
N LYS A 302 -35.65 55.44 -15.58
CA LYS A 302 -35.48 54.43 -14.54
C LYS A 302 -34.33 53.48 -14.82
N PHE A 303 -33.81 53.46 -16.05
CA PHE A 303 -32.71 52.61 -16.45
C PHE A 303 -31.61 53.46 -17.09
N GLU A 304 -30.38 52.97 -17.00
CA GLU A 304 -29.28 53.51 -17.78
C GLU A 304 -28.87 52.48 -18.83
N HIS A 305 -28.36 52.98 -19.95
CA HIS A 305 -27.90 52.13 -21.03
C HIS A 305 -26.45 52.43 -21.35
N PHE A 306 -25.68 51.39 -21.64
CA PHE A 306 -24.32 51.54 -22.12
C PHE A 306 -23.93 50.26 -22.84
N ASN A 307 -22.82 50.33 -23.57
CA ASN A 307 -22.35 49.21 -24.37
C ASN A 307 -21.05 48.67 -23.82
N ILE A 308 -20.85 47.36 -23.99
CA ILE A 308 -19.64 46.67 -23.56
C ILE A 308 -19.15 45.82 -24.73
N ASN A 309 -17.85 45.89 -25.01
CA ASN A 309 -17.24 45.10 -26.07
C ASN A 309 -16.99 43.69 -25.55
N GLN A 310 -17.72 42.71 -26.10
CA GLN A 310 -17.60 41.33 -25.63
C GLN A 310 -16.17 40.81 -25.75
N ARG A 311 -15.40 41.34 -26.72
CA ARG A 311 -14.02 40.90 -26.87
C ARG A 311 -13.12 41.41 -25.75
N LEU A 312 -13.50 42.49 -25.07
CA LEU A 312 -12.72 43.03 -23.97
C LEU A 312 -13.11 42.44 -22.63
N LEU A 313 -14.00 41.46 -22.60
CA LEU A 313 -14.35 40.80 -21.35
C LEU A 313 -13.24 39.86 -20.92
N SER A 314 -12.78 40.02 -19.69
CA SER A 314 -11.84 39.09 -19.07
C SER A 314 -12.65 37.97 -18.43
N ASP A 315 -12.02 37.18 -17.54
CA ASP A 315 -12.79 36.25 -16.74
C ASP A 315 -13.81 36.97 -15.88
N GLU A 316 -13.59 38.25 -15.60
CA GLU A 316 -14.57 39.10 -14.93
C GLU A 316 -15.30 39.95 -15.96
N TRP A 317 -16.62 40.04 -15.83
CA TRP A 317 -17.45 40.90 -16.67
C TRP A 317 -17.68 42.20 -15.90
N ILE A 318 -16.93 43.23 -16.24
CA ILE A 318 -17.06 44.52 -15.59
C ILE A 318 -18.00 45.36 -16.45
N LEU A 319 -19.28 45.36 -16.07
CA LEU A 319 -20.34 45.99 -16.86
C LEU A 319 -20.71 47.31 -16.22
N VAL A 320 -19.96 48.36 -16.58
CA VAL A 320 -20.19 49.70 -16.05
C VAL A 320 -20.08 50.71 -17.19
N ASN A 321 -20.64 51.89 -16.96
CA ASN A 321 -20.56 52.96 -17.94
C ASN A 321 -19.14 53.52 -18.00
N LYS A 322 -18.91 54.37 -19.00
CA LYS A 322 -17.55 54.86 -19.28
C LYS A 322 -16.99 55.69 -18.14
N ASP A 323 -17.84 56.41 -17.40
CA ASP A 323 -17.35 57.16 -16.25
C ASP A 323 -16.84 56.22 -15.15
N ASP A 324 -17.61 55.19 -14.83
CA ASP A 324 -17.18 54.24 -13.81
C ASP A 324 -15.98 53.43 -14.28
N GLU A 325 -15.92 53.08 -15.56
CA GLU A 325 -14.75 52.38 -16.09
C GLU A 325 -13.50 53.25 -15.96
N THR A 326 -13.61 54.54 -16.31
CA THR A 326 -12.49 55.45 -16.12
C THR A 326 -12.10 55.55 -14.66
N PHE A 327 -13.10 55.66 -13.79
CA PHE A 327 -12.87 55.70 -12.34
C PHE A 327 -12.17 54.43 -11.87
N TYR A 328 -12.72 53.26 -12.24
CA TYR A 328 -12.17 51.99 -11.79
C TYR A 328 -10.74 51.79 -12.30
N ASN A 329 -10.49 52.15 -13.57
CA ASN A 329 -9.16 51.92 -14.14
C ASN A 329 -8.11 52.83 -13.52
N LYS A 330 -8.49 54.06 -13.15
CA LYS A 330 -7.54 54.95 -12.48
C LYS A 330 -7.06 54.33 -11.18
N ILE A 331 -7.99 53.82 -10.37
CA ILE A 331 -7.64 53.24 -9.08
C ILE A 331 -6.79 52.00 -9.25
N GLN A 332 -7.13 51.15 -10.23
CA GLN A 332 -6.37 49.93 -10.45
C GLN A 332 -4.93 50.25 -10.84
N GLU A 333 -4.73 51.22 -11.73
CA GLU A 333 -3.38 51.53 -12.20
C GLU A 333 -2.55 52.22 -11.14
N LYS A 334 -3.18 53.06 -10.30
CA LYS A 334 -2.43 53.82 -9.29
C LYS A 334 -2.00 52.95 -8.12
N CYS A 335 -2.76 51.91 -7.79
CA CYS A 335 -2.54 51.13 -6.59
C CYS A 335 -1.61 49.96 -6.88
N LYS A 336 -0.47 49.91 -6.17
CA LYS A 336 0.53 48.89 -6.40
C LYS A 336 0.33 47.64 -5.55
N TYR A 337 -0.51 47.70 -4.51
CA TYR A 337 -0.76 46.55 -3.65
C TYR A 337 -2.24 46.21 -3.65
N SER A 338 -2.52 44.94 -3.38
CA SER A 338 -3.87 44.48 -3.05
C SER A 338 -3.88 44.02 -1.60
N LEU A 339 -5.08 43.93 -1.03
CA LEU A 339 -5.21 43.43 0.34
C LEU A 339 -4.64 42.02 0.46
N GLU A 340 -4.85 41.20 -0.57
CA GLU A 340 -4.29 39.85 -0.57
C GLU A 340 -2.78 39.87 -0.46
N ASP A 341 -2.12 40.88 -1.06
CA ASP A 341 -0.67 40.97 -0.97
C ASP A 341 -0.20 41.18 0.46
N ILE A 342 -0.97 41.94 1.25
CA ILE A 342 -0.50 42.47 2.52
C ILE A 342 -1.19 41.86 3.72
N ALA A 343 -2.21 41.01 3.52
CA ALA A 343 -3.06 40.61 4.63
C ALA A 343 -3.34 39.12 4.57
N ILE A 344 -3.71 38.56 5.72
CA ILE A 344 -4.15 37.17 5.86
C ILE A 344 -5.64 37.19 6.17
N SER A 345 -6.42 36.58 5.30
CA SER A 345 -7.88 36.55 5.41
C SER A 345 -8.36 35.21 5.93
N PHE A 346 -9.44 35.23 6.71
CA PHE A 346 -10.05 33.98 7.16
C PHE A 346 -11.53 34.18 7.47
N GLN A 347 -12.29 33.13 7.26
CA GLN A 347 -13.71 33.09 7.61
C GLN A 347 -13.85 32.79 9.11
N GLY A 348 -14.98 33.22 9.67
CA GLY A 348 -15.23 33.07 11.08
C GLY A 348 -15.59 31.64 11.47
N ILE A 349 -15.92 31.48 12.75
CA ILE A 349 -16.28 30.17 13.29
C ILE A 349 -17.55 29.67 12.63
N ILE A 350 -17.60 28.38 12.34
CA ILE A 350 -18.83 27.72 11.97
C ILE A 350 -19.06 26.62 13.00
N THR A 351 -19.92 26.91 13.97
CA THR A 351 -20.16 25.92 15.03
C THR A 351 -20.93 24.72 14.51
N GLY A 352 -21.80 24.92 13.52
CA GLY A 352 -22.68 23.89 13.04
C GLY A 352 -24.01 23.82 13.76
N CYS A 353 -24.09 24.37 14.97
CA CYS A 353 -25.36 24.55 15.65
C CYS A 353 -25.17 25.70 16.65
N ASP A 354 -25.56 26.92 16.23
CA ASP A 354 -25.26 28.09 17.04
C ASP A 354 -25.99 28.08 18.37
N LYS A 355 -27.21 27.54 18.41
CA LYS A 355 -27.99 27.54 19.66
C LYS A 355 -27.32 26.69 20.74
N ALA A 356 -26.52 25.70 20.34
CA ALA A 356 -25.86 24.85 21.32
C ALA A 356 -24.65 25.53 21.96
N PHE A 357 -24.01 26.48 21.27
CA PHE A 357 -22.74 27.02 21.72
C PHE A 357 -22.76 28.52 22.03
N ILE A 358 -23.79 29.26 21.62
CA ILE A 358 -23.83 30.70 21.76
C ILE A 358 -24.84 31.05 22.85
N LEU A 359 -24.40 31.79 23.85
CA LEU A 359 -25.26 32.20 24.95
C LEU A 359 -25.14 33.70 25.14
N SER A 360 -26.23 34.30 25.61
CA SER A 360 -26.18 35.69 26.05
C SER A 360 -25.18 35.83 27.19
N LYS A 361 -24.45 36.94 27.21
CA LYS A 361 -23.45 37.12 28.26
C LYS A 361 -24.07 37.18 29.64
N ASP A 362 -25.38 37.45 29.72
CA ASP A 362 -26.10 37.48 30.99
C ASP A 362 -26.80 36.17 31.32
N ASP A 363 -26.63 35.13 30.51
CA ASP A 363 -27.29 33.86 30.77
C ASP A 363 -26.68 33.20 32.00
N VAL A 364 -27.55 32.77 32.91
CA VAL A 364 -27.09 32.19 34.17
C VAL A 364 -26.31 30.90 33.94
N LYS A 365 -26.56 30.22 32.82
CA LYS A 365 -25.87 28.97 32.52
C LYS A 365 -24.38 29.18 32.28
N LEU A 366 -23.94 30.42 32.06
CA LEU A 366 -22.51 30.69 31.91
C LEU A 366 -21.75 30.54 33.22
N ASN A 367 -22.46 30.53 34.35
CA ASN A 367 -21.79 30.25 35.62
C ASN A 367 -21.21 28.85 35.64
N LEU A 368 -21.77 27.94 34.85
CA LEU A 368 -21.28 26.58 34.74
C LEU A 368 -20.01 26.46 33.90
N VAL A 369 -19.66 27.49 33.14
CA VAL A 369 -18.59 27.41 32.15
C VAL A 369 -17.40 28.21 32.66
N ASP A 370 -16.25 27.55 32.75
CA ASP A 370 -15.01 28.22 33.09
C ASP A 370 -14.69 29.29 32.05
N ASP A 371 -14.23 30.45 32.51
CA ASP A 371 -14.00 31.57 31.62
C ASP A 371 -12.90 31.29 30.59
N LYS A 372 -12.07 30.28 30.82
CA LYS A 372 -11.10 29.89 29.81
C LYS A 372 -11.76 29.34 28.55
N PHE A 373 -12.99 28.84 28.66
CA PHE A 373 -13.74 28.30 27.54
C PHE A 373 -14.57 29.35 26.81
N LEU A 374 -14.68 30.56 27.35
CA LEU A 374 -15.61 31.56 26.82
C LEU A 374 -14.89 32.57 25.95
N LYS A 375 -15.53 32.94 24.84
CA LYS A 375 -15.02 33.94 23.92
C LYS A 375 -16.10 34.97 23.63
N CYS A 376 -15.69 36.21 23.43
CA CYS A 376 -16.61 37.24 22.96
C CYS A 376 -17.08 36.92 21.55
N TRP A 377 -18.35 37.18 21.29
CA TRP A 377 -19.02 36.74 20.07
C TRP A 377 -19.86 37.90 19.53
N ILE A 378 -19.70 38.20 18.24
CA ILE A 378 -20.41 39.31 17.62
C ILE A 378 -21.10 38.82 16.35
N LYS A 379 -22.08 39.61 15.91
CA LYS A 379 -22.80 39.39 14.67
C LYS A 379 -22.46 40.49 13.68
N SER A 380 -22.87 40.30 12.43
CA SER A 380 -22.56 41.29 11.40
C SER A 380 -23.11 42.67 11.74
N LYS A 381 -24.27 42.73 12.41
CA LYS A 381 -24.84 44.02 12.77
C LYS A 381 -24.00 44.77 13.77
N ASN A 382 -23.15 44.09 14.54
CA ASN A 382 -22.28 44.75 15.51
C ASN A 382 -21.11 45.48 14.86
N ILE A 383 -20.85 45.25 13.57
CA ILE A 383 -19.75 45.89 12.87
C ILE A 383 -20.22 47.23 12.33
N ASN A 384 -19.62 48.32 12.81
CA ASN A 384 -19.79 49.63 12.21
C ASN A 384 -18.52 49.99 11.46
N LYS A 385 -18.53 51.17 10.84
CA LYS A 385 -17.28 51.74 10.35
C LYS A 385 -16.36 52.01 11.52
N TYR A 386 -15.11 51.56 11.39
CA TYR A 386 -13.97 51.80 12.27
C TYR A 386 -13.98 51.09 13.61
N ILE A 387 -15.12 50.63 14.13
CA ILE A 387 -15.15 50.01 15.45
C ILE A 387 -16.32 49.04 15.54
N VAL A 388 -16.19 48.06 16.42
CA VAL A 388 -17.20 47.06 16.67
C VAL A 388 -17.98 47.46 17.92
N ASP A 389 -19.30 47.23 17.89
CA ASP A 389 -20.10 47.38 19.10
C ASP A 389 -19.62 46.40 20.16
N LYS A 390 -19.89 46.73 21.42
CA LYS A 390 -19.58 45.81 22.51
C LYS A 390 -20.39 44.54 22.36
N SER A 391 -19.73 43.40 22.54
CA SER A 391 -20.39 42.12 22.31
C SER A 391 -21.43 41.84 23.40
N GLU A 392 -22.50 41.15 23.00
CA GLU A 392 -23.56 40.75 23.91
C GLU A 392 -23.66 39.24 24.07
N TYR A 393 -22.97 38.45 23.25
CA TYR A 393 -23.04 37.00 23.30
C TYR A 393 -21.68 36.42 23.61
N ARG A 394 -21.69 35.17 24.08
CA ARG A 394 -20.46 34.43 24.36
C ARG A 394 -20.48 33.12 23.59
N LEU A 395 -19.31 32.70 23.13
CA LEU A 395 -19.12 31.41 22.50
C LEU A 395 -18.44 30.46 23.48
N ILE A 396 -18.96 29.25 23.60
CA ILE A 396 -18.31 28.19 24.34
C ILE A 396 -17.38 27.49 23.36
N TYR A 397 -16.07 27.76 23.46
CA TYR A 397 -15.11 27.11 22.58
C TYR A 397 -14.93 25.68 23.08
N SER A 398 -15.90 24.84 22.74
CA SER A 398 -16.00 23.49 23.30
C SER A 398 -14.89 22.57 22.83
N ASN A 399 -14.10 22.98 21.83
CA ASN A 399 -12.97 22.15 21.40
C ASN A 399 -11.94 21.98 22.50
N ASP A 400 -11.91 22.87 23.49
CA ASP A 400 -10.96 22.78 24.58
C ASP A 400 -11.46 21.95 25.76
N ILE A 401 -12.68 21.42 25.66
CA ILE A 401 -13.18 20.46 26.65
C ILE A 401 -12.54 19.11 26.37
N ASP A 402 -11.81 18.60 27.37
CA ASP A 402 -10.94 17.44 27.12
C ASP A 402 -11.77 16.17 26.90
N ASN A 403 -12.54 15.76 27.90
CA ASN A 403 -13.38 14.58 27.78
C ASN A 403 -14.72 14.84 28.46
N GLU A 404 -15.66 13.91 28.26
CA GLU A 404 -17.02 14.12 28.73
C GLU A 404 -17.14 14.05 30.25
N ASN A 405 -16.19 13.40 30.92
CA ASN A 405 -16.33 13.21 32.37
C ASN A 405 -15.97 14.47 33.16
N THR A 406 -14.96 15.22 32.71
CA THR A 406 -14.44 16.32 33.51
C THR A 406 -15.41 17.50 33.55
N ASN A 407 -16.10 17.78 32.44
CA ASN A 407 -17.02 18.90 32.38
C ASN A 407 -18.43 18.43 32.04
N LYS A 408 -18.89 17.37 32.71
CA LYS A 408 -20.19 16.78 32.39
C LYS A 408 -21.33 17.78 32.52
N ARG A 409 -21.22 18.72 33.46
CA ARG A 409 -22.29 19.69 33.67
C ARG A 409 -22.51 20.56 32.42
N ILE A 410 -21.42 21.01 31.80
CA ILE A 410 -21.54 21.81 30.58
C ILE A 410 -22.17 20.99 29.46
N LEU A 411 -21.70 19.74 29.30
CA LEU A 411 -22.23 18.90 28.23
C LEU A 411 -23.69 18.55 28.47
N ASP A 412 -24.06 18.23 29.70
CA ASP A 412 -25.42 17.77 29.96
C ASP A 412 -26.44 18.91 29.93
N GLU A 413 -26.07 20.08 30.47
CA GLU A 413 -27.06 21.13 30.69
C GLU A 413 -27.08 22.21 29.61
N ILE A 414 -26.04 22.32 28.79
CA ILE A 414 -26.01 23.37 27.77
C ILE A 414 -25.91 22.76 26.38
N ILE A 415 -24.79 22.10 26.10
CA ILE A 415 -24.52 21.63 24.74
C ILE A 415 -25.38 20.42 24.40
N GLY A 416 -25.63 19.55 25.39
CA GLY A 416 -26.37 18.32 25.16
C GLY A 416 -27.84 18.52 24.84
N LEU A 417 -28.40 19.70 25.11
CA LEU A 417 -29.79 19.96 24.76
C LEU A 417 -30.02 19.89 23.26
N TYR A 418 -28.96 19.94 22.45
CA TYR A 418 -29.06 19.85 21.01
C TYR A 418 -28.23 18.69 20.46
N LYS A 419 -28.04 17.65 21.27
CA LYS A 419 -27.12 16.57 20.91
C LYS A 419 -27.56 15.85 19.63
N THR A 420 -28.88 15.64 19.47
CA THR A 420 -29.37 14.98 18.27
C THR A 420 -29.03 15.80 17.03
N LYS A 421 -29.28 17.10 17.07
CA LYS A 421 -28.94 17.97 15.94
C LYS A 421 -27.43 18.02 15.71
N LEU A 422 -26.67 18.04 16.80
CA LEU A 422 -25.21 18.07 16.68
C LEU A 422 -24.68 16.80 16.02
N GLU A 423 -25.22 15.64 16.40
CA GLU A 423 -24.74 14.38 15.84
C GLU A 423 -25.04 14.26 14.35
N ASN A 424 -25.94 15.08 13.81
CA ASN A 424 -26.26 15.00 12.40
C ASN A 424 -25.30 15.79 11.51
N ARG A 425 -24.40 16.57 12.10
CA ARG A 425 -23.40 17.29 11.32
C ARG A 425 -22.47 16.31 10.63
N ARG A 426 -21.97 16.72 9.46
CA ARG A 426 -21.27 15.79 8.58
C ARG A 426 -20.04 15.19 9.26
N GLU A 427 -19.26 16.02 9.95
CA GLU A 427 -18.03 15.54 10.56
C GLU A 427 -18.28 14.75 11.84
N CYS A 428 -19.47 14.86 12.44
CA CYS A 428 -19.83 13.96 13.53
C CYS A 428 -20.20 12.58 13.02
N LYS A 429 -20.97 12.52 11.92
CA LYS A 429 -21.35 11.24 11.34
C LYS A 429 -20.13 10.45 10.87
N SER A 430 -19.11 11.14 10.37
CA SER A 430 -17.89 10.51 9.90
C SER A 430 -16.88 10.27 11.02
N GLY A 431 -17.18 10.69 12.25
CA GLY A 431 -16.29 10.49 13.37
C GLY A 431 -15.16 11.48 13.50
N ILE A 432 -15.07 12.47 12.61
CA ILE A 432 -13.99 13.45 12.68
C ILE A 432 -14.14 14.33 13.91
N ARG A 433 -15.38 14.68 14.28
CA ARG A 433 -15.65 15.54 15.41
C ARG A 433 -16.46 14.79 16.46
N LYS A 434 -16.15 15.03 17.73
CA LYS A 434 -17.04 14.61 18.79
C LYS A 434 -18.35 15.39 18.70
N TRP A 435 -19.41 14.81 19.25
CA TRP A 435 -20.73 15.42 19.12
C TRP A 435 -20.80 16.80 19.74
N TYR A 436 -19.90 17.14 20.66
CA TYR A 436 -19.94 18.41 21.35
C TYR A 436 -18.89 19.40 20.86
N GLU A 437 -18.11 19.05 19.84
CA GLU A 437 -17.11 19.96 19.32
C GLU A 437 -17.73 20.91 18.29
N LEU A 438 -17.08 22.05 18.12
CA LEU A 438 -17.43 22.96 17.03
C LEU A 438 -17.07 22.31 15.69
N GLN A 439 -17.93 22.51 14.69
CA GLN A 439 -17.68 21.87 13.39
C GLN A 439 -16.41 22.43 12.76
N TRP A 440 -16.29 23.75 12.67
CA TRP A 440 -15.09 24.39 12.14
C TRP A 440 -14.65 25.47 13.14
N GLY A 441 -13.88 25.05 14.13
CA GLY A 441 -13.41 25.95 15.18
C GLY A 441 -12.24 26.82 14.80
N ARG A 442 -11.63 26.57 13.64
CA ARG A 442 -10.55 27.39 13.08
C ARG A 442 -9.40 27.39 14.09
N GLU A 443 -8.58 28.45 14.06
CA GLU A 443 -7.47 28.63 14.98
C GLU A 443 -7.78 29.82 15.89
N LYS A 444 -7.79 29.57 17.21
CA LYS A 444 -8.09 30.63 18.16
C LYS A 444 -7.11 31.79 18.02
N LEU A 445 -5.85 31.48 17.74
CA LEU A 445 -4.82 32.52 17.65
C LEU A 445 -5.06 33.50 16.52
N PHE A 446 -5.83 33.11 15.49
CA PHE A 446 -6.17 34.07 14.44
C PHE A 446 -7.16 35.12 14.94
N PHE A 447 -8.06 34.75 15.86
CA PHE A 447 -9.06 35.67 16.36
C PHE A 447 -8.54 36.51 17.53
N GLU A 448 -7.64 35.97 18.34
CA GLU A 448 -7.19 36.64 19.56
C GLU A 448 -5.98 37.52 19.25
N ARG A 449 -6.24 38.55 18.45
CA ARG A 449 -5.22 39.51 18.04
C ARG A 449 -5.91 40.73 17.46
N LYS A 450 -5.16 41.82 17.36
CA LYS A 450 -5.65 42.99 16.65
C LYS A 450 -5.90 42.64 15.18
N LYS A 451 -7.08 42.98 14.68
CA LYS A 451 -7.46 42.59 13.33
C LYS A 451 -8.57 43.52 12.84
N ILE A 452 -8.85 43.43 11.55
CA ILE A 452 -9.94 44.16 10.92
C ILE A 452 -11.06 43.18 10.61
N MET A 453 -12.30 43.58 10.90
CA MET A 453 -13.48 42.76 10.67
C MET A 453 -14.50 43.53 9.83
N TYR A 454 -15.29 42.78 9.06
CA TYR A 454 -16.31 43.39 8.22
C TYR A 454 -17.46 42.42 8.02
N PRO A 455 -18.69 42.91 7.90
CA PRO A 455 -19.84 42.02 7.69
C PRO A 455 -19.80 41.39 6.31
N TYR A 456 -20.34 40.17 6.22
CA TYR A 456 -20.31 39.44 4.96
C TYR A 456 -21.34 39.93 3.96
N LYS A 457 -22.38 40.63 4.41
CA LYS A 457 -23.39 41.20 3.54
C LYS A 457 -23.76 42.56 4.10
N SER A 458 -23.65 43.60 3.28
CA SER A 458 -23.87 44.95 3.78
C SER A 458 -24.25 45.87 2.63
N ASN A 459 -24.86 47.00 2.99
CA ASN A 459 -25.19 48.05 2.04
C ASN A 459 -24.00 48.96 1.74
N GLU A 460 -22.96 48.92 2.55
CA GLU A 460 -21.84 49.84 2.40
C GLU A 460 -20.60 49.24 3.04
N ASN A 461 -19.45 49.84 2.76
CA ASN A 461 -18.21 49.41 3.36
C ASN A 461 -18.22 49.67 4.86
N ARG A 462 -18.03 48.62 5.66
CA ARG A 462 -17.93 48.72 7.11
CA ARG A 462 -17.92 48.73 7.11
C ARG A 462 -16.74 47.86 7.54
N PHE A 463 -15.56 48.46 7.57
CA PHE A 463 -14.35 47.78 8.03
C PHE A 463 -13.97 48.38 9.37
N ALA A 464 -13.86 47.53 10.39
CA ALA A 464 -13.60 47.96 11.76
C ALA A 464 -12.34 47.33 12.29
N ILE A 465 -11.60 48.09 13.10
CA ILE A 465 -10.52 47.51 13.88
C ILE A 465 -11.11 46.85 15.11
N ASP A 466 -10.79 45.57 15.31
CA ASP A 466 -11.23 44.84 16.50
C ASP A 466 -10.11 44.89 17.54
N TYR A 467 -10.40 45.48 18.69
CA TYR A 467 -9.46 45.55 19.80
C TYR A 467 -9.74 44.53 20.89
N ASP A 468 -10.82 43.76 20.79
CA ASP A 468 -11.35 43.00 21.92
C ASP A 468 -11.34 41.50 21.69
N ASN A 469 -10.52 41.00 20.75
CA ASN A 469 -10.39 39.56 20.51
C ASN A 469 -11.76 38.93 20.22
N ASN A 470 -12.58 39.61 19.44
CA ASN A 470 -13.92 39.12 19.16
C ASN A 470 -13.88 37.92 18.24
N PHE A 471 -14.67 36.90 18.58
CA PHE A 471 -14.96 35.80 17.68
C PHE A 471 -16.28 36.07 16.98
N SER A 472 -16.51 35.35 15.88
CA SER A 472 -17.73 35.56 15.12
C SER A 472 -18.00 34.34 14.26
N SER A 473 -19.22 34.25 13.77
CA SER A 473 -19.61 33.23 12.81
C SER A 473 -19.16 33.65 11.42
N ALA A 474 -19.65 32.95 10.40
CA ALA A 474 -19.26 33.25 9.01
C ALA A 474 -19.97 34.48 8.45
N ASP A 475 -20.84 35.13 9.22
CA ASP A 475 -21.41 36.39 8.77
C ASP A 475 -20.45 37.57 8.98
N VAL A 476 -19.28 37.32 9.54
CA VAL A 476 -18.24 38.34 9.72
C VAL A 476 -16.92 37.75 9.26
N TYR A 477 -16.21 38.48 8.41
CA TYR A 477 -14.89 38.09 7.96
C TYR A 477 -13.83 38.96 8.62
N SER A 478 -12.63 38.42 8.76
CA SER A 478 -11.52 39.11 9.42
C SER A 478 -10.27 39.01 8.57
N PHE A 479 -9.38 39.97 8.75
CA PHE A 479 -8.02 39.83 8.27
C PHE A 479 -7.08 40.59 9.19
N PHE A 480 -5.81 40.19 9.16
CA PHE A 480 -4.74 40.92 9.81
C PHE A 480 -3.60 41.13 8.81
N ILE A 481 -2.79 42.14 9.09
CA ILE A 481 -1.72 42.53 8.18
C ILE A 481 -0.52 41.63 8.39
N LYS A 482 0.08 41.19 7.29
CA LYS A 482 1.31 40.42 7.37
C LYS A 482 2.40 41.21 8.08
N GLU A 483 3.27 40.49 8.79
CA GLU A 483 4.32 41.15 9.57
C GLU A 483 5.22 42.00 8.67
N GLU A 484 5.55 41.51 7.48
CA GLU A 484 6.47 42.21 6.61
C GLU A 484 5.88 43.48 5.99
N TYR A 485 4.58 43.72 6.15
CA TYR A 485 3.95 44.93 5.61
C TYR A 485 3.51 45.90 6.69
N LEU A 486 3.81 45.63 7.96
CA LEU A 486 3.34 46.48 9.04
C LEU A 486 3.99 47.86 9.02
N ASP A 487 5.21 47.96 8.50
CA ASP A 487 5.86 49.27 8.40
C ASP A 487 5.42 50.05 7.17
N LYS A 488 4.62 49.46 6.28
CA LYS A 488 4.04 50.16 5.15
C LYS A 488 2.57 50.52 5.38
N PHE A 489 1.81 49.66 6.06
CA PHE A 489 0.39 49.89 6.27
C PHE A 489 0.04 49.60 7.72
N SER A 490 -0.69 50.52 8.34
CA SER A 490 -1.24 50.33 9.67
C SER A 490 -2.73 50.03 9.56
N TYR A 491 -3.27 49.41 10.61
CA TYR A 491 -4.70 49.15 10.64
C TYR A 491 -5.50 50.44 10.58
N GLU A 492 -5.01 51.48 11.25
CA GLU A 492 -5.71 52.77 11.24
C GLU A 492 -5.77 53.36 9.85
N TYR A 493 -4.67 53.26 9.09
CA TYR A 493 -4.68 53.75 7.72
C TYR A 493 -5.65 52.93 6.86
N LEU A 494 -5.66 51.61 7.03
CA LEU A 494 -6.45 50.75 6.17
C LEU A 494 -7.94 50.99 6.33
N VAL A 495 -8.43 51.10 7.57
CA VAL A 495 -9.85 51.35 7.75
C VAL A 495 -10.22 52.74 7.27
N GLY A 496 -9.26 53.68 7.25
CA GLY A 496 -9.56 55.01 6.75
C GLY A 496 -9.92 55.01 5.27
N ILE A 497 -9.09 54.38 4.44
CA ILE A 497 -9.40 54.35 3.02
C ILE A 497 -10.54 53.38 2.72
N LEU A 498 -10.55 52.23 3.39
CA LEU A 498 -11.56 51.21 3.08
C LEU A 498 -12.97 51.68 3.40
N ASN A 499 -13.12 52.57 4.37
CA ASN A 499 -14.43 53.10 4.73
C ASN A 499 -14.77 54.38 3.97
N SER A 500 -13.87 54.88 3.13
CA SER A 500 -14.10 56.13 2.44
C SER A 500 -15.18 55.97 1.36
N SER A 501 -15.75 57.12 0.96
CA SER A 501 -16.74 57.12 -0.11
C SER A 501 -16.13 56.59 -1.41
N VAL A 502 -14.85 56.90 -1.64
CA VAL A 502 -14.17 56.44 -2.85
C VAL A 502 -14.16 54.93 -2.92
N TYR A 503 -13.75 54.28 -1.83
CA TYR A 503 -13.62 52.82 -1.86
C TYR A 503 -14.97 52.14 -1.79
N ASP A 504 -15.98 52.80 -1.20
CA ASP A 504 -17.34 52.28 -1.28
C ASP A 504 -17.80 52.17 -2.72
N LYS A 505 -17.64 53.25 -3.50
CA LYS A 505 -17.97 53.20 -4.91
C LYS A 505 -17.05 52.22 -5.64
N TYR A 506 -15.76 52.24 -5.33
CA TYR A 506 -14.80 51.40 -6.01
C TYR A 506 -15.10 49.91 -5.82
N PHE A 507 -15.42 49.50 -4.59
CA PHE A 507 -15.70 48.09 -4.34
C PHE A 507 -16.97 47.64 -5.03
N LYS A 508 -18.00 48.50 -5.05
CA LYS A 508 -19.29 48.11 -5.59
C LYS A 508 -19.30 47.99 -7.10
N ILE A 509 -18.28 48.50 -7.79
CA ILE A 509 -18.21 48.39 -9.24
C ILE A 509 -18.19 46.93 -9.66
N THR A 510 -17.40 46.10 -8.97
CA THR A 510 -17.28 44.68 -9.28
C THR A 510 -17.92 43.78 -8.24
N ALA A 511 -18.50 44.35 -7.18
CA ALA A 511 -19.05 43.54 -6.10
C ALA A 511 -20.28 42.76 -6.56
N LYS A 512 -20.58 41.70 -5.82
CA LYS A 512 -21.70 40.82 -6.13
C LYS A 512 -22.95 41.38 -5.47
N LYS A 513 -23.89 41.86 -6.28
CA LYS A 513 -25.14 42.43 -5.78
C LYS A 513 -26.11 41.30 -5.46
N MET A 514 -26.61 41.26 -4.22
CA MET A 514 -27.36 40.12 -3.72
C MET A 514 -28.86 40.36 -3.64
N SER A 515 -29.27 41.42 -2.94
CA SER A 515 -30.66 41.83 -2.86
C SER A 515 -30.68 43.33 -2.68
N LYS A 516 -31.87 43.90 -2.47
CA LYS A 516 -31.99 45.35 -2.40
C LYS A 516 -31.12 45.88 -1.29
N ASN A 517 -30.17 46.76 -1.66
CA ASN A 517 -29.24 47.39 -0.72
C ASN A 517 -28.37 46.39 0.03
N ILE A 518 -28.00 45.28 -0.62
CA ILE A 518 -27.10 44.31 0.00
C ILE A 518 -26.09 43.85 -1.04
N TYR A 519 -24.81 43.99 -0.73
CA TYR A 519 -23.74 43.38 -1.49
C TYR A 519 -23.05 42.32 -0.65
N ASP A 520 -22.52 41.30 -1.31
CA ASP A 520 -21.61 40.38 -0.65
C ASP A 520 -20.29 41.07 -0.38
N TYR A 521 -19.78 40.93 0.85
CA TYR A 521 -18.42 41.31 1.20
C TYR A 521 -17.70 40.03 1.62
N TYR A 522 -17.21 39.30 0.62
CA TYR A 522 -16.52 38.03 0.80
C TYR A 522 -15.08 38.18 0.36
N PRO A 523 -14.16 37.40 0.92
CA PRO A 523 -12.74 37.54 0.56
C PRO A 523 -12.47 37.38 -0.91
N ASN A 524 -13.24 36.57 -1.64
CA ASN A 524 -12.96 36.35 -3.05
C ASN A 524 -13.05 37.65 -3.86
N LYS A 525 -13.71 38.68 -3.32
CA LYS A 525 -13.63 40.02 -3.90
C LYS A 525 -13.01 41.05 -2.98
N VAL A 526 -13.24 40.95 -1.66
CA VAL A 526 -12.68 41.94 -0.74
C VAL A 526 -11.16 41.93 -0.80
N MET A 527 -10.56 40.74 -0.88
CA MET A 527 -9.10 40.65 -0.91
C MET A 527 -8.50 41.12 -2.24
N LYS A 528 -9.32 41.34 -3.27
CA LYS A 528 -8.81 41.88 -4.52
C LYS A 528 -8.79 43.41 -4.53
N ILE A 529 -9.33 44.04 -3.49
CA ILE A 529 -9.30 45.49 -3.40
C ILE A 529 -7.86 45.97 -3.40
N ARG A 530 -7.54 46.88 -4.31
CA ARG A 530 -6.19 47.42 -4.39
C ARG A 530 -6.07 48.68 -3.54
N ILE A 531 -4.89 48.88 -2.96
CA ILE A 531 -4.63 49.98 -2.05
C ILE A 531 -3.32 50.66 -2.45
N PHE A 532 -3.15 51.89 -1.97
CA PHE A 532 -2.05 52.75 -2.36
C PHE A 532 -1.36 53.31 -1.13
N ARG A 533 -0.29 54.05 -1.36
CA ARG A 533 0.53 54.63 -0.29
C ARG A 533 1.32 55.77 -0.89
N ASP A 534 1.06 57.00 -0.42
CA ASP A 534 1.73 58.17 -1.00
C ASP A 534 1.85 59.25 0.08
N ASN A 535 2.05 60.49 -0.36
CA ASN A 535 2.29 61.62 0.54
C ASN A 535 1.13 61.89 1.48
N ASN A 536 -0.08 61.44 1.14
CA ASN A 536 -1.24 61.69 2.00
C ASN A 536 -1.37 60.67 3.14
N TYR A 537 -0.46 59.70 3.22
CA TYR A 537 -0.59 58.61 4.18
C TYR A 537 -0.76 59.13 5.60
N GLU A 538 0.10 60.05 6.02
CA GLU A 538 0.10 60.50 7.41
C GLU A 538 -1.20 61.19 7.79
N GLU A 539 -1.67 62.12 6.93
CA GLU A 539 -2.88 62.85 7.26
C GLU A 539 -4.10 61.93 7.23
N ILE A 540 -4.16 61.04 6.25
CA ILE A 540 -5.25 60.06 6.21
C ILE A 540 -5.26 59.23 7.48
N GLU A 541 -4.09 58.71 7.86
CA GLU A 541 -4.00 57.92 9.09
C GLU A 541 -4.38 58.75 10.31
N ASN A 542 -3.93 60.00 10.35
CA ASN A 542 -4.26 60.87 11.47
C ASN A 542 -5.76 61.16 11.54
N LEU A 543 -6.38 61.41 10.38
CA LEU A 543 -7.83 61.61 10.36
C LEU A 543 -8.56 60.37 10.84
N SER A 544 -8.09 59.19 10.44
CA SER A 544 -8.71 57.94 10.89
C SER A 544 -8.60 57.78 12.41
N LYS A 545 -7.44 58.11 12.97
CA LYS A 545 -7.26 58.01 14.42
C LYS A 545 -8.20 58.97 15.15
N GLN A 546 -8.39 60.18 14.61
CA GLN A 546 -9.33 61.11 15.21
C GLN A 546 -10.75 60.56 15.19
N ILE A 547 -11.15 59.95 14.08
CA ILE A 547 -12.48 59.36 13.98
C ILE A 547 -12.64 58.25 15.01
N ILE A 548 -11.62 57.39 15.12
CA ILE A 548 -11.68 56.29 16.09
C ILE A 548 -11.75 56.83 17.51
N SER A 549 -10.96 57.87 17.80
CA SER A 549 -10.99 58.46 19.14
C SER A 549 -12.38 59.00 19.47
N ILE A 550 -13.02 59.68 18.51
CA ILE A 550 -14.36 60.21 18.74
C ILE A 550 -15.37 59.08 18.91
N LEU A 551 -15.30 58.08 18.03
CA LEU A 551 -16.28 57.00 18.05
C LEU A 551 -16.24 56.22 19.36
N LEU A 552 -15.05 56.08 19.95
CA LEU A 552 -14.90 55.33 21.19
C LEU A 552 -15.22 56.16 22.44
N ASN A 553 -15.61 57.42 22.27
CA ASN A 553 -15.95 58.26 23.41
C ASN A 553 -17.34 57.93 23.95
N LYS A 554 -17.51 58.15 25.26
CA LYS A 554 -18.82 57.99 25.87
C LYS A 554 -19.77 59.10 25.44
N SER A 555 -19.30 60.36 25.45
CA SER A 555 -20.07 61.49 24.93
C SER A 555 -19.73 61.68 23.46
N ILE A 556 -20.11 60.69 22.66
CA ILE A 556 -19.64 60.59 21.28
C ILE A 556 -20.22 61.75 20.46
N ASP A 557 -19.33 62.48 19.78
CA ASP A 557 -19.69 63.63 18.96
C ASP A 557 -19.75 63.14 17.50
N LYS A 558 -20.91 62.60 17.14
CA LYS A 558 -21.06 61.99 15.82
C LYS A 558 -20.85 62.99 14.70
N GLY A 559 -21.22 64.26 14.93
CA GLY A 559 -21.21 65.24 13.86
C GLY A 559 -19.83 65.46 13.26
N LYS A 560 -18.82 65.63 14.13
CA LYS A 560 -17.48 65.93 13.63
C LYS A 560 -16.91 64.77 12.82
N VAL A 561 -17.31 63.53 13.13
CA VAL A 561 -16.83 62.37 12.38
C VAL A 561 -17.13 62.53 10.90
N GLU A 562 -18.34 63.00 10.57
CA GLU A 562 -18.71 63.16 9.17
C GLU A 562 -17.82 64.20 8.49
N LYS A 563 -17.52 65.30 9.18
CA LYS A 563 -16.64 66.31 8.60
C LYS A 563 -15.24 65.75 8.36
N LEU A 564 -14.70 65.02 9.35
CA LEU A 564 -13.40 64.40 9.17
C LEU A 564 -13.41 63.40 8.03
N GLN A 565 -14.51 62.66 7.89
CA GLN A 565 -14.64 61.72 6.78
C GLN A 565 -14.63 62.45 5.43
N ILE A 566 -15.31 63.60 5.36
CA ILE A 566 -15.32 64.37 4.12
C ILE A 566 -13.92 64.83 3.78
N LYS A 567 -13.17 65.30 4.78
CA LYS A 567 -11.79 65.72 4.54
C LYS A 567 -10.93 64.55 4.08
N MET A 568 -11.14 63.37 4.67
CA MET A 568 -10.38 62.20 4.24
C MET A 568 -10.73 61.81 2.81
N ASP A 569 -12.00 61.89 2.44
CA ASP A 569 -12.39 61.56 1.06
C ASP A 569 -11.69 62.47 0.07
N ASN A 570 -11.52 63.76 0.43
CA ASN A 570 -10.82 64.69 -0.46
C ASN A 570 -9.36 64.29 -0.64
N LEU A 571 -8.69 63.91 0.44
CA LEU A 571 -7.30 63.46 0.33
C LEU A 571 -7.21 62.24 -0.56
N ILE A 572 -8.12 61.29 -0.37
CA ILE A 572 -8.10 60.06 -1.16
C ILE A 572 -8.37 60.35 -2.63
N MET A 573 -9.36 61.22 -2.90
CA MET A 573 -9.62 61.60 -4.28
C MET A 573 -8.42 62.33 -4.88
N ASP A 574 -7.78 63.21 -4.09
CA ASP A 574 -6.56 63.85 -4.55
C ASP A 574 -5.46 62.82 -4.83
N SER A 575 -5.31 61.84 -3.94
CA SER A 575 -4.26 60.84 -4.11
C SER A 575 -4.45 60.05 -5.40
N LEU A 576 -5.69 59.66 -5.70
CA LEU A 576 -5.98 58.83 -6.86
C LEU A 576 -6.30 59.64 -8.11
N GLY A 577 -6.31 60.97 -8.03
CA GLY A 577 -6.54 61.79 -9.19
C GLY A 577 -7.91 61.61 -9.82
N ILE A 578 -8.95 61.63 -9.00
CA ILE A 578 -10.31 61.48 -9.50
C ILE A 578 -11.15 62.69 -9.11
N GLY B 29 2.04 -14.43 8.23
CA GLY B 29 1.09 -15.41 8.67
C GLY B 29 1.37 -16.00 10.05
N ILE B 30 2.29 -16.96 10.10
CA ILE B 30 2.57 -17.73 11.30
C ILE B 30 3.94 -17.31 11.84
N TYR B 31 3.99 -16.92 13.11
CA TYR B 31 5.22 -16.48 13.75
C TYR B 31 5.52 -17.36 14.96
N TYR B 32 6.80 -17.67 15.14
CA TYR B 32 7.24 -18.63 16.14
C TYR B 32 7.79 -17.88 17.35
N THR B 33 7.11 -18.01 18.48
CA THR B 33 7.57 -17.40 19.73
C THR B 33 8.68 -18.26 20.33
N PRO B 34 9.78 -17.65 20.77
CA PRO B 34 10.86 -18.45 21.40
C PRO B 34 10.34 -19.21 22.60
N LYS B 35 10.82 -20.45 22.74
CA LYS B 35 10.31 -21.33 23.80
C LYS B 35 10.53 -20.73 25.18
N ILE B 36 11.63 -20.00 25.37
CA ILE B 36 11.88 -19.40 26.68
C ILE B 36 10.80 -18.38 27.01
N ILE B 37 10.27 -17.69 25.99
CA ILE B 37 9.15 -16.77 26.20
C ILE B 37 7.88 -17.54 26.51
N VAL B 38 7.60 -18.59 25.73
CA VAL B 38 6.36 -19.36 25.91
C VAL B 38 6.32 -19.98 27.30
N ASP B 39 7.43 -20.57 27.73
CA ASP B 39 7.47 -21.20 29.04
C ASP B 39 7.22 -20.17 30.14
N TYR B 40 7.82 -18.99 30.01
CA TYR B 40 7.63 -17.96 31.02
C TYR B 40 6.17 -17.50 31.08
N ILE B 41 5.57 -17.26 29.91
CA ILE B 41 4.19 -16.77 29.88
C ILE B 41 3.24 -17.81 30.46
N VAL B 42 3.39 -19.07 30.07
CA VAL B 42 2.53 -20.12 30.58
C VAL B 42 2.71 -20.29 32.09
N LYS B 43 3.97 -20.27 32.55
CA LYS B 43 4.24 -20.36 33.98
C LYS B 43 3.63 -19.18 34.74
N LYS B 44 3.70 -17.98 34.15
CA LYS B 44 3.18 -16.80 34.82
C LYS B 44 1.70 -16.93 35.12
N THR B 45 0.92 -17.47 34.17
CA THR B 45 -0.51 -17.60 34.36
C THR B 45 -0.90 -18.76 35.27
N LEU B 46 -0.16 -19.87 35.23
CA LEU B 46 -0.61 -21.12 35.83
C LEU B 46 0.14 -21.56 37.08
N LYS B 47 1.22 -20.87 37.47
CA LYS B 47 2.11 -21.42 38.49
C LYS B 47 1.41 -21.59 39.84
N ASN B 48 0.47 -20.72 40.17
CA ASN B 48 -0.18 -20.73 41.48
C ASN B 48 -1.62 -21.24 41.42
N HIS B 49 -2.00 -21.92 40.34
CA HIS B 49 -3.38 -22.38 40.23
C HIS B 49 -3.63 -23.53 41.21
N ASP B 50 -4.79 -23.49 41.86
CA ASP B 50 -5.20 -24.49 42.84
C ASP B 50 -6.06 -25.51 42.12
N ILE B 51 -5.44 -26.61 41.67
CA ILE B 51 -6.17 -27.60 40.89
C ILE B 51 -7.18 -28.35 41.76
N ILE B 52 -6.91 -28.48 43.06
CA ILE B 52 -7.87 -29.15 43.94
C ILE B 52 -9.14 -28.31 44.07
N LYS B 53 -8.98 -27.01 44.26
CA LYS B 53 -10.14 -26.13 44.43
C LYS B 53 -10.92 -26.00 43.13
N ASN B 54 -10.24 -25.85 42.00
CA ASN B 54 -10.87 -25.73 40.69
C ASN B 54 -10.17 -26.67 39.71
N PRO B 55 -10.66 -27.90 39.57
CA PRO B 55 -10.09 -28.82 38.58
C PRO B 55 -10.54 -28.59 37.15
N TYR B 56 -11.27 -27.52 36.86
CA TYR B 56 -11.75 -27.22 35.51
C TYR B 56 -11.32 -25.82 35.09
N PRO B 57 -10.02 -25.57 34.97
CA PRO B 57 -9.58 -24.24 34.51
C PRO B 57 -9.63 -24.17 33.00
N ARG B 58 -10.21 -23.08 32.49
CA ARG B 58 -10.28 -22.86 31.05
C ARG B 58 -9.11 -21.98 30.63
N ILE B 59 -8.22 -22.53 29.81
CA ILE B 59 -7.08 -21.81 29.27
C ILE B 59 -7.31 -21.61 27.78
N LEU B 60 -7.22 -20.36 27.33
CA LEU B 60 -7.54 -20.00 25.95
C LEU B 60 -6.38 -19.26 25.29
N ASP B 61 -6.13 -19.60 24.03
CA ASP B 61 -5.28 -18.83 23.14
C ASP B 61 -6.08 -18.52 21.89
N ILE B 62 -6.33 -17.22 21.63
CA ILE B 62 -7.18 -16.83 20.52
C ILE B 62 -6.41 -16.56 19.24
N SER B 63 -5.10 -16.75 19.23
CA SER B 63 -4.29 -16.76 18.01
C SER B 63 -3.28 -17.89 18.09
N CYS B 64 -3.78 -19.09 18.40
CA CYS B 64 -2.91 -20.20 18.81
C CYS B 64 -1.98 -20.69 17.71
N GLY B 65 -2.31 -20.48 16.44
CA GLY B 65 -1.46 -20.99 15.38
C GLY B 65 -1.34 -22.51 15.45
N CYS B 66 -0.10 -23.00 15.39
CA CYS B 66 0.17 -24.42 15.48
C CYS B 66 0.19 -24.94 16.92
N GLY B 67 0.09 -24.05 17.90
CA GLY B 67 0.00 -24.44 19.28
C GLY B 67 1.25 -24.27 20.11
N ASN B 68 2.08 -23.27 19.81
CA ASN B 68 3.28 -23.04 20.61
C ASN B 68 2.94 -22.89 22.09
N PHE B 69 1.85 -22.17 22.39
CA PHE B 69 1.46 -21.95 23.77
C PHE B 69 0.62 -23.10 24.31
N LEU B 70 -0.39 -23.54 23.55
CA LEU B 70 -1.32 -24.54 24.06
C LEU B 70 -0.65 -25.89 24.27
N LEU B 71 0.32 -26.26 23.41
CA LEU B 71 1.05 -27.50 23.62
C LEU B 71 1.83 -27.45 24.93
N GLU B 72 2.46 -26.31 25.22
CA GLU B 72 3.12 -26.15 26.50
C GLU B 72 2.11 -26.08 27.65
N VAL B 73 0.93 -25.52 27.39
CA VAL B 73 -0.13 -25.49 28.40
C VAL B 73 -0.54 -26.91 28.76
N TYR B 74 -0.68 -27.78 27.75
CA TYR B 74 -1.05 -29.17 28.00
C TYR B 74 -0.09 -29.83 28.98
N ASP B 75 1.21 -29.67 28.73
CA ASP B 75 2.22 -30.31 29.58
C ASP B 75 2.12 -29.82 31.02
N ILE B 76 1.94 -28.51 31.20
CA ILE B 76 1.82 -27.97 32.56
C ILE B 76 0.57 -28.50 33.25
N LEU B 77 -0.56 -28.51 32.52
CA LEU B 77 -1.80 -29.03 33.10
C LEU B 77 -1.66 -30.51 33.45
N TYR B 78 -1.05 -31.30 32.57
CA TYR B 78 -0.96 -32.74 32.80
C TYR B 78 -0.19 -33.04 34.08
N ASP B 79 0.95 -32.39 34.27
CA ASP B 79 1.71 -32.60 35.49
C ASP B 79 0.95 -32.09 36.70
N LEU B 80 0.22 -30.98 36.56
CA LEU B 80 -0.58 -30.47 37.66
C LEU B 80 -1.66 -31.47 38.07
N PHE B 81 -2.34 -32.07 37.08
CA PHE B 81 -3.34 -33.09 37.39
C PHE B 81 -2.69 -34.35 37.95
N GLU B 82 -1.58 -34.79 37.34
CA GLU B 82 -0.95 -36.04 37.75
C GLU B 82 -0.45 -35.95 39.19
N GLU B 83 0.13 -34.81 39.56
CA GLU B 83 0.69 -34.64 40.91
C GLU B 83 -0.38 -34.66 42.00
N ASN B 84 -1.63 -34.39 41.66
CA ASN B 84 -2.71 -34.27 42.65
C ASN B 84 -3.85 -35.25 42.38
N ILE B 85 -3.60 -36.29 41.58
CA ILE B 85 -4.69 -37.13 41.09
C ILE B 85 -5.43 -37.81 42.24
N TYR B 86 -4.71 -38.24 43.28
CA TYR B 86 -5.37 -38.96 44.37
C TYR B 86 -6.20 -38.00 45.23
N GLU B 87 -5.72 -36.77 45.43
CA GLU B 87 -6.54 -35.79 46.15
C GLU B 87 -7.81 -35.46 45.39
N LEU B 88 -7.72 -35.31 44.07
CA LEU B 88 -8.91 -35.11 43.25
C LEU B 88 -9.84 -36.31 43.31
N LYS B 89 -9.26 -37.52 43.29
CA LYS B 89 -10.05 -38.74 43.33
C LYS B 89 -10.82 -38.87 44.63
N LYS B 90 -10.20 -38.44 45.75
CA LYS B 90 -10.87 -38.52 47.04
C LYS B 90 -11.96 -37.45 47.17
N LYS B 91 -11.65 -36.22 46.74
CA LYS B 91 -12.57 -35.10 46.91
C LYS B 91 -13.75 -35.15 45.95
N TYR B 92 -13.56 -35.74 44.78
CA TYR B 92 -14.57 -35.77 43.72
C TYR B 92 -14.85 -37.23 43.35
N ASP B 93 -15.53 -37.43 42.23
CA ASP B 93 -15.86 -38.77 41.77
C ASP B 93 -14.60 -39.61 41.58
N GLU B 94 -14.42 -40.64 42.41
CA GLU B 94 -13.20 -41.43 42.39
C GLU B 94 -13.09 -42.31 41.14
N ASN B 95 -14.19 -42.58 40.45
CA ASN B 95 -14.11 -43.32 39.20
C ASN B 95 -13.55 -42.44 38.08
N TYR B 96 -13.95 -41.16 38.07
CA TYR B 96 -13.55 -40.27 36.99
C TYR B 96 -12.07 -39.93 37.03
N TRP B 97 -11.53 -39.67 38.23
CA TRP B 97 -10.19 -39.12 38.37
C TRP B 97 -9.17 -40.24 38.44
N THR B 98 -8.69 -40.64 37.27
CA THR B 98 -7.59 -41.58 37.14
C THR B 98 -6.54 -40.95 36.23
N VAL B 99 -5.30 -41.43 36.35
CA VAL B 99 -4.23 -40.92 35.50
C VAL B 99 -4.57 -41.12 34.03
N ASP B 100 -5.17 -42.28 33.71
CA ASP B 100 -5.53 -42.57 32.33
C ASP B 100 -6.55 -41.59 31.77
N ASN B 101 -7.34 -40.93 32.62
CA ASN B 101 -8.40 -40.04 32.18
C ASN B 101 -7.97 -38.59 32.08
N ILE B 102 -6.73 -38.26 32.46
CA ILE B 102 -6.29 -36.87 32.45
C ILE B 102 -6.31 -36.30 31.04
N HIS B 103 -5.86 -37.09 30.06
CA HIS B 103 -5.77 -36.61 28.67
C HIS B 103 -7.13 -36.15 28.15
N ARG B 104 -8.16 -36.98 28.32
CA ARG B 104 -9.49 -36.59 27.85
C ARG B 104 -10.05 -35.42 28.64
N HIS B 105 -9.77 -35.35 29.94
CA HIS B 105 -10.27 -34.24 30.75
C HIS B 105 -9.68 -32.91 30.29
N ILE B 106 -8.39 -32.89 29.99
CA ILE B 106 -7.74 -31.66 29.55
C ILE B 106 -8.33 -31.18 28.23
N LEU B 107 -8.54 -32.11 27.29
CA LEU B 107 -9.03 -31.72 25.98
C LEU B 107 -10.51 -31.36 26.01
N ASN B 108 -11.29 -31.99 26.88
CA ASN B 108 -12.72 -31.72 26.93
C ASN B 108 -13.02 -30.37 27.59
N TYR B 109 -12.32 -30.04 28.68
CA TYR B 109 -12.76 -28.98 29.56
C TYR B 109 -11.76 -27.84 29.76
N CYS B 110 -10.49 -28.03 29.41
CA CYS B 110 -9.47 -27.09 29.86
C CYS B 110 -8.81 -26.30 28.73
N ILE B 111 -8.54 -26.91 27.59
CA ILE B 111 -7.78 -26.25 26.52
C ILE B 111 -8.73 -25.75 25.46
N TYR B 112 -8.65 -24.45 25.15
CA TYR B 112 -9.43 -23.81 24.11
C TYR B 112 -8.50 -23.04 23.19
N GLY B 113 -8.72 -23.17 21.88
CA GLY B 113 -7.88 -22.48 20.92
C GLY B 113 -8.71 -21.97 19.75
N ALA B 114 -8.26 -20.84 19.22
CA ALA B 114 -8.89 -20.25 18.03
C ALA B 114 -7.81 -19.66 17.14
N ASP B 115 -7.96 -19.86 15.84
CA ASP B 115 -7.07 -19.25 14.85
C ASP B 115 -7.79 -19.19 13.52
N ILE B 116 -7.37 -18.25 12.67
CA ILE B 116 -8.01 -18.07 11.36
C ILE B 116 -7.48 -19.04 10.33
N ASP B 117 -6.34 -19.68 10.58
CA ASP B 117 -5.69 -20.55 9.61
C ASP B 117 -6.11 -21.99 9.88
N GLU B 118 -6.89 -22.57 8.96
CA GLU B 118 -7.39 -23.93 9.16
C GLU B 118 -6.28 -24.95 9.12
N LYS B 119 -5.23 -24.71 8.34
CA LYS B 119 -4.10 -25.65 8.31
C LYS B 119 -3.42 -25.74 9.67
N ALA B 120 -3.19 -24.58 10.30
CA ALA B 120 -2.57 -24.57 11.62
C ALA B 120 -3.46 -25.24 12.66
N ILE B 121 -4.77 -25.02 12.58
CA ILE B 121 -5.69 -25.61 13.54
C ILE B 121 -5.67 -27.14 13.43
N SER B 122 -5.70 -27.66 12.21
CA SER B 122 -5.68 -29.11 12.04
C SER B 122 -4.37 -29.71 12.54
N ILE B 123 -3.25 -29.03 12.28
CA ILE B 123 -1.96 -29.51 12.77
C ILE B 123 -1.96 -29.54 14.30
N LEU B 124 -2.47 -28.48 14.92
CA LEU B 124 -2.57 -28.46 16.38
C LEU B 124 -3.49 -29.56 16.88
N LYS B 125 -4.59 -29.81 16.16
CA LYS B 125 -5.49 -30.88 16.56
C LYS B 125 -4.79 -32.23 16.57
N ASP B 126 -3.96 -32.50 15.56
CA ASP B 126 -3.18 -33.74 15.54
C ASP B 126 -2.16 -33.77 16.67
N SER B 127 -1.51 -32.63 16.94
CA SER B 127 -0.51 -32.59 18.01
C SER B 127 -1.14 -32.86 19.37
N LEU B 128 -2.29 -32.26 19.64
CA LEU B 128 -2.99 -32.53 20.89
C LEU B 128 -3.45 -33.98 20.97
N THR B 129 -3.92 -34.54 19.85
CA THR B 129 -4.34 -35.93 19.83
C THR B 129 -3.17 -36.88 20.13
N ASN B 130 -2.00 -36.58 19.59
CA ASN B 130 -0.83 -37.44 19.74
C ASN B 130 -0.14 -37.29 21.09
N LYS B 131 -0.74 -36.57 22.03
CA LYS B 131 -0.19 -36.50 23.37
C LYS B 131 -0.44 -37.77 24.18
N LYS B 132 -1.45 -38.55 23.79
CA LYS B 132 -1.78 -39.81 24.46
C LYS B 132 -1.07 -40.95 23.73
N VAL B 133 -0.26 -41.71 24.46
CA VAL B 133 0.57 -42.75 23.84
C VAL B 133 -0.31 -43.82 23.20
N VAL B 134 -1.34 -44.27 23.93
CA VAL B 134 -2.20 -45.35 23.46
C VAL B 134 -3.13 -44.81 22.37
N ASN B 135 -3.22 -45.54 21.27
CA ASN B 135 -4.12 -45.22 20.18
C ASN B 135 -5.40 -46.04 20.30
N ASP B 136 -6.54 -45.38 20.08
CA ASP B 136 -7.86 -45.99 20.25
C ASP B 136 -8.02 -46.53 21.67
N LEU B 137 -7.81 -45.64 22.64
CA LEU B 137 -7.93 -46.03 24.05
C LEU B 137 -9.38 -46.31 24.42
N ASP B 138 -10.31 -45.44 24.00
CA ASP B 138 -11.72 -45.63 24.29
C ASP B 138 -12.57 -45.60 23.02
N GLU B 139 -11.95 -45.83 21.86
CA GLU B 139 -12.61 -45.67 20.57
C GLU B 139 -13.28 -44.30 20.49
N SER B 140 -14.49 -44.24 19.93
CA SER B 140 -15.28 -43.01 19.87
C SER B 140 -14.46 -41.85 19.32
N ASP B 141 -14.34 -40.79 20.11
CA ASP B 141 -13.52 -39.64 19.78
C ASP B 141 -13.43 -38.77 21.03
N ILE B 142 -12.46 -37.86 21.02
CA ILE B 142 -12.27 -36.90 22.11
C ILE B 142 -12.69 -35.52 21.61
N LYS B 143 -13.52 -34.85 22.39
CA LYS B 143 -13.88 -33.47 22.07
C LYS B 143 -12.67 -32.56 22.30
N ILE B 144 -12.36 -31.75 21.30
CA ILE B 144 -11.29 -30.76 21.39
C ILE B 144 -11.88 -29.40 21.07
N ASN B 145 -11.59 -28.40 21.91
CA ASN B 145 -12.17 -27.08 21.77
C ASN B 145 -11.24 -26.19 20.93
N LEU B 146 -11.16 -26.51 19.65
CA LEU B 146 -10.42 -25.73 18.69
C LEU B 146 -11.39 -25.14 17.67
N PHE B 147 -11.25 -23.85 17.39
CA PHE B 147 -12.14 -23.15 16.48
C PHE B 147 -11.32 -22.48 15.39
N CYS B 148 -11.70 -22.72 14.13
CA CYS B 148 -11.11 -22.01 13.00
C CYS B 148 -12.07 -20.87 12.64
N CYS B 149 -11.72 -19.66 13.08
CA CYS B 149 -12.63 -18.53 12.99
C CYS B 149 -11.85 -17.24 13.19
N ASP B 150 -12.57 -16.12 13.11
CA ASP B 150 -12.03 -14.81 13.45
C ASP B 150 -12.30 -14.58 14.93
N SER B 151 -11.24 -14.64 15.75
CA SER B 151 -11.41 -14.50 17.20
C SER B 151 -12.03 -13.15 17.56
N LEU B 152 -11.78 -12.11 16.75
CA LEU B 152 -12.37 -10.81 17.03
C LEU B 152 -13.86 -10.78 16.75
N LYS B 153 -14.37 -11.73 15.97
CA LYS B 153 -15.79 -11.80 15.66
C LYS B 153 -16.54 -12.88 16.44
N LYS B 154 -15.83 -13.88 16.97
CA LYS B 154 -16.51 -15.00 17.61
C LYS B 154 -17.20 -14.56 18.89
N LYS B 155 -18.45 -14.97 19.04
CA LYS B 155 -19.21 -14.76 20.26
C LYS B 155 -18.97 -15.94 21.19
N TRP B 156 -18.42 -15.67 22.36
CA TRP B 156 -18.10 -16.71 23.34
C TRP B 156 -19.22 -16.81 24.36
N ARG B 157 -19.65 -18.04 24.66
CA ARG B 157 -20.75 -18.25 25.59
C ARG B 157 -20.36 -18.03 27.04
N TYR B 158 -19.05 -18.04 27.35
CA TYR B 158 -18.59 -17.93 28.72
C TYR B 158 -17.18 -17.35 28.73
N LYS B 159 -16.73 -16.95 29.91
CA LYS B 159 -15.42 -16.35 30.07
C LYS B 159 -14.37 -17.42 30.42
N PHE B 160 -13.11 -17.00 30.51
CA PHE B 160 -11.99 -17.92 30.62
C PHE B 160 -11.12 -17.56 31.80
N ASP B 161 -10.59 -18.61 32.46
CA ASP B 161 -9.75 -18.40 33.64
C ASP B 161 -8.38 -17.84 33.27
N TYR B 162 -7.82 -18.30 32.16
CA TYR B 162 -6.48 -17.90 31.76
C TYR B 162 -6.44 -17.73 30.25
N ILE B 163 -5.76 -16.67 29.81
CA ILE B 163 -5.58 -16.38 28.39
C ILE B 163 -4.12 -16.08 28.14
N VAL B 164 -3.51 -16.78 27.17
CA VAL B 164 -2.10 -16.61 26.82
C VAL B 164 -2.00 -16.59 25.30
N GLY B 165 -0.88 -16.07 24.80
CA GLY B 165 -0.55 -16.23 23.40
C GLY B 165 0.16 -15.01 22.83
N ASN B 166 0.30 -15.05 21.50
CA ASN B 166 1.00 -14.03 20.73
C ASN B 166 0.10 -13.57 19.59
N PRO B 167 -0.59 -12.44 19.75
CA PRO B 167 -1.59 -12.02 18.75
C PRO B 167 -0.91 -11.56 17.47
N PRO B 168 -1.66 -11.45 16.37
CA PRO B 168 -1.08 -10.88 15.15
C PRO B 168 -0.86 -9.38 15.30
N TYR B 169 0.25 -8.90 14.72
CA TYR B 169 0.56 -7.47 14.68
C TYR B 169 0.40 -7.03 13.23
N ILE B 170 -0.61 -6.21 12.96
CA ILE B 170 -0.85 -5.70 11.60
C ILE B 170 -1.23 -4.23 11.68
N GLY B 171 -0.41 -3.38 11.08
CA GLY B 171 -0.63 -1.95 11.10
C GLY B 171 -1.61 -1.49 10.04
N HIS B 172 -1.82 -0.16 10.00
CA HIS B 172 -2.84 0.42 9.15
C HIS B 172 -2.56 0.24 7.66
N LYS B 173 -1.29 0.04 7.28
CA LYS B 173 -0.98 -0.15 5.86
C LYS B 173 -1.23 -1.57 5.37
N LYS B 174 -1.10 -2.57 6.25
CA LYS B 174 -1.15 -3.95 5.82
C LYS B 174 -2.48 -4.63 6.11
N LEU B 175 -3.41 -3.92 6.74
CA LEU B 175 -4.77 -4.41 6.94
C LEU B 175 -5.65 -3.98 5.77
N GLU B 176 -6.62 -4.83 5.43
CA GLU B 176 -7.57 -4.49 4.38
C GLU B 176 -8.58 -3.45 4.86
N LYS B 177 -8.96 -2.55 3.95
CA LYS B 177 -9.83 -1.45 4.34
C LYS B 177 -11.20 -1.94 4.77
N LYS B 178 -11.73 -2.97 4.11
CA LYS B 178 -13.03 -3.51 4.50
C LYS B 178 -13.00 -4.05 5.92
N TYR B 179 -11.93 -4.75 6.29
CA TYR B 179 -11.81 -5.24 7.66
C TYR B 179 -11.68 -4.09 8.65
N LYS B 180 -10.95 -3.04 8.28
CA LYS B 180 -10.75 -1.92 9.20
C LYS B 180 -12.06 -1.19 9.49
N LYS B 181 -13.01 -1.24 8.57
CA LYS B 181 -14.33 -0.68 8.86
C LYS B 181 -15.01 -1.44 9.99
N PHE B 182 -14.86 -2.77 9.99
CA PHE B 182 -15.39 -3.57 11.10
C PHE B 182 -14.72 -3.18 12.42
N LEU B 183 -13.39 -3.06 12.41
CA LEU B 183 -12.67 -2.70 13.63
C LEU B 183 -13.06 -1.30 14.11
N LEU B 184 -13.17 -0.34 13.18
CA LEU B 184 -13.56 1.02 13.56
C LEU B 184 -14.98 1.05 14.11
N GLU B 185 -15.85 0.16 13.65
CA GLU B 185 -17.22 0.10 14.17
C GLU B 185 -17.27 -0.58 15.52
N LYS B 186 -16.69 -1.77 15.64
CA LYS B 186 -16.90 -2.63 16.80
C LYS B 186 -15.84 -2.49 17.88
N TYR B 187 -14.65 -1.98 17.56
CA TYR B 187 -13.56 -1.89 18.52
C TYR B 187 -13.11 -0.45 18.73
N SER B 188 -14.06 0.50 18.64
CA SER B 188 -13.72 1.91 18.66
C SER B 188 -13.12 2.36 19.99
N GLU B 189 -13.34 1.60 21.07
CA GLU B 189 -12.76 2.00 22.36
C GLU B 189 -11.24 1.95 22.32
N VAL B 190 -10.65 1.12 21.47
CA VAL B 190 -9.20 1.01 21.38
C VAL B 190 -8.66 1.19 19.97
N TYR B 191 -9.46 1.05 18.92
CA TYR B 191 -8.96 1.07 17.55
C TYR B 191 -9.49 2.30 16.82
N LYS B 192 -8.58 3.21 16.49
CA LYS B 192 -8.89 4.40 15.70
C LYS B 192 -7.63 4.83 14.96
N ASP B 193 -7.82 5.45 13.80
CA ASP B 193 -6.76 6.13 13.05
C ASP B 193 -5.66 5.14 12.72
N LYS B 194 -4.43 5.31 13.21
CA LYS B 194 -3.31 4.44 12.86
C LYS B 194 -3.05 3.37 13.92
N ALA B 195 -4.11 2.92 14.61
CA ALA B 195 -3.98 1.86 15.59
C ALA B 195 -3.59 0.55 14.91
N ASP B 196 -3.20 -0.44 15.71
CA ASP B 196 -2.78 -1.74 15.21
C ASP B 196 -3.77 -2.81 15.60
N LEU B 197 -3.79 -3.89 14.80
CA LEU B 197 -4.74 -4.98 15.01
C LEU B 197 -4.61 -5.58 16.41
N TYR B 198 -3.39 -5.65 16.94
CA TYR B 198 -3.24 -6.27 18.26
C TYR B 198 -3.86 -5.44 19.37
N PHE B 199 -4.18 -4.17 19.11
CA PHE B 199 -4.98 -3.39 20.06
C PHE B 199 -6.30 -4.07 20.32
N CYS B 200 -6.94 -4.57 19.25
CA CYS B 200 -8.24 -5.22 19.38
C CYS B 200 -8.14 -6.57 20.08
N PHE B 201 -7.04 -7.29 19.89
CA PHE B 201 -6.86 -8.54 20.62
C PHE B 201 -6.70 -8.29 22.12
N TYR B 202 -6.02 -7.20 22.50
CA TYR B 202 -6.00 -6.81 23.90
C TYR B 202 -7.42 -6.62 24.43
N LYS B 203 -8.25 -5.86 23.72
CA LYS B 203 -9.61 -5.61 24.19
C LYS B 203 -10.40 -6.90 24.28
N LYS B 204 -10.29 -7.77 23.27
CA LYS B 204 -11.05 -9.02 23.29
C LYS B 204 -10.61 -9.91 24.44
N ILE B 205 -9.29 -10.03 24.64
CA ILE B 205 -8.77 -10.87 25.73
C ILE B 205 -9.28 -10.36 27.08
N ILE B 206 -9.22 -9.04 27.29
CA ILE B 206 -9.69 -8.46 28.53
C ILE B 206 -11.18 -8.72 28.72
N ASP B 207 -11.97 -8.57 27.65
CA ASP B 207 -13.42 -8.66 27.77
C ASP B 207 -13.88 -10.06 28.12
N ILE B 208 -13.24 -11.09 27.59
CA ILE B 208 -13.65 -12.46 27.84
C ILE B 208 -12.84 -13.12 28.96
N LEU B 209 -12.12 -12.32 29.75
CA LEU B 209 -11.38 -12.85 30.89
C LEU B 209 -12.29 -12.91 32.11
N LYS B 210 -12.31 -14.07 32.75
CA LYS B 210 -13.16 -14.28 33.92
C LYS B 210 -12.69 -13.41 35.08
N GLN B 211 -13.63 -13.09 35.97
CA GLN B 211 -13.27 -12.45 37.23
C GLN B 211 -12.27 -13.32 37.97
N GLY B 212 -11.18 -12.72 38.42
CA GLY B 212 -10.11 -13.48 39.05
C GLY B 212 -9.16 -14.17 38.11
N GLY B 213 -9.37 -14.05 36.78
CA GLY B 213 -8.50 -14.69 35.83
C GLY B 213 -7.19 -13.96 35.63
N ILE B 214 -6.30 -14.58 34.87
CA ILE B 214 -4.97 -14.04 34.58
C ILE B 214 -4.73 -14.14 33.08
N GLY B 215 -4.24 -13.06 32.48
CA GLY B 215 -3.83 -13.07 31.09
C GLY B 215 -2.39 -12.65 30.96
N SER B 216 -1.70 -13.22 29.97
CA SER B 216 -0.30 -12.90 29.73
C SER B 216 -0.03 -13.05 28.24
N VAL B 217 0.41 -11.96 27.60
CA VAL B 217 0.65 -11.94 26.16
C VAL B 217 1.98 -11.25 25.87
N ILE B 218 2.54 -11.58 24.70
CA ILE B 218 3.68 -10.86 24.15
C ILE B 218 3.20 -10.12 22.91
N THR B 219 3.41 -8.80 22.90
CA THR B 219 2.96 -7.92 21.82
C THR B 219 4.08 -6.94 21.50
N PRO B 220 3.93 -6.10 20.47
CA PRO B 220 4.87 -4.99 20.31
C PRO B 220 4.85 -4.09 21.52
N ARG B 221 5.98 -3.45 21.78
CA ARG B 221 6.11 -2.51 22.88
C ARG B 221 5.55 -1.13 22.56
N TYR B 222 5.28 -0.84 21.29
CA TYR B 222 5.07 0.55 20.87
C TYR B 222 3.84 1.18 21.52
N PHE B 223 2.81 0.38 21.82
CA PHE B 223 1.61 0.95 22.43
C PHE B 223 1.88 1.57 23.80
N LEU B 224 3.01 1.22 24.43
CA LEU B 224 3.33 1.79 25.73
C LEU B 224 3.60 3.29 25.65
N GLU B 225 4.02 3.78 24.49
CA GLU B 225 4.37 5.19 24.33
C GLU B 225 3.67 5.89 23.19
N SER B 226 3.19 5.16 22.17
CA SER B 226 2.74 5.79 20.94
C SER B 226 1.45 6.60 21.15
N LEU B 227 1.26 7.58 20.27
CA LEU B 227 0.01 8.34 20.26
C LEU B 227 -1.17 7.45 19.94
N SER B 228 -1.00 6.49 19.03
CA SER B 228 -2.10 5.61 18.65
C SER B 228 -2.58 4.78 19.84
N GLY B 229 -1.69 4.38 20.73
CA GLY B 229 -2.06 3.53 21.84
C GLY B 229 -2.71 4.20 23.02
N LYS B 230 -3.03 5.48 22.91
CA LYS B 230 -3.59 6.22 24.05
C LYS B 230 -4.86 5.58 24.58
N ASP B 231 -5.80 5.26 23.69
CA ASP B 231 -7.05 4.67 24.13
C ASP B 231 -6.83 3.26 24.69
N LEU B 232 -5.92 2.49 24.09
CA LEU B 232 -5.66 1.14 24.58
C LEU B 232 -5.07 1.19 25.99
N ARG B 233 -4.16 2.12 26.26
CA ARG B 233 -3.62 2.26 27.60
C ARG B 233 -4.73 2.57 28.60
N GLU B 234 -5.67 3.45 28.22
CA GLU B 234 -6.78 3.75 29.11
C GLU B 234 -7.68 2.54 29.33
N TYR B 235 -7.92 1.75 28.29
CA TYR B 235 -8.75 0.56 28.44
C TYR B 235 -8.08 -0.47 29.34
N ILE B 236 -6.77 -0.68 29.15
CA ILE B 236 -6.03 -1.62 30.01
C ILE B 236 -6.04 -1.14 31.45
N LYS B 237 -5.71 0.14 31.65
CA LYS B 237 -5.55 0.67 33.00
C LYS B 237 -6.85 0.58 33.80
N SER B 238 -7.99 0.81 33.15
CA SER B 238 -9.26 0.90 33.85
C SER B 238 -10.03 -0.41 33.93
N ASN B 239 -9.58 -1.47 33.27
CA ASN B 239 -10.33 -2.72 33.26
C ASN B 239 -9.60 -3.90 33.88
N VAL B 240 -8.27 -3.88 33.98
CA VAL B 240 -7.51 -4.96 34.60
C VAL B 240 -6.46 -4.35 35.52
N ASN B 241 -5.88 -5.20 36.37
CA ASN B 241 -4.70 -4.84 37.15
C ASN B 241 -3.48 -5.41 36.43
N VAL B 242 -2.56 -4.54 36.05
CA VAL B 242 -1.34 -5.00 35.39
C VAL B 242 -0.37 -5.50 36.45
N GLN B 243 -0.09 -6.81 36.42
CA GLN B 243 0.85 -7.38 37.37
C GLN B 243 2.29 -7.02 37.01
N GLU B 244 2.65 -7.11 35.73
CA GLU B 244 4.04 -7.07 35.33
C GLU B 244 4.13 -6.63 33.88
N ILE B 245 5.15 -5.83 33.58
CA ILE B 245 5.50 -5.46 32.21
C ILE B 245 6.98 -5.76 32.02
N VAL B 246 7.31 -6.53 31.00
CA VAL B 246 8.69 -6.83 30.65
C VAL B 246 8.99 -6.12 29.33
N ASP B 247 9.79 -5.07 29.40
CA ASP B 247 10.11 -4.25 28.23
C ASP B 247 11.48 -4.65 27.73
N PHE B 248 11.53 -5.24 26.54
CA PHE B 248 12.79 -5.61 25.90
C PHE B 248 13.40 -4.46 25.11
N LEU B 249 12.77 -3.28 25.12
CA LEU B 249 13.24 -2.11 24.37
C LEU B 249 13.50 -2.53 22.93
N GLY B 250 14.61 -2.13 22.32
CA GLY B 250 14.91 -2.48 20.95
C GLY B 250 15.56 -3.82 20.73
N ALA B 251 15.61 -4.68 21.75
CA ALA B 251 16.19 -6.00 21.58
C ALA B 251 15.41 -6.80 20.56
N ASN B 252 16.10 -7.74 19.91
CA ASN B 252 15.50 -8.54 18.84
C ASN B 252 15.11 -9.90 19.42
N ILE B 253 13.83 -10.03 19.76
CA ILE B 253 13.30 -11.26 20.35
C ILE B 253 12.91 -12.26 19.28
N PHE B 254 12.38 -11.79 18.14
CA PHE B 254 11.96 -12.65 17.05
C PHE B 254 13.00 -12.59 15.94
N LYS B 255 13.58 -13.74 15.60
CA LYS B 255 14.67 -13.79 14.64
C LYS B 255 14.20 -13.34 13.26
N ASN B 256 14.96 -12.43 12.65
CA ASN B 256 14.68 -11.90 11.32
C ASN B 256 13.33 -11.19 11.24
N ILE B 257 12.88 -10.62 12.36
CA ILE B 257 11.65 -9.85 12.41
C ILE B 257 11.99 -8.46 12.94
N GLY B 258 11.62 -7.43 12.19
CA GLY B 258 11.83 -6.06 12.62
C GLY B 258 10.73 -5.57 13.53
N VAL B 259 10.73 -6.03 14.78
CA VAL B 259 9.74 -5.62 15.76
C VAL B 259 10.40 -5.59 17.12
N SER B 260 9.86 -4.77 18.02
CA SER B 260 10.32 -4.69 19.40
C SER B 260 9.18 -5.08 20.32
N SER B 261 9.50 -5.83 21.36
CA SER B 261 8.53 -6.64 22.08
C SER B 261 8.43 -6.26 23.54
N CYS B 262 7.26 -6.58 24.12
CA CYS B 262 7.06 -6.54 25.55
C CYS B 262 6.12 -7.68 25.93
N ILE B 263 6.17 -8.06 27.21
CA ILE B 263 5.27 -9.05 27.78
C ILE B 263 4.44 -8.36 28.85
N LEU B 264 3.12 -8.50 28.76
CA LEU B 264 2.20 -7.94 29.74
C LEU B 264 1.48 -9.06 30.45
N THR B 265 1.42 -8.99 31.78
CA THR B 265 0.64 -9.91 32.59
C THR B 265 -0.36 -9.10 33.41
N PHE B 266 -1.62 -9.51 33.38
CA PHE B 266 -2.69 -8.77 34.00
C PHE B 266 -3.74 -9.73 34.55
N ASP B 267 -4.57 -9.23 35.46
CA ASP B 267 -5.56 -10.07 36.11
C ASP B 267 -6.81 -9.25 36.40
N LYS B 268 -7.88 -9.95 36.76
CA LYS B 268 -9.10 -9.34 37.26
C LYS B 268 -9.37 -9.76 38.70
N LYS B 269 -8.30 -9.81 39.50
CA LYS B 269 -8.43 -10.14 40.91
C LYS B 269 -8.81 -8.90 41.72
N LYS B 270 -9.23 -9.15 42.97
CA LYS B 270 -9.52 -8.07 43.90
C LYS B 270 -8.20 -7.64 44.53
N THR B 271 -7.54 -6.66 43.92
CA THR B 271 -6.28 -6.14 44.41
C THR B 271 -6.51 -4.84 45.17
N LYS B 272 -5.65 -4.59 46.15
CA LYS B 272 -5.75 -3.39 46.99
C LYS B 272 -4.76 -2.32 46.57
N GLU B 273 -3.46 -2.63 46.58
CA GLU B 273 -2.43 -1.63 46.32
C GLU B 273 -2.13 -1.47 44.83
N THR B 274 -2.28 -2.55 44.05
CA THR B 274 -2.10 -2.58 42.59
C THR B 274 -0.85 -1.82 42.12
N TYR B 275 0.32 -2.34 42.48
CA TYR B 275 1.59 -1.88 41.94
C TYR B 275 2.04 -2.80 40.80
N ILE B 276 2.72 -2.21 39.82
CA ILE B 276 3.17 -2.93 38.63
C ILE B 276 4.65 -3.26 38.80
N ASP B 277 5.01 -4.51 38.56
CA ASP B 277 6.42 -4.88 38.43
C ASP B 277 6.88 -4.57 37.01
N VAL B 278 7.88 -3.70 36.89
CA VAL B 278 8.41 -3.31 35.58
C VAL B 278 9.84 -3.82 35.47
N PHE B 279 10.10 -4.63 34.45
CA PHE B 279 11.43 -5.12 34.14
C PHE B 279 11.86 -4.49 32.83
N LYS B 280 12.87 -3.63 32.89
CA LYS B 280 13.39 -2.94 31.71
C LYS B 280 14.78 -3.47 31.43
N ILE B 281 15.02 -3.89 30.20
CA ILE B 281 16.34 -4.40 29.83
C ILE B 281 17.34 -3.26 29.84
N LYS B 282 18.55 -3.55 30.32
CA LYS B 282 19.60 -2.54 30.40
C LYS B 282 20.41 -2.43 29.12
N ASN B 283 20.59 -3.54 28.41
CA ASN B 283 21.42 -3.56 27.20
C ASN B 283 20.67 -4.34 26.13
N GLU B 284 20.38 -3.67 25.01
CA GLU B 284 19.60 -4.27 23.94
C GLU B 284 20.36 -5.31 23.15
N ASP B 285 21.66 -5.47 23.39
CA ASP B 285 22.48 -6.40 22.62
C ASP B 285 22.49 -7.82 23.17
N ILE B 286 21.90 -8.06 24.35
CA ILE B 286 22.01 -9.39 24.95
C ILE B 286 21.17 -10.39 24.16
N CYS B 287 21.47 -11.67 24.36
CA CYS B 287 20.74 -12.76 23.74
C CYS B 287 19.77 -13.36 24.73
N ILE B 288 18.57 -13.71 24.25
CA ILE B 288 17.51 -14.17 25.13
C ILE B 288 17.82 -15.51 25.77
N ASN B 289 18.75 -16.30 25.20
CA ASN B 289 19.08 -17.62 25.71
C ASN B 289 20.23 -17.60 26.70
N LYS B 290 20.43 -16.49 27.42
CA LYS B 290 21.56 -16.38 28.34
C LYS B 290 21.49 -17.45 29.43
N PHE B 291 20.30 -17.66 29.99
CA PHE B 291 20.05 -18.72 30.95
C PHE B 291 19.05 -19.71 30.35
N GLU B 292 18.70 -20.73 31.13
CA GLU B 292 17.71 -21.70 30.68
C GLU B 292 16.30 -21.12 30.74
N THR B 293 16.06 -20.16 31.63
CA THR B 293 14.74 -19.58 31.83
C THR B 293 14.80 -18.06 31.74
N LEU B 294 13.67 -17.46 31.39
CA LEU B 294 13.58 -16.01 31.37
C LEU B 294 13.64 -15.42 32.77
N GLU B 295 13.16 -16.16 33.77
CA GLU B 295 13.15 -15.64 35.13
C GLU B 295 14.56 -15.32 35.62
N GLU B 296 15.53 -16.17 35.31
CA GLU B 296 16.91 -15.88 35.67
C GLU B 296 17.39 -14.60 35.01
N LEU B 297 17.03 -14.39 33.74
CA LEU B 297 17.42 -13.17 33.04
C LEU B 297 16.81 -11.94 33.71
N LEU B 298 15.54 -12.02 34.10
CA LEU B 298 14.88 -10.88 34.71
C LEU B 298 15.52 -10.51 36.05
N LYS B 299 15.87 -11.52 36.85
CA LYS B 299 16.45 -11.26 38.17
C LYS B 299 17.92 -10.88 38.10
N SER B 300 18.58 -11.09 36.97
CA SER B 300 20.00 -10.81 36.85
C SER B 300 20.26 -9.31 36.75
N SER B 301 21.54 -8.97 36.57
CA SER B 301 21.96 -7.59 36.40
C SER B 301 21.64 -7.06 35.01
N LYS B 302 21.20 -7.92 34.08
CA LYS B 302 20.89 -7.49 32.73
C LYS B 302 19.53 -6.82 32.62
N PHE B 303 18.73 -6.83 33.69
CA PHE B 303 17.44 -6.16 33.71
C PHE B 303 17.34 -5.26 34.94
N GLU B 304 16.68 -4.12 34.77
CA GLU B 304 16.36 -3.23 35.88
C GLU B 304 14.92 -3.48 36.30
N HIS B 305 14.68 -3.46 37.60
CA HIS B 305 13.34 -3.64 38.14
C HIS B 305 12.94 -2.44 38.98
N PHE B 306 11.71 -1.99 38.81
CA PHE B 306 11.12 -0.96 39.67
C PHE B 306 9.61 -1.11 39.61
N ASN B 307 8.94 -0.45 40.55
CA ASN B 307 7.49 -0.55 40.68
C ASN B 307 6.83 0.76 40.27
N ILE B 308 5.64 0.64 39.69
CA ILE B 308 4.81 1.77 39.30
C ILE B 308 3.43 1.58 39.89
N ASN B 309 2.92 2.60 40.57
CA ASN B 309 1.56 2.57 41.09
C ASN B 309 0.59 2.79 39.93
N GLN B 310 -0.20 1.76 39.61
CA GLN B 310 -1.11 1.85 38.49
C GLN B 310 -2.15 2.94 38.68
N ARG B 311 -2.60 3.16 39.91
CA ARG B 311 -3.60 4.19 40.18
C ARG B 311 -3.09 5.58 39.82
N LEU B 312 -1.77 5.79 39.84
CA LEU B 312 -1.17 7.08 39.58
C LEU B 312 -0.86 7.31 38.11
N LEU B 313 -1.20 6.37 37.23
CA LEU B 313 -0.92 6.55 35.81
C LEU B 313 -1.86 7.57 35.19
N SER B 314 -1.31 8.41 34.32
CA SER B 314 -2.09 9.33 33.52
C SER B 314 -2.42 8.68 32.17
N ASP B 315 -2.87 9.48 31.21
CA ASP B 315 -3.03 8.96 29.84
C ASP B 315 -1.71 8.53 29.24
N GLU B 316 -0.60 9.07 29.73
CA GLU B 316 0.74 8.68 29.30
C GLU B 316 1.36 7.80 30.38
N TRP B 317 1.84 6.61 29.99
CA TRP B 317 2.51 5.71 30.91
C TRP B 317 4.00 6.02 30.88
N ILE B 318 4.48 6.75 31.88
CA ILE B 318 5.89 7.07 32.01
C ILE B 318 6.46 6.06 33.00
N LEU B 319 6.96 4.95 32.47
CA LEU B 319 7.47 3.84 33.29
C LEU B 319 8.98 4.00 33.42
N VAL B 320 9.37 4.82 34.41
CA VAL B 320 10.78 5.07 34.69
C VAL B 320 11.01 4.99 36.20
N ASN B 321 12.27 4.82 36.57
CA ASN B 321 12.62 4.77 37.98
C ASN B 321 12.43 6.14 38.63
N LYS B 322 12.58 6.17 39.95
CA LYS B 322 12.35 7.41 40.70
C LYS B 322 13.31 8.51 40.28
N ASP B 323 14.56 8.16 39.93
CA ASP B 323 15.52 9.16 39.49
C ASP B 323 15.03 9.87 38.23
N ASP B 324 14.66 9.10 37.20
CA ASP B 324 14.21 9.71 35.96
C ASP B 324 12.94 10.51 36.16
N GLU B 325 12.05 10.04 37.04
CA GLU B 325 10.82 10.78 37.31
C GLU B 325 11.12 12.17 37.87
N THR B 326 12.04 12.24 38.84
CA THR B 326 12.41 13.54 39.41
C THR B 326 13.14 14.41 38.38
N PHE B 327 14.05 13.81 37.62
CA PHE B 327 14.74 14.53 36.55
C PHE B 327 13.74 15.10 35.56
N TYR B 328 12.79 14.28 35.13
CA TYR B 328 11.78 14.71 34.17
C TYR B 328 10.90 15.82 34.74
N ASN B 329 10.48 15.68 36.01
CA ASN B 329 9.59 16.67 36.60
C ASN B 329 10.28 18.02 36.77
N LYS B 330 11.57 18.02 37.13
CA LYS B 330 12.29 19.27 37.29
C LYS B 330 12.31 20.07 35.99
N ILE B 331 12.60 19.39 34.88
CA ILE B 331 12.65 20.06 33.58
C ILE B 331 11.27 20.57 33.19
N GLN B 332 10.24 19.74 33.36
CA GLN B 332 8.90 20.13 32.97
C GLN B 332 8.44 21.37 33.73
N GLU B 333 8.70 21.42 35.04
CA GLU B 333 8.26 22.55 35.84
C GLU B 333 9.05 23.82 35.52
N LYS B 334 10.36 23.69 35.34
CA LYS B 334 11.20 24.87 35.10
C LYS B 334 10.89 25.53 33.77
N CYS B 335 10.53 24.74 32.74
CA CYS B 335 10.33 25.28 31.40
C CYS B 335 8.92 25.83 31.25
N LYS B 336 8.83 27.08 30.82
CA LYS B 336 7.54 27.75 30.65
C LYS B 336 6.98 27.66 29.24
N TYR B 337 7.73 27.10 28.30
CA TYR B 337 7.30 27.03 26.91
C TYR B 337 7.50 25.63 26.38
N SER B 338 6.70 25.28 25.38
CA SER B 338 6.91 24.08 24.58
C SER B 338 7.20 24.49 23.14
N LEU B 339 7.87 23.60 22.40
CA LEU B 339 8.13 23.87 21.01
C LEU B 339 6.85 24.13 20.23
N GLU B 340 5.76 23.47 20.62
CA GLU B 340 4.48 23.70 19.97
C GLU B 340 4.04 25.16 20.10
N ASP B 341 4.31 25.77 21.26
CA ASP B 341 3.91 27.15 21.48
C ASP B 341 4.60 28.09 20.51
N ILE B 342 5.91 27.91 20.29
CA ILE B 342 6.73 28.90 19.61
C ILE B 342 7.03 28.58 18.16
N ALA B 343 6.69 27.38 17.68
CA ALA B 343 7.15 26.94 16.37
C ALA B 343 5.99 26.44 15.52
N ILE B 344 6.21 26.48 14.21
CA ILE B 344 5.32 25.86 13.22
C ILE B 344 6.00 24.60 12.72
N SER B 345 5.32 23.46 12.86
CA SER B 345 5.89 22.15 12.56
C SER B 345 5.24 21.58 11.30
N PHE B 346 6.03 20.88 10.49
CA PHE B 346 5.46 20.24 9.30
C PHE B 346 6.31 19.06 8.87
N GLN B 347 5.65 18.08 8.25
CA GLN B 347 6.29 16.91 7.69
C GLN B 347 6.82 17.21 6.29
N GLY B 348 7.85 16.49 5.89
CA GLY B 348 8.45 16.68 4.59
C GLY B 348 7.52 16.30 3.44
N ILE B 349 8.07 16.44 2.22
CA ILE B 349 7.33 16.12 1.01
C ILE B 349 7.03 14.62 0.97
N ILE B 350 5.88 14.27 0.42
CA ILE B 350 5.54 12.89 0.09
C ILE B 350 5.20 12.87 -1.39
N THR B 351 6.17 12.47 -2.23
CA THR B 351 5.93 12.44 -3.66
C THR B 351 4.90 11.37 -4.03
N GLY B 352 4.94 10.23 -3.35
CA GLY B 352 4.15 9.07 -3.69
C GLY B 352 4.90 8.06 -4.54
N CYS B 353 5.93 8.49 -5.26
CA CYS B 353 6.84 7.57 -5.94
C CYS B 353 8.16 8.30 -6.11
N ASP B 354 9.11 8.06 -5.21
CA ASP B 354 10.33 8.86 -5.18
C ASP B 354 11.16 8.66 -6.44
N LYS B 355 11.17 7.45 -6.99
CA LYS B 355 11.99 7.18 -8.17
C LYS B 355 11.60 8.06 -9.35
N ALA B 356 10.33 8.48 -9.42
CA ALA B 356 9.86 9.30 -10.53
C ALA B 356 10.28 10.76 -10.41
N PHE B 357 10.60 11.24 -9.21
CA PHE B 357 10.84 12.66 -8.98
C PHE B 357 12.22 13.00 -8.43
N ILE B 358 12.93 12.04 -7.84
CA ILE B 358 14.21 12.30 -7.19
C ILE B 358 15.33 11.81 -8.10
N LEU B 359 16.27 12.70 -8.40
CA LEU B 359 17.42 12.39 -9.23
C LEU B 359 18.70 12.62 -8.45
N SER B 360 19.69 11.78 -8.68
CA SER B 360 21.04 12.11 -8.24
C SER B 360 21.50 13.39 -8.92
N LYS B 361 22.21 14.24 -8.18
CA LYS B 361 22.61 15.52 -8.76
C LYS B 361 23.58 15.34 -9.92
N ASP B 362 24.23 14.18 -10.03
CA ASP B 362 25.09 13.85 -11.15
C ASP B 362 24.35 13.18 -12.30
N ASP B 363 23.05 12.96 -12.18
CA ASP B 363 22.28 12.31 -13.24
C ASP B 363 22.19 13.20 -14.46
N VAL B 364 22.33 12.59 -15.64
CA VAL B 364 22.31 13.35 -16.89
C VAL B 364 20.91 13.84 -17.22
N LYS B 365 19.87 13.14 -16.75
CA LYS B 365 18.50 13.53 -17.06
C LYS B 365 18.15 14.89 -16.49
N LEU B 366 18.93 15.40 -15.53
CA LEU B 366 18.67 16.72 -14.97
C LEU B 366 18.87 17.84 -15.98
N ASN B 367 19.59 17.57 -17.08
CA ASN B 367 19.73 18.57 -18.13
C ASN B 367 18.42 18.87 -18.82
N LEU B 368 17.46 17.94 -18.78
CA LEU B 368 16.15 18.15 -19.36
C LEU B 368 15.23 18.99 -18.48
N VAL B 369 15.61 19.25 -17.23
CA VAL B 369 14.76 19.92 -16.26
C VAL B 369 15.27 21.33 -16.05
N ASP B 370 14.40 22.31 -16.29
CA ASP B 370 14.74 23.69 -16.01
C ASP B 370 15.02 23.86 -14.52
N ASP B 371 16.01 24.70 -14.21
CA ASP B 371 16.44 24.86 -12.83
C ASP B 371 15.33 25.41 -11.94
N LYS B 372 14.34 26.10 -12.51
CA LYS B 372 13.23 26.61 -11.71
C LYS B 372 12.34 25.50 -11.16
N PHE B 373 12.49 24.27 -11.64
CA PHE B 373 11.76 23.13 -11.09
C PHE B 373 12.54 22.37 -10.03
N LEU B 374 13.85 22.59 -9.92
CA LEU B 374 14.71 21.72 -9.13
C LEU B 374 14.89 22.26 -7.71
N LYS B 375 14.78 21.37 -6.74
CA LYS B 375 15.00 21.69 -5.33
C LYS B 375 16.05 20.74 -4.76
N CYS B 376 16.81 21.23 -3.78
CA CYS B 376 17.74 20.38 -3.07
C CYS B 376 16.97 19.39 -2.19
N TRP B 377 17.52 18.18 -2.07
CA TRP B 377 16.81 17.06 -1.47
C TRP B 377 17.75 16.32 -0.54
N ILE B 378 17.43 16.28 0.75
CA ILE B 378 18.26 15.61 1.74
C ILE B 378 17.48 14.45 2.33
N LYS B 379 18.23 13.50 2.91
CA LYS B 379 17.68 12.34 3.59
C LYS B 379 18.05 12.41 5.07
N SER B 380 17.51 11.46 5.84
CA SER B 380 17.70 11.50 7.29
C SER B 380 19.17 11.50 7.67
N LYS B 381 20.01 10.80 6.91
CA LYS B 381 21.42 10.70 7.27
C LYS B 381 22.20 11.99 7.03
N ASN B 382 21.61 12.96 6.32
CA ASN B 382 22.30 14.23 6.11
C ASN B 382 22.22 15.15 7.33
N ILE B 383 21.36 14.86 8.29
CA ILE B 383 21.19 15.72 9.45
C ILE B 383 22.24 15.35 10.49
N ASN B 384 23.10 16.31 10.82
CA ASN B 384 23.96 16.23 11.98
C ASN B 384 23.46 17.24 13.01
N LYS B 385 24.09 17.22 14.17
CA LYS B 385 23.89 18.31 15.11
C LYS B 385 24.32 19.62 14.46
N TYR B 386 23.44 20.61 14.53
CA TYR B 386 23.65 22.01 14.18
C TYR B 386 23.71 22.35 12.69
N ILE B 387 23.98 21.39 11.80
CA ILE B 387 24.15 21.71 10.38
C ILE B 387 23.83 20.48 9.55
N VAL B 388 23.45 20.73 8.30
CA VAL B 388 23.05 19.69 7.35
C VAL B 388 24.18 19.44 6.38
N ASP B 389 24.43 18.17 6.08
CA ASP B 389 25.37 17.81 5.03
C ASP B 389 24.88 18.31 3.67
N LYS B 390 25.81 18.49 2.75
CA LYS B 390 25.46 18.92 1.41
C LYS B 390 24.57 17.88 0.74
N SER B 391 23.54 18.35 0.03
CA SER B 391 22.58 17.46 -0.59
C SER B 391 23.18 16.76 -1.81
N GLU B 392 22.87 15.49 -1.96
CA GLU B 392 23.32 14.69 -3.10
C GLU B 392 22.22 14.45 -4.13
N TYR B 393 21.01 14.94 -3.88
CA TYR B 393 19.86 14.65 -4.72
C TYR B 393 19.14 15.93 -5.06
N ARG B 394 18.28 15.85 -6.09
CA ARG B 394 17.44 16.95 -6.51
C ARG B 394 16.01 16.46 -6.65
N LEU B 395 15.07 17.32 -6.30
CA LEU B 395 13.65 17.04 -6.43
C LEU B 395 13.08 17.85 -7.58
N ILE B 396 12.32 17.18 -8.46
CA ILE B 396 11.57 17.86 -9.51
C ILE B 396 10.23 18.24 -8.91
N TYR B 397 10.05 19.52 -8.59
CA TYR B 397 8.79 19.98 -7.99
C TYR B 397 7.75 20.08 -9.09
N SER B 398 7.20 18.92 -9.45
CA SER B 398 6.34 18.79 -10.63
C SER B 398 5.00 19.49 -10.49
N ASN B 399 4.63 19.93 -9.28
CA ASN B 399 3.40 20.69 -9.12
C ASN B 399 3.43 21.99 -9.90
N ASP B 400 4.61 22.51 -10.21
CA ASP B 400 4.76 23.77 -10.92
C ASP B 400 4.84 23.61 -12.43
N ILE B 401 4.68 22.39 -12.94
CA ILE B 401 4.56 22.17 -14.38
C ILE B 401 3.10 22.42 -14.77
N ASP B 402 2.89 23.45 -15.59
CA ASP B 402 1.54 23.93 -15.85
C ASP B 402 0.76 22.96 -16.75
N ASN B 403 1.26 22.72 -17.96
CA ASN B 403 0.56 21.90 -18.94
C ASN B 403 1.42 20.70 -19.33
N GLU B 404 0.74 19.66 -19.81
CA GLU B 404 1.45 18.47 -20.26
C GLU B 404 2.20 18.69 -21.56
N ASN B 405 1.83 19.70 -22.35
CA ASN B 405 2.48 19.96 -23.63
C ASN B 405 3.72 20.83 -23.49
N THR B 406 3.70 21.79 -22.55
CA THR B 406 4.80 22.74 -22.44
C THR B 406 6.11 22.05 -22.07
N ASN B 407 6.06 21.07 -21.16
CA ASN B 407 7.26 20.39 -20.71
C ASN B 407 7.20 18.89 -21.02
N LYS B 408 6.80 18.55 -22.24
CA LYS B 408 6.56 17.15 -22.58
C LYS B 408 7.80 16.29 -22.38
N ARG B 409 8.99 16.87 -22.58
CA ARG B 409 10.22 16.09 -22.47
C ARG B 409 10.40 15.53 -21.06
N ILE B 410 10.14 16.35 -20.05
CA ILE B 410 10.27 15.90 -18.67
C ILE B 410 9.26 14.81 -18.35
N LEU B 411 8.00 15.00 -18.78
CA LEU B 411 6.97 14.01 -18.50
C LEU B 411 7.24 12.70 -19.22
N ASP B 412 7.72 12.78 -20.47
CA ASP B 412 7.89 11.55 -21.25
C ASP B 412 9.11 10.75 -20.80
N GLU B 413 10.20 11.43 -20.45
CA GLU B 413 11.47 10.74 -20.25
C GLU B 413 11.85 10.53 -18.78
N ILE B 414 11.25 11.26 -17.85
CA ILE B 414 11.65 11.14 -16.45
C ILE B 414 10.49 10.68 -15.59
N ILE B 415 9.43 11.50 -15.50
CA ILE B 415 8.33 11.19 -14.61
C ILE B 415 7.47 10.06 -15.18
N GLY B 416 7.21 10.09 -16.50
CA GLY B 416 6.32 9.13 -17.11
C GLY B 416 6.81 7.70 -17.06
N LEU B 417 8.09 7.49 -16.74
CA LEU B 417 8.60 6.13 -16.60
C LEU B 417 7.87 5.37 -15.50
N TYR B 418 7.18 6.08 -14.60
CA TYR B 418 6.46 5.48 -13.50
C TYR B 418 4.98 5.88 -13.53
N LYS B 419 4.46 6.15 -14.73
CA LYS B 419 3.11 6.69 -14.87
C LYS B 419 2.07 5.74 -14.28
N THR B 420 2.24 4.43 -14.51
CA THR B 420 1.26 3.47 -14.00
C THR B 420 1.22 3.49 -12.48
N LYS B 421 2.40 3.53 -11.83
CA LYS B 421 2.44 3.61 -10.37
C LYS B 421 1.83 4.92 -9.88
N LEU B 422 2.13 6.02 -10.58
CA LEU B 422 1.62 7.32 -10.17
C LEU B 422 0.10 7.38 -10.27
N GLU B 423 -0.47 6.75 -11.29
CA GLU B 423 -1.91 6.76 -11.46
C GLU B 423 -2.63 5.89 -10.44
N ASN B 424 -1.91 5.04 -9.71
CA ASN B 424 -2.51 4.23 -8.66
C ASN B 424 -2.59 4.95 -7.33
N ARG B 425 -1.99 6.14 -7.22
CA ARG B 425 -2.08 6.91 -6.00
C ARG B 425 -3.52 7.39 -5.77
N ARG B 426 -3.90 7.44 -4.50
CA ARG B 426 -5.31 7.63 -4.14
C ARG B 426 -5.88 8.91 -4.73
N GLU B 427 -5.14 10.01 -4.64
CA GLU B 427 -5.64 11.29 -5.11
C GLU B 427 -5.62 11.42 -6.63
N CYS B 428 -4.83 10.59 -7.32
CA CYS B 428 -4.95 10.52 -8.77
C CYS B 428 -6.22 9.79 -9.18
N LYS B 429 -6.52 8.66 -8.50
CA LYS B 429 -7.73 7.91 -8.81
C LYS B 429 -8.99 8.71 -8.54
N SER B 430 -8.96 9.59 -7.55
CA SER B 430 -10.10 10.44 -7.24
C SER B 430 -10.19 11.67 -8.13
N GLY B 431 -9.17 11.94 -8.95
CA GLY B 431 -9.20 13.00 -9.92
C GLY B 431 -8.72 14.36 -9.44
N ILE B 432 -8.43 14.52 -8.15
CA ILE B 432 -8.02 15.84 -7.68
C ILE B 432 -6.54 16.11 -7.87
N ARG B 433 -5.75 15.11 -8.25
CA ARG B 433 -4.31 15.27 -8.44
C ARG B 433 -3.92 14.73 -9.81
N LYS B 434 -3.13 15.50 -10.55
CA LYS B 434 -2.66 15.05 -11.84
C LYS B 434 -1.65 13.91 -11.68
N TRP B 435 -1.57 13.06 -12.70
CA TRP B 435 -0.74 11.86 -12.59
C TRP B 435 0.74 12.22 -12.41
N TYR B 436 1.17 13.37 -12.92
CA TYR B 436 2.57 13.75 -12.82
C TYR B 436 2.87 14.65 -11.63
N GLU B 437 1.86 15.03 -10.85
CA GLU B 437 2.07 15.91 -9.71
C GLU B 437 2.50 15.13 -8.48
N LEU B 438 3.17 15.84 -7.57
CA LEU B 438 3.51 15.27 -6.27
C LEU B 438 2.24 15.00 -5.47
N GLN B 439 2.21 13.86 -4.78
CA GLN B 439 1.01 13.50 -4.04
C GLN B 439 0.71 14.50 -2.94
N TRP B 440 1.70 14.82 -2.12
CA TRP B 440 1.57 15.84 -1.06
C TRP B 440 2.77 16.77 -1.19
N GLY B 441 2.62 17.79 -2.04
CA GLY B 441 3.70 18.71 -2.31
C GLY B 441 3.92 19.77 -1.25
N ARG B 442 3.05 19.83 -0.26
CA ARG B 442 3.18 20.74 0.88
C ARG B 442 3.23 22.18 0.34
N GLU B 443 3.88 23.07 1.08
CA GLU B 443 3.99 24.48 0.73
C GLU B 443 5.46 24.84 0.58
N LYS B 444 5.83 25.29 -0.62
CA LYS B 444 7.24 25.65 -0.88
C LYS B 444 7.71 26.77 0.04
N LEU B 445 6.82 27.70 0.40
CA LEU B 445 7.20 28.80 1.29
C LEU B 445 7.64 28.31 2.66
N PHE B 446 7.26 27.08 3.04
CA PHE B 446 7.70 26.53 4.32
C PHE B 446 9.11 25.97 4.26
N PHE B 447 9.52 25.41 3.11
CA PHE B 447 10.85 24.84 2.98
C PHE B 447 11.89 25.85 2.57
N GLU B 448 11.52 26.86 1.79
CA GLU B 448 12.48 27.83 1.26
C GLU B 448 12.62 29.01 2.22
N ARG B 449 13.14 28.69 3.40
CA ARG B 449 13.38 29.66 4.45
C ARG B 449 14.33 29.03 5.46
N LYS B 450 14.87 29.86 6.34
CA LYS B 450 15.65 29.35 7.46
C LYS B 450 14.74 28.54 8.38
N LYS B 451 15.20 27.34 8.76
CA LYS B 451 14.37 26.44 9.55
C LYS B 451 15.28 25.41 10.22
N ILE B 452 14.69 24.66 11.13
CA ILE B 452 15.37 23.59 11.85
C ILE B 452 14.84 22.26 11.34
N MET B 453 15.74 21.35 11.00
CA MET B 453 15.38 20.03 10.50
C MET B 453 15.99 18.96 11.37
N TYR B 454 15.29 17.83 11.48
CA TYR B 454 15.77 16.72 12.29
C TYR B 454 15.31 15.40 11.68
N PRO B 455 16.07 14.32 11.87
CA PRO B 455 15.65 13.02 11.31
C PRO B 455 14.44 12.47 12.04
N TYR B 456 13.61 11.73 11.31
CA TYR B 456 12.41 11.17 11.92
C TYR B 456 12.71 9.96 12.77
N LYS B 457 13.86 9.32 12.59
CA LYS B 457 14.28 8.17 13.37
C LYS B 457 15.78 8.29 13.59
N SER B 458 16.22 8.17 14.84
CA SER B 458 17.61 8.42 15.15
C SER B 458 17.95 7.83 16.50
N ASN B 459 19.25 7.71 16.76
CA ASN B 459 19.75 7.26 18.05
C ASN B 459 19.91 8.39 19.06
N GLU B 460 19.89 9.64 18.61
CA GLU B 460 20.19 10.77 19.49
C GLU B 460 19.62 12.03 18.87
N ASN B 461 19.58 13.09 19.69
CA ASN B 461 19.07 14.38 19.24
C ASN B 461 19.99 14.95 18.16
N ARG B 462 19.42 15.19 16.97
CA ARG B 462 20.14 15.79 15.86
C ARG B 462 19.24 16.87 15.26
N PHE B 463 19.36 18.09 15.78
CA PHE B 463 18.62 19.24 15.29
C PHE B 463 19.58 20.20 14.62
N ALA B 464 19.31 20.52 13.36
CA ALA B 464 20.21 21.30 12.53
C ALA B 464 19.51 22.52 11.98
N ILE B 465 20.23 23.63 11.90
CA ILE B 465 19.74 24.80 11.17
C ILE B 465 20.01 24.59 9.69
N ASP B 466 18.96 24.71 8.87
CA ASP B 466 19.09 24.61 7.43
C ASP B 466 19.14 26.01 6.84
N TYR B 467 20.21 26.31 6.10
CA TYR B 467 20.36 27.59 5.44
C TYR B 467 20.14 27.52 3.94
N ASP B 468 19.99 26.33 3.37
CA ASP B 468 20.09 26.14 1.93
C ASP B 468 18.77 25.74 1.28
N ASN B 469 17.65 26.06 1.92
CA ASN B 469 16.31 25.77 1.37
C ASN B 469 16.18 24.29 0.99
N ASN B 470 16.65 23.42 1.88
CA ASN B 470 16.57 21.99 1.61
C ASN B 470 15.13 21.49 1.70
N PHE B 471 14.75 20.67 0.72
CA PHE B 471 13.53 19.88 0.76
C PHE B 471 13.87 18.46 1.22
N SER B 472 12.85 17.73 1.65
CA SER B 472 13.08 16.36 2.11
C SER B 472 11.78 15.60 2.06
N SER B 473 11.89 14.27 2.14
CA SER B 473 10.73 13.41 2.27
C SER B 473 10.28 13.39 3.73
N ALA B 474 9.38 12.47 4.06
CA ALA B 474 8.86 12.37 5.42
C ALA B 474 9.82 11.70 6.39
N ASP B 475 11.05 11.42 5.97
CA ASP B 475 12.07 10.94 6.88
C ASP B 475 12.80 12.08 7.58
N VAL B 476 12.47 13.32 7.25
CA VAL B 476 13.02 14.50 7.90
C VAL B 476 11.88 15.46 8.21
N TYR B 477 11.80 15.91 9.46
CA TYR B 477 10.82 16.89 9.87
C TYR B 477 11.47 18.26 10.00
N SER B 478 10.64 19.30 9.92
CA SER B 478 11.11 20.67 9.96
C SER B 478 10.20 21.49 10.86
N PHE B 479 10.76 22.56 11.43
CA PHE B 479 9.95 23.60 12.02
C PHE B 479 10.68 24.93 11.92
N PHE B 480 9.90 26.00 11.94
CA PHE B 480 10.44 27.35 12.05
C PHE B 480 9.73 28.07 13.17
N ILE B 481 10.35 29.13 13.66
CA ILE B 481 9.86 29.85 14.84
C ILE B 481 8.76 30.81 14.41
N LYS B 482 7.68 30.85 15.20
CA LYS B 482 6.60 31.79 14.94
C LYS B 482 7.11 33.23 15.04
N GLU B 483 6.48 34.12 14.25
CA GLU B 483 6.89 35.52 14.23
C GLU B 483 6.86 36.13 15.62
N GLU B 484 5.80 35.86 16.39
CA GLU B 484 5.63 36.50 17.69
C GLU B 484 6.61 36.00 18.73
N TYR B 485 7.38 34.95 18.46
CA TYR B 485 8.36 34.44 19.41
C TYR B 485 9.80 34.67 18.96
N LEU B 486 10.01 35.29 17.80
CA LEU B 486 11.36 35.51 17.30
C LEU B 486 12.18 36.39 18.23
N ASP B 487 11.55 37.31 18.94
CA ASP B 487 12.26 38.15 19.89
C ASP B 487 12.56 37.43 21.20
N LYS B 488 11.95 36.28 21.45
CA LYS B 488 12.25 35.50 22.65
C LYS B 488 13.20 34.35 22.40
N PHE B 489 13.13 33.71 21.22
CA PHE B 489 13.93 32.54 20.92
C PHE B 489 14.54 32.66 19.52
N SER B 490 15.81 32.30 19.41
CA SER B 490 16.50 32.25 18.13
C SER B 490 16.79 30.81 17.74
N TYR B 491 17.04 30.60 16.44
CA TYR B 491 17.36 29.27 15.95
C TYR B 491 18.65 28.76 16.56
N GLU B 492 19.61 29.64 16.80
CA GLU B 492 20.88 29.21 17.36
C GLU B 492 20.75 28.80 18.82
N TYR B 493 19.88 29.50 19.58
CA TYR B 493 19.62 29.08 20.95
C TYR B 493 18.92 27.73 20.98
N LEU B 494 17.94 27.51 20.09
CA LEU B 494 17.14 26.29 20.14
C LEU B 494 17.99 25.06 19.85
N VAL B 495 18.76 25.07 18.77
CA VAL B 495 19.63 23.93 18.50
C VAL B 495 20.69 23.80 19.56
N GLY B 496 21.04 24.89 20.25
CA GLY B 496 21.98 24.77 21.35
C GLY B 496 21.43 23.91 22.47
N ILE B 497 20.20 24.18 22.90
CA ILE B 497 19.65 23.39 24.00
C ILE B 497 19.12 22.04 23.50
N LEU B 498 18.63 21.97 22.25
CA LEU B 498 18.03 20.74 21.77
C LEU B 498 19.08 19.66 21.51
N ASN B 499 20.32 20.06 21.22
CA ASN B 499 21.39 19.11 20.94
C ASN B 499 22.23 18.79 22.17
N SER B 500 21.83 19.28 23.34
CA SER B 500 22.63 19.07 24.54
C SER B 500 22.42 17.67 25.11
N SER B 501 23.40 17.23 25.91
CA SER B 501 23.27 15.96 26.62
C SER B 501 22.03 15.97 27.51
N VAL B 502 21.68 17.12 28.08
CA VAL B 502 20.51 17.22 28.94
C VAL B 502 19.24 16.90 28.15
N TYR B 503 19.06 17.53 27.00
CA TYR B 503 17.83 17.34 26.25
C TYR B 503 17.79 16.01 25.53
N ASP B 504 18.94 15.39 25.24
CA ASP B 504 18.92 14.04 24.69
C ASP B 504 18.34 13.06 25.70
N LYS B 505 18.82 13.14 26.94
CA LYS B 505 18.27 12.30 28.01
C LYS B 505 16.80 12.64 28.28
N TYR B 506 16.48 13.93 28.27
CA TYR B 506 15.13 14.38 28.59
C TYR B 506 14.12 13.88 27.54
N PHE B 507 14.46 14.00 26.26
CA PHE B 507 13.54 13.52 25.22
C PHE B 507 13.33 12.01 25.31
N LYS B 508 14.41 11.26 25.57
CA LYS B 508 14.32 9.81 25.58
C LYS B 508 13.58 9.27 26.79
N ILE B 509 13.28 10.10 27.79
CA ILE B 509 12.48 9.65 28.92
C ILE B 509 11.14 9.11 28.44
N THR B 510 10.50 9.84 27.52
CA THR B 510 9.16 9.50 27.04
C THR B 510 9.12 9.16 25.56
N ALA B 511 10.28 9.11 24.89
CA ALA B 511 10.28 8.91 23.46
C ALA B 511 9.92 7.46 23.12
N LYS B 512 9.53 7.27 21.86
CA LYS B 512 9.04 5.99 21.36
C LYS B 512 10.23 5.18 20.84
N LYS B 513 10.60 4.13 21.57
CA LYS B 513 11.72 3.29 21.18
C LYS B 513 11.28 2.30 20.11
N MET B 514 11.87 2.41 18.92
CA MET B 514 11.41 1.69 17.74
C MET B 514 12.17 0.40 17.47
N SER B 515 13.49 0.47 17.46
CA SER B 515 14.34 -0.69 17.25
C SER B 515 15.68 -0.40 17.93
N LYS B 516 16.65 -1.27 17.71
CA LYS B 516 17.95 -1.10 18.37
C LYS B 516 18.56 0.24 17.98
N ASN B 517 18.80 1.09 18.98
CA ASN B 517 19.43 2.40 18.81
C ASN B 517 18.60 3.33 17.94
N ILE B 518 17.28 3.16 17.91
CA ILE B 518 16.41 4.01 17.10
C ILE B 518 15.22 4.46 17.94
N TYR B 519 15.08 5.77 18.11
CA TYR B 519 13.87 6.38 18.63
C TYR B 519 13.16 7.13 17.50
N ASP B 520 11.84 7.20 17.60
CA ASP B 520 11.08 8.07 16.72
C ASP B 520 11.29 9.52 17.17
N TYR B 521 11.64 10.39 16.22
CA TYR B 521 11.60 11.83 16.43
C TYR B 521 10.51 12.38 15.52
N TYR B 522 9.26 12.28 15.99
CA TYR B 522 8.09 12.76 15.29
C TYR B 522 7.49 13.94 16.03
N PRO B 523 6.77 14.83 15.34
CA PRO B 523 6.21 16.00 16.02
C PRO B 523 5.30 15.67 17.19
N ASN B 524 4.61 14.52 17.16
CA ASN B 524 3.67 14.22 18.23
C ASN B 524 4.36 14.09 19.58
N LYS B 525 5.68 13.93 19.60
CA LYS B 525 6.46 14.05 20.83
C LYS B 525 7.49 15.16 20.80
N VAL B 526 8.12 15.43 19.64
CA VAL B 526 9.14 16.46 19.58
C VAL B 526 8.55 17.84 19.88
N MET B 527 7.36 18.12 19.35
CA MET B 527 6.73 19.41 19.64
C MET B 527 6.28 19.54 21.09
N LYS B 528 6.26 18.45 21.85
CA LYS B 528 5.96 18.51 23.28
C LYS B 528 7.19 18.78 24.12
N ILE B 529 8.38 18.84 23.52
CA ILE B 529 9.58 19.18 24.25
C ILE B 529 9.42 20.57 24.84
N ARG B 530 9.75 20.71 26.13
CA ARG B 530 9.60 21.97 26.82
C ARG B 530 10.94 22.70 26.88
N ILE B 531 10.90 24.02 26.68
CA ILE B 531 12.09 24.84 26.59
C ILE B 531 11.97 26.00 27.57
N PHE B 532 13.11 26.55 27.94
CA PHE B 532 13.21 27.60 28.93
C PHE B 532 13.94 28.80 28.34
N ARG B 533 13.86 29.93 29.05
CA ARG B 533 14.73 31.06 28.78
C ARG B 533 14.97 31.78 30.10
N ASP B 534 16.25 32.00 30.42
CA ASP B 534 16.63 32.60 31.69
C ASP B 534 17.92 33.39 31.47
N ASN B 535 18.62 33.69 32.57
CA ASN B 535 19.81 34.53 32.51
C ASN B 535 20.94 33.91 31.70
N ASN B 536 20.90 32.61 31.46
CA ASN B 536 21.95 31.94 30.69
C ASN B 536 21.73 32.00 29.19
N TYR B 537 20.65 32.64 28.73
CA TYR B 537 20.28 32.61 27.32
C TYR B 537 21.42 33.10 26.43
N GLU B 538 22.01 34.24 26.77
CA GLU B 538 23.01 34.86 25.89
C GLU B 538 24.25 33.99 25.75
N GLU B 539 24.72 33.40 26.85
CA GLU B 539 25.93 32.59 26.78
C GLU B 539 25.66 31.26 26.06
N ILE B 540 24.49 30.66 26.29
CA ILE B 540 24.14 29.44 25.57
C ILE B 540 24.07 29.72 24.08
N GLU B 541 23.39 30.81 23.70
CA GLU B 541 23.30 31.18 22.30
C GLU B 541 24.68 31.44 21.71
N ASN B 542 25.55 32.10 22.48
CA ASN B 542 26.88 32.41 21.99
C ASN B 542 27.70 31.14 21.76
N LEU B 543 27.59 30.16 22.66
CA LEU B 543 28.31 28.91 22.47
C LEU B 543 27.82 28.17 21.24
N SER B 544 26.52 28.21 20.99
CA SER B 544 25.97 27.55 19.80
C SER B 544 26.49 28.20 18.52
N LYS B 545 26.57 29.54 18.50
CA LYS B 545 27.09 30.22 17.32
C LYS B 545 28.55 29.87 17.08
N GLN B 546 29.35 29.76 18.15
CA GLN B 546 30.75 29.38 17.99
C GLN B 546 30.87 27.98 17.40
N ILE B 547 30.03 27.05 17.86
CA ILE B 547 30.08 25.69 17.34
C ILE B 547 29.74 25.68 15.86
N ILE B 548 28.69 26.41 15.47
CA ILE B 548 28.30 26.47 14.06
C ILE B 548 29.44 27.03 13.22
N SER B 549 30.11 28.08 13.71
CA SER B 549 31.21 28.67 12.96
C SER B 549 32.34 27.66 12.74
N ILE B 550 32.66 26.87 13.77
CA ILE B 550 33.69 25.86 13.63
C ILE B 550 33.26 24.78 12.64
N LEU B 551 32.01 24.33 12.76
CA LEU B 551 31.54 23.25 11.88
C LEU B 551 31.51 23.68 10.42
N LEU B 552 31.30 24.97 10.16
CA LEU B 552 31.29 25.49 8.80
C LEU B 552 32.67 25.91 8.31
N ASN B 553 33.69 25.79 9.14
CA ASN B 553 35.04 26.19 8.77
C ASN B 553 35.68 25.15 7.85
N LYS B 554 36.82 25.52 7.28
CA LYS B 554 37.56 24.60 6.41
C LYS B 554 38.26 23.52 7.22
N SER B 555 38.92 23.90 8.31
CA SER B 555 39.52 22.96 9.25
C SER B 555 38.62 22.90 10.47
N ILE B 556 38.03 21.73 10.71
CA ILE B 556 37.10 21.55 11.83
C ILE B 556 37.89 20.99 13.02
N ASP B 557 37.90 21.75 14.11
CA ASP B 557 38.55 21.33 15.35
C ASP B 557 37.50 20.61 16.19
N LYS B 558 37.41 19.29 16.01
CA LYS B 558 36.42 18.51 16.76
C LYS B 558 36.68 18.60 18.25
N GLY B 559 37.93 18.79 18.67
CA GLY B 559 38.22 18.95 20.08
C GLY B 559 37.64 20.23 20.66
N LYS B 560 37.70 21.32 19.89
CA LYS B 560 37.17 22.59 20.39
C LYS B 560 35.65 22.57 20.46
N VAL B 561 35.00 21.88 19.51
CA VAL B 561 33.55 21.75 19.55
C VAL B 561 33.12 21.00 20.82
N GLU B 562 33.81 19.92 21.14
CA GLU B 562 33.46 19.14 22.33
C GLU B 562 33.61 19.98 23.60
N LYS B 563 34.70 20.75 23.70
CA LYS B 563 34.88 21.63 24.85
C LYS B 563 33.74 22.64 24.95
N LEU B 564 33.37 23.26 23.82
CA LEU B 564 32.26 24.20 23.82
C LEU B 564 30.94 23.49 24.14
N GLN B 565 30.75 22.28 23.62
CA GLN B 565 29.53 21.53 23.89
C GLN B 565 29.40 21.18 25.37
N ILE B 566 30.49 20.75 26.00
CA ILE B 566 30.46 20.45 27.44
C ILE B 566 30.14 21.70 28.24
N LYS B 567 30.74 22.83 27.86
CA LYS B 567 30.47 24.08 28.54
C LYS B 567 28.98 24.45 28.44
N MET B 568 28.38 24.25 27.27
CA MET B 568 26.96 24.51 27.11
C MET B 568 26.11 23.53 27.92
N ASP B 569 26.53 22.26 27.97
CA ASP B 569 25.79 21.27 28.76
C ASP B 569 25.68 21.69 30.22
N ASN B 570 26.79 22.15 30.80
CA ASN B 570 26.79 22.53 32.21
C ASN B 570 25.89 23.74 32.45
N LEU B 571 25.88 24.69 31.51
CA LEU B 571 25.01 25.86 31.65
C LEU B 571 23.54 25.45 31.67
N ILE B 572 23.18 24.46 30.83
CA ILE B 572 21.81 23.99 30.81
C ILE B 572 21.47 23.21 32.07
N MET B 573 22.41 22.39 32.56
CA MET B 573 22.22 21.70 33.82
C MET B 573 22.03 22.70 34.95
N ASP B 574 22.80 23.79 34.96
CA ASP B 574 22.64 24.82 35.98
C ASP B 574 21.27 25.49 35.87
N SER B 575 20.83 25.78 34.64
CA SER B 575 19.56 26.47 34.46
C SER B 575 18.38 25.64 34.96
N LEU B 576 18.42 24.33 34.72
CA LEU B 576 17.30 23.45 35.07
C LEU B 576 17.46 22.83 36.46
N GLY B 577 18.54 23.12 37.17
CA GLY B 577 18.74 22.59 38.51
C GLY B 577 18.94 21.10 38.58
N ILE B 578 19.65 20.52 37.61
CA ILE B 578 19.88 19.08 37.58
C ILE B 578 21.36 18.77 37.49
N GLY C 29 29.28 -29.17 -27.00
CA GLY C 29 28.39 -29.74 -27.99
C GLY C 29 28.96 -30.97 -28.68
N ILE C 30 28.42 -31.30 -29.86
CA ILE C 30 28.84 -32.43 -30.67
C ILE C 30 28.57 -33.73 -29.93
N TYR C 31 27.31 -33.99 -29.61
CA TYR C 31 26.90 -35.24 -28.98
C TYR C 31 26.08 -36.04 -29.98
N TYR C 32 26.53 -37.25 -30.28
CA TYR C 32 25.90 -38.11 -31.27
C TYR C 32 24.85 -38.98 -30.59
N THR C 33 23.58 -38.71 -30.89
CA THR C 33 22.49 -39.55 -30.42
C THR C 33 22.42 -40.84 -31.26
N PRO C 34 22.36 -42.01 -30.63
CA PRO C 34 22.35 -43.26 -31.41
C PRO C 34 21.17 -43.31 -32.37
N LYS C 35 21.41 -43.92 -33.54
CA LYS C 35 20.39 -43.95 -34.59
C LYS C 35 19.09 -44.57 -34.09
N ILE C 36 19.20 -45.58 -33.22
CA ILE C 36 18.00 -46.25 -32.71
C ILE C 36 17.15 -45.29 -31.88
N ILE C 37 17.80 -44.37 -31.15
CA ILE C 37 17.06 -43.42 -30.32
C ILE C 37 16.31 -42.41 -31.19
N VAL C 38 17.01 -41.83 -32.17
CA VAL C 38 16.40 -40.76 -32.97
C VAL C 38 15.26 -41.32 -33.82
N ASP C 39 15.44 -42.52 -34.38
CA ASP C 39 14.37 -43.14 -35.16
C ASP C 39 13.12 -43.33 -34.31
N TYR C 40 13.29 -43.79 -33.07
CA TYR C 40 12.16 -43.94 -32.16
C TYR C 40 11.50 -42.59 -31.86
N ILE C 41 12.30 -41.55 -31.66
CA ILE C 41 11.75 -40.24 -31.32
C ILE C 41 11.00 -39.64 -32.50
N VAL C 42 11.57 -39.75 -33.71
CA VAL C 42 10.87 -39.26 -34.89
C VAL C 42 9.59 -40.05 -35.11
N LYS C 43 9.65 -41.37 -34.94
CA LYS C 43 8.45 -42.19 -35.06
C LYS C 43 7.40 -41.80 -34.04
N LYS C 44 7.83 -41.51 -32.81
CA LYS C 44 6.88 -41.20 -31.75
C LYS C 44 6.07 -39.94 -32.03
N THR C 45 6.56 -39.06 -32.90
CA THR C 45 5.87 -37.81 -33.20
C THR C 45 5.10 -37.85 -34.51
N LEU C 46 5.63 -38.50 -35.55
CA LEU C 46 5.06 -38.43 -36.88
C LEU C 46 4.29 -39.69 -37.29
N LYS C 47 4.18 -40.69 -36.42
CA LYS C 47 3.59 -41.96 -36.83
C LYS C 47 2.12 -41.82 -37.22
N ASN C 48 1.41 -40.87 -36.63
CA ASN C 48 -0.03 -40.72 -36.83
C ASN C 48 -0.39 -39.37 -37.44
N HIS C 49 0.52 -38.77 -38.20
CA HIS C 49 0.22 -37.50 -38.84
C HIS C 49 -0.51 -37.72 -40.15
N ASP C 50 -1.68 -37.10 -40.28
CA ASP C 50 -2.47 -37.18 -41.52
C ASP C 50 -1.94 -36.12 -42.48
N ILE C 51 -1.07 -36.55 -43.41
CA ILE C 51 -0.51 -35.60 -44.36
C ILE C 51 -1.56 -35.10 -45.34
N ILE C 52 -2.63 -35.85 -45.55
CA ILE C 52 -3.72 -35.37 -46.40
C ILE C 52 -4.48 -34.24 -45.72
N LYS C 53 -4.78 -34.39 -44.43
CA LYS C 53 -5.54 -33.38 -43.71
C LYS C 53 -4.71 -32.11 -43.51
N ASN C 54 -3.47 -32.25 -43.07
CA ASN C 54 -2.56 -31.14 -42.87
C ASN C 54 -1.29 -31.39 -43.68
N PRO C 55 -1.23 -30.90 -44.92
CA PRO C 55 -0.01 -31.06 -45.73
C PRO C 55 1.11 -30.09 -45.38
N TYR C 56 0.94 -29.26 -44.35
CA TYR C 56 1.96 -28.29 -43.95
C TYR C 56 2.30 -28.50 -42.47
N PRO C 57 2.99 -29.58 -42.14
CA PRO C 57 3.45 -29.76 -40.75
C PRO C 57 4.80 -29.08 -40.54
N ARG C 58 4.96 -28.50 -39.36
CA ARG C 58 6.19 -27.79 -39.01
C ARG C 58 6.87 -28.55 -37.87
N ILE C 59 8.00 -29.18 -38.19
CA ILE C 59 8.78 -29.97 -37.25
C ILE C 59 10.04 -29.20 -36.90
N LEU C 60 10.29 -29.03 -35.60
CA LEU C 60 11.40 -28.22 -35.12
C LEU C 60 12.32 -29.05 -34.23
N ASP C 61 13.62 -28.95 -34.47
CA ASP C 61 14.64 -29.43 -33.55
C ASP C 61 15.39 -28.20 -33.03
N ILE C 62 15.18 -27.88 -31.76
CA ILE C 62 15.69 -26.63 -31.19
C ILE C 62 17.16 -26.72 -30.80
N SER C 63 17.76 -27.91 -30.86
CA SER C 63 19.19 -28.10 -30.62
C SER C 63 19.75 -29.05 -31.67
N CYS C 64 19.45 -28.75 -32.95
CA CYS C 64 19.59 -29.73 -34.02
C CYS C 64 21.02 -30.24 -34.18
N GLY C 65 22.02 -29.41 -33.92
CA GLY C 65 23.39 -29.85 -34.16
C GLY C 65 23.64 -30.11 -35.63
N CYS C 66 24.35 -31.20 -35.91
CA CYS C 66 24.61 -31.59 -37.29
C CYS C 66 23.37 -32.08 -38.02
N GLY C 67 22.27 -32.30 -37.31
CA GLY C 67 21.05 -32.76 -37.91
C GLY C 67 20.75 -34.22 -37.75
N ASN C 68 21.14 -34.84 -36.63
CA ASN C 68 20.85 -36.25 -36.42
C ASN C 68 19.36 -36.53 -36.51
N PHE C 69 18.55 -35.66 -35.88
CA PHE C 69 17.10 -35.84 -35.90
C PHE C 69 16.49 -35.31 -37.19
N LEU C 70 16.91 -34.13 -37.64
CA LEU C 70 16.25 -33.48 -38.76
C LEU C 70 16.44 -34.24 -40.07
N LEU C 71 17.63 -34.81 -40.28
CA LEU C 71 17.85 -35.60 -41.49
C LEU C 71 16.93 -36.81 -41.52
N GLU C 72 16.68 -37.43 -40.36
CA GLU C 72 15.73 -38.53 -40.30
C GLU C 72 14.30 -38.06 -40.49
N VAL C 73 13.98 -36.83 -40.08
CA VAL C 73 12.66 -36.27 -40.35
C VAL C 73 12.43 -36.11 -41.84
N TYR C 74 13.48 -35.71 -42.57
CA TYR C 74 13.38 -35.56 -44.02
C TYR C 74 13.03 -36.89 -44.69
N ASP C 75 13.67 -37.97 -44.27
CA ASP C 75 13.39 -39.28 -44.86
C ASP C 75 11.95 -39.71 -44.60
N ILE C 76 11.47 -39.51 -43.37
CA ILE C 76 10.11 -39.91 -43.03
C ILE C 76 9.09 -39.09 -43.80
N LEU C 77 9.31 -37.77 -43.90
CA LEU C 77 8.40 -36.93 -44.65
C LEU C 77 8.42 -37.28 -46.14
N TYR C 78 9.59 -37.58 -46.69
CA TYR C 78 9.71 -37.85 -48.11
C TYR C 78 8.87 -39.05 -48.52
N ASP C 79 8.94 -40.13 -47.75
CA ASP C 79 8.12 -41.30 -48.06
C ASP C 79 6.65 -41.06 -47.77
N LEU C 80 6.34 -40.18 -46.82
CA LEU C 80 4.95 -39.86 -46.53
C LEU C 80 4.31 -39.09 -47.68
N PHE C 81 5.07 -38.19 -48.31
CA PHE C 81 4.53 -37.45 -49.44
C PHE C 81 4.40 -38.33 -50.68
N GLU C 82 5.38 -39.21 -50.92
CA GLU C 82 5.30 -40.10 -52.08
C GLU C 82 4.11 -41.03 -51.99
N GLU C 83 3.85 -41.61 -50.81
CA GLU C 83 2.76 -42.56 -50.65
C GLU C 83 1.39 -41.92 -50.77
N ASN C 84 1.30 -40.58 -50.76
CA ASN C 84 0.03 -39.88 -50.85
C ASN C 84 0.04 -38.81 -51.93
N ILE C 85 0.93 -38.92 -52.92
CA ILE C 85 1.05 -37.86 -53.93
C ILE C 85 -0.21 -37.78 -54.79
N TYR C 86 -0.84 -38.92 -55.06
CA TYR C 86 -2.03 -38.93 -55.90
C TYR C 86 -3.20 -38.22 -55.23
N GLU C 87 -3.42 -38.47 -53.94
CA GLU C 87 -4.52 -37.81 -53.24
C GLU C 87 -4.23 -36.33 -53.01
N LEU C 88 -2.95 -35.96 -52.94
CA LEU C 88 -2.60 -34.54 -52.85
C LEU C 88 -3.00 -33.79 -54.11
N LYS C 89 -2.82 -34.42 -55.28
CA LYS C 89 -3.21 -33.79 -56.53
C LYS C 89 -4.73 -33.69 -56.66
N LYS C 90 -5.46 -34.69 -56.15
CA LYS C 90 -6.92 -34.65 -56.23
C LYS C 90 -7.51 -33.62 -55.27
N LYS C 91 -7.03 -33.60 -54.03
CA LYS C 91 -7.61 -32.73 -53.02
C LYS C 91 -7.17 -31.28 -53.18
N TYR C 92 -5.98 -31.06 -53.73
CA TYR C 92 -5.44 -29.71 -53.86
C TYR C 92 -5.04 -29.43 -55.31
N ASP C 93 -4.30 -28.35 -55.54
CA ASP C 93 -3.81 -28.03 -56.88
C ASP C 93 -3.00 -29.20 -57.43
N GLU C 94 -3.52 -29.87 -58.45
CA GLU C 94 -2.84 -31.04 -59.01
C GLU C 94 -1.49 -30.67 -59.59
N ASN C 95 -1.33 -29.44 -60.05
CA ASN C 95 -0.04 -29.03 -60.62
C ASN C 95 1.00 -28.81 -59.53
N TYR C 96 0.59 -28.25 -58.39
CA TYR C 96 1.55 -27.94 -57.32
C TYR C 96 2.08 -29.21 -56.67
N TRP C 97 1.19 -30.14 -56.33
CA TRP C 97 1.56 -31.35 -55.61
C TRP C 97 2.13 -32.36 -56.61
N THR C 98 3.44 -32.26 -56.85
CA THR C 98 4.14 -33.16 -57.76
C THR C 98 5.31 -33.80 -57.05
N VAL C 99 5.75 -34.94 -57.59
CA VAL C 99 6.86 -35.67 -56.98
C VAL C 99 8.16 -34.87 -57.11
N ASP C 100 8.33 -34.16 -58.23
CA ASP C 100 9.55 -33.39 -58.45
C ASP C 100 9.68 -32.21 -57.48
N ASN C 101 8.57 -31.76 -56.89
CA ASN C 101 8.59 -30.61 -55.99
C ASN C 101 8.59 -31.01 -54.52
N ILE C 102 8.68 -32.30 -54.22
CA ILE C 102 8.68 -32.76 -52.82
C ILE C 102 9.91 -32.24 -52.09
N HIS C 103 11.07 -32.31 -52.74
CA HIS C 103 12.32 -31.91 -52.09
C HIS C 103 12.29 -30.45 -51.69
N ARG C 104 11.80 -29.56 -52.57
CA ARG C 104 11.73 -28.14 -52.23
C ARG C 104 10.66 -27.86 -51.19
N HIS C 105 9.56 -28.62 -51.21
CA HIS C 105 8.46 -28.36 -50.27
C HIS C 105 8.88 -28.65 -48.84
N ILE C 106 9.62 -29.74 -48.62
CA ILE C 106 10.01 -30.12 -47.27
C ILE C 106 10.90 -29.05 -46.64
N LEU C 107 11.90 -28.57 -47.40
CA LEU C 107 12.82 -27.59 -46.85
C LEU C 107 12.17 -26.23 -46.69
N ASN C 108 11.24 -25.86 -47.58
CA ASN C 108 10.65 -24.53 -47.54
C ASN C 108 9.64 -24.38 -46.42
N TYR C 109 8.80 -25.39 -46.18
CA TYR C 109 7.65 -25.25 -45.31
C TYR C 109 7.60 -26.18 -44.10
N CYS C 110 8.41 -27.24 -44.08
CA CYS C 110 8.21 -28.31 -43.09
C CYS C 110 9.31 -28.41 -42.04
N ILE C 111 10.58 -28.30 -42.42
CA ILE C 111 11.70 -28.54 -41.51
C ILE C 111 12.17 -27.21 -40.94
N TYR C 112 12.29 -27.16 -39.61
CA TYR C 112 12.85 -26.03 -38.90
C TYR C 112 13.93 -26.52 -37.95
N GLY C 113 15.04 -25.80 -37.89
CA GLY C 113 16.16 -26.20 -37.05
C GLY C 113 16.84 -24.99 -36.44
N ALA C 114 17.38 -25.20 -35.24
CA ALA C 114 18.05 -24.14 -34.50
C ALA C 114 19.21 -24.72 -33.71
N ASP C 115 20.36 -24.06 -33.78
CA ASP C 115 21.52 -24.43 -32.98
C ASP C 115 22.47 -23.25 -32.93
N ILE C 116 23.24 -23.17 -31.84
CA ILE C 116 24.13 -22.02 -31.63
C ILE C 116 25.49 -22.20 -32.28
N ASP C 117 25.85 -23.40 -32.72
CA ASP C 117 27.13 -23.61 -33.37
C ASP C 117 27.00 -23.31 -34.86
N GLU C 118 27.77 -22.32 -35.33
CA GLU C 118 27.69 -21.92 -36.73
C GLU C 118 28.17 -23.03 -37.65
N LYS C 119 29.27 -23.71 -37.28
CA LYS C 119 29.79 -24.78 -38.13
C LYS C 119 28.80 -25.93 -38.25
N ALA C 120 28.12 -26.28 -37.15
CA ALA C 120 27.16 -27.37 -37.19
C ALA C 120 25.96 -27.03 -38.06
N ILE C 121 25.47 -25.79 -37.97
CA ILE C 121 24.35 -25.38 -38.83
C ILE C 121 24.76 -25.43 -40.29
N SER C 122 25.99 -25.03 -40.60
CA SER C 122 26.48 -25.08 -41.97
C SER C 122 26.50 -26.52 -42.50
N ILE C 123 26.95 -27.47 -41.66
CA ILE C 123 26.99 -28.86 -42.08
C ILE C 123 25.60 -29.38 -42.40
N LEU C 124 24.62 -29.03 -41.55
CA LEU C 124 23.25 -29.47 -41.78
C LEU C 124 22.69 -28.88 -43.07
N LYS C 125 23.00 -27.62 -43.36
CA LYS C 125 22.52 -27.01 -44.60
C LYS C 125 23.09 -27.73 -45.82
N ASP C 126 24.37 -28.08 -45.79
CA ASP C 126 24.96 -28.86 -46.87
C ASP C 126 24.35 -30.25 -46.95
N SER C 127 24.13 -30.89 -45.80
CA SER C 127 23.53 -32.23 -45.78
C SER C 127 22.11 -32.22 -46.34
N LEU C 128 21.33 -31.20 -45.98
CA LEU C 128 19.97 -31.10 -46.51
C LEU C 128 19.97 -30.73 -47.99
N THR C 129 20.96 -29.95 -48.45
CA THR C 129 21.03 -29.61 -49.86
C THR C 129 21.41 -30.80 -50.72
N ASN C 130 22.11 -31.78 -50.13
CA ASN C 130 22.60 -32.94 -50.87
C ASN C 130 21.63 -34.12 -50.86
N LYS C 131 20.41 -33.93 -50.36
CA LYS C 131 19.41 -35.00 -50.37
C LYS C 131 18.42 -34.83 -51.51
N ILE C 142 15.60 -22.83 -52.81
CA ILE C 142 14.68 -22.91 -51.68
C ILE C 142 15.35 -22.39 -50.41
N LYS C 143 14.54 -21.88 -49.49
CA LYS C 143 15.03 -21.32 -48.23
C LYS C 143 14.86 -22.34 -47.12
N ILE C 144 15.97 -22.85 -46.61
CA ILE C 144 15.95 -23.80 -45.50
C ILE C 144 15.85 -23.02 -44.20
N ASN C 145 14.86 -23.37 -43.37
CA ASN C 145 14.57 -22.65 -42.13
C ASN C 145 15.54 -23.09 -41.03
N LEU C 146 16.79 -22.68 -41.19
CA LEU C 146 17.84 -22.92 -40.20
C LEU C 146 18.22 -21.59 -39.56
N PHE C 147 18.31 -21.58 -38.24
CA PHE C 147 18.66 -20.37 -37.49
C PHE C 147 19.83 -20.67 -36.57
N CYS C 148 20.86 -19.83 -36.63
CA CYS C 148 22.03 -19.96 -35.77
C CYS C 148 21.92 -18.88 -34.69
N CYS C 149 21.46 -19.27 -33.51
CA CYS C 149 21.20 -18.33 -32.43
C CYS C 149 21.11 -19.10 -31.12
N ASP C 150 20.71 -18.40 -30.06
CA ASP C 150 20.43 -18.99 -28.76
C ASP C 150 18.97 -19.41 -28.75
N SER C 151 18.71 -20.71 -28.77
CA SER C 151 17.34 -21.21 -28.88
C SER C 151 16.46 -20.78 -27.71
N LEU C 152 17.05 -20.48 -26.56
CA LEU C 152 16.28 -19.98 -25.43
C LEU C 152 15.90 -18.52 -25.55
N LYS C 153 16.52 -17.79 -26.49
CA LYS C 153 16.25 -16.37 -26.68
C LYS C 153 15.50 -16.05 -27.96
N LYS C 154 15.62 -16.88 -28.99
CA LYS C 154 15.00 -16.60 -30.29
C LYS C 154 13.49 -16.56 -30.17
N LYS C 155 12.91 -15.37 -30.34
CA LYS C 155 11.46 -15.24 -30.35
C LYS C 155 10.88 -15.90 -31.60
N TRP C 156 9.85 -16.70 -31.42
CA TRP C 156 9.23 -17.43 -32.52
C TRP C 156 7.90 -16.78 -32.89
N ARG C 157 7.73 -16.49 -34.17
CA ARG C 157 6.50 -15.88 -34.66
C ARG C 157 5.35 -16.86 -34.78
N TYR C 158 5.62 -18.16 -34.66
CA TYR C 158 4.58 -19.17 -34.84
C TYR C 158 4.96 -20.42 -34.06
N LYS C 159 3.93 -21.15 -33.60
CA LYS C 159 4.15 -22.40 -32.89
C LYS C 159 4.31 -23.56 -33.88
N PHE C 160 4.71 -24.71 -33.35
CA PHE C 160 5.09 -25.85 -34.18
C PHE C 160 4.23 -27.06 -33.88
N ASP C 161 4.02 -27.88 -34.91
CA ASP C 161 3.23 -29.10 -34.76
C ASP C 161 4.02 -30.20 -34.06
N TYR C 162 5.32 -30.30 -34.32
CA TYR C 162 6.13 -31.39 -33.77
C TYR C 162 7.50 -30.86 -33.37
N ILE C 163 7.98 -31.28 -32.21
CA ILE C 163 9.29 -30.90 -31.71
C ILE C 163 10.03 -32.17 -31.27
N VAL C 164 11.25 -32.34 -31.78
CA VAL C 164 12.12 -33.46 -31.41
C VAL C 164 13.52 -32.91 -31.15
N GLY C 165 14.33 -33.71 -30.50
CA GLY C 165 15.74 -33.39 -30.39
C GLY C 165 16.33 -33.82 -29.06
N ASN C 166 17.64 -33.60 -28.95
CA ASN C 166 18.43 -33.90 -27.75
C ASN C 166 19.06 -32.61 -27.25
N PRO C 167 18.49 -31.96 -26.25
CA PRO C 167 18.99 -30.64 -25.83
C PRO C 167 20.32 -30.76 -25.12
N PRO C 168 21.03 -29.65 -24.90
CA PRO C 168 22.28 -29.71 -24.13
C PRO C 168 22.01 -29.85 -22.65
N TYR C 169 22.90 -30.59 -21.97
CA TYR C 169 22.85 -30.77 -20.52
C TYR C 169 24.06 -30.05 -19.93
N ILE C 170 23.80 -28.99 -19.16
CA ILE C 170 24.86 -28.24 -18.50
C ILE C 170 24.44 -27.94 -17.07
N GLY C 171 25.17 -28.51 -16.10
CA GLY C 171 24.86 -28.32 -14.70
C GLY C 171 25.33 -26.98 -14.16
N HIS C 172 25.13 -26.80 -12.86
CA HIS C 172 25.37 -25.50 -12.25
C HIS C 172 26.85 -25.13 -12.20
N LYS C 173 27.74 -26.12 -12.18
CA LYS C 173 29.17 -25.82 -12.14
C LYS C 173 29.68 -25.35 -13.49
N LYS C 174 29.20 -25.95 -14.58
CA LYS C 174 29.77 -25.73 -15.90
C LYS C 174 29.07 -24.61 -16.68
N LEU C 175 28.00 -24.02 -16.14
CA LEU C 175 27.37 -22.87 -16.77
C LEU C 175 28.10 -21.59 -16.38
N GLU C 176 28.22 -20.67 -17.33
CA GLU C 176 28.79 -19.37 -17.03
C GLU C 176 27.85 -18.57 -16.13
N LYS C 177 28.43 -17.92 -15.12
CA LYS C 177 27.62 -17.23 -14.12
C LYS C 177 26.78 -16.12 -14.74
N LYS C 178 27.29 -15.46 -15.77
CA LYS C 178 26.52 -14.41 -16.44
C LYS C 178 25.25 -14.98 -17.07
N TYR C 179 25.35 -16.14 -17.72
CA TYR C 179 24.20 -16.73 -18.39
C TYR C 179 23.14 -17.19 -17.39
N LYS C 180 23.56 -17.57 -16.17
CA LYS C 180 22.60 -18.04 -15.18
C LYS C 180 21.64 -16.93 -14.76
N LYS C 181 22.14 -15.69 -14.65
CA LYS C 181 21.26 -14.58 -14.27
C LYS C 181 20.12 -14.41 -15.27
N PHE C 182 20.42 -14.60 -16.55
CA PHE C 182 19.37 -14.59 -17.57
C PHE C 182 18.36 -15.72 -17.33
N LEU C 183 18.86 -16.93 -17.05
CA LEU C 183 17.96 -18.06 -16.81
C LEU C 183 17.12 -17.84 -15.57
N LEU C 184 17.72 -17.31 -14.51
CA LEU C 184 17.00 -17.10 -13.24
C LEU C 184 15.90 -16.06 -13.35
N GLU C 185 15.95 -15.19 -14.36
CA GLU C 185 14.91 -14.19 -14.55
C GLU C 185 13.81 -14.67 -15.49
N LYS C 186 14.20 -15.12 -16.70
CA LYS C 186 13.21 -15.46 -17.72
C LYS C 186 12.66 -16.88 -17.57
N TYR C 187 13.44 -17.80 -16.98
CA TYR C 187 13.04 -19.19 -16.87
C TYR C 187 12.88 -19.63 -15.42
N SER C 188 12.52 -18.68 -14.54
CA SER C 188 12.44 -18.97 -13.12
C SER C 188 11.41 -20.05 -12.79
N GLU C 189 10.43 -20.28 -13.66
CA GLU C 189 9.41 -21.29 -13.38
C GLU C 189 10.01 -22.69 -13.28
N VAL C 190 11.14 -22.94 -13.95
CA VAL C 190 11.74 -24.27 -13.95
C VAL C 190 13.18 -24.23 -13.48
N TYR C 191 13.86 -23.09 -13.65
CA TYR C 191 15.29 -22.99 -13.37
C TYR C 191 15.51 -22.15 -12.12
N LYS C 192 16.04 -22.79 -11.08
CA LYS C 192 16.49 -22.08 -9.89
C LYS C 192 17.49 -22.98 -9.17
N ASP C 193 18.31 -22.35 -8.32
CA ASP C 193 19.31 -23.04 -7.51
C ASP C 193 20.20 -23.93 -8.37
N LYS C 194 20.22 -25.23 -8.07
CA LYS C 194 21.13 -26.17 -8.73
C LYS C 194 20.51 -26.84 -9.94
N ALA C 195 19.57 -26.18 -10.61
CA ALA C 195 18.91 -26.76 -11.77
C ALA C 195 19.88 -26.88 -12.95
N ASP C 196 19.40 -27.50 -14.02
CA ASP C 196 20.20 -27.78 -15.20
C ASP C 196 19.64 -27.03 -16.40
N LEU C 197 20.50 -26.79 -17.38
CA LEU C 197 20.10 -26.04 -18.57
C LEU C 197 18.96 -26.75 -19.31
N TYR C 198 18.98 -28.08 -19.36
CA TYR C 198 17.93 -28.78 -20.10
C TYR C 198 16.56 -28.63 -19.46
N PHE C 199 16.49 -28.17 -18.20
CA PHE C 199 15.18 -27.82 -17.63
C PHE C 199 14.52 -26.72 -18.45
N CYS C 200 15.31 -25.73 -18.87
CA CYS C 200 14.77 -24.60 -19.63
C CYS C 200 14.34 -25.01 -21.03
N PHE C 201 15.06 -25.95 -21.65
CA PHE C 201 14.65 -26.42 -22.97
C PHE C 201 13.28 -27.11 -22.91
N TYR C 202 13.02 -27.83 -21.83
CA TYR C 202 11.68 -28.40 -21.63
C TYR C 202 10.62 -27.31 -21.65
N LYS C 203 10.85 -26.22 -20.91
CA LYS C 203 9.88 -25.13 -20.89
C LYS C 203 9.73 -24.48 -22.25
N LYS C 204 10.86 -24.23 -22.93
CA LYS C 204 10.79 -23.59 -24.25
C LYS C 204 10.07 -24.49 -25.25
N ILE C 205 10.36 -25.79 -25.23
CA ILE C 205 9.71 -26.72 -26.15
C ILE C 205 8.21 -26.80 -25.88
N ILE C 206 7.82 -26.86 -24.61
CA ILE C 206 6.40 -26.88 -24.26
C ILE C 206 5.71 -25.61 -24.73
N ASP C 207 6.35 -24.45 -24.52
CA ASP C 207 5.70 -23.18 -24.81
C ASP C 207 5.44 -22.99 -26.31
N ILE C 208 6.40 -23.34 -27.15
CA ILE C 208 6.31 -23.07 -28.57
C ILE C 208 5.71 -24.26 -29.34
N LEU C 209 5.07 -25.19 -28.62
CA LEU C 209 4.40 -26.31 -29.25
C LEU C 209 2.94 -25.95 -29.49
N LYS C 210 2.49 -26.13 -30.73
CA LYS C 210 1.12 -25.78 -31.09
C LYS C 210 0.13 -26.71 -30.38
N GLN C 211 -1.09 -26.22 -30.19
CA GLN C 211 -2.13 -27.03 -29.58
C GLN C 211 -2.41 -28.27 -30.41
N GLY C 212 -2.46 -29.42 -29.76
CA GLY C 212 -2.58 -30.69 -30.44
C GLY C 212 -1.28 -31.25 -30.96
N GLY C 213 -0.17 -30.52 -30.79
CA GLY C 213 1.11 -31.01 -31.25
C GLY C 213 1.71 -32.05 -30.32
N ILE C 214 2.82 -32.64 -30.77
CA ILE C 214 3.48 -33.74 -30.06
C ILE C 214 4.96 -33.41 -29.94
N GLY C 215 5.51 -33.61 -28.75
CA GLY C 215 6.94 -33.42 -28.49
C GLY C 215 7.56 -34.68 -27.96
N SER C 216 8.81 -34.94 -28.35
CA SER C 216 9.54 -36.12 -27.91
C SER C 216 11.03 -35.79 -27.87
N VAL C 217 11.66 -36.00 -26.71
CA VAL C 217 13.06 -35.66 -26.49
C VAL C 217 13.73 -36.73 -25.64
N ILE C 218 15.04 -36.81 -25.75
CA ILE C 218 15.87 -37.58 -24.84
C ILE C 218 16.68 -36.61 -23.98
N THR C 219 16.56 -36.75 -22.67
CA THR C 219 17.20 -35.86 -21.70
C THR C 219 17.83 -36.71 -20.60
N PRO C 220 18.56 -36.12 -19.65
CA PRO C 220 18.93 -36.88 -18.46
C PRO C 220 17.69 -37.28 -17.68
N ARG C 221 17.78 -38.42 -16.98
CA ARG C 221 16.66 -38.94 -16.23
C ARG C 221 16.51 -38.32 -14.85
N TYR C 222 17.47 -37.50 -14.42
CA TYR C 222 17.55 -37.12 -13.01
C TYR C 222 16.41 -36.22 -12.58
N PHE C 223 15.83 -35.43 -13.50
CA PHE C 223 14.74 -34.55 -13.13
C PHE C 223 13.50 -35.32 -12.66
N LEU C 224 13.43 -36.62 -12.96
CA LEU C 224 12.29 -37.42 -12.54
C LEU C 224 12.22 -37.55 -11.02
N GLU C 225 13.36 -37.53 -10.35
CA GLU C 225 13.42 -37.75 -8.91
C GLU C 225 14.11 -36.64 -8.14
N SER C 226 14.90 -35.78 -8.80
CA SER C 226 15.78 -34.87 -8.09
C SER C 226 15.01 -33.73 -7.42
N LEU C 227 15.61 -33.19 -6.37
CA LEU C 227 15.05 -32.02 -5.70
C LEU C 227 14.97 -30.83 -6.64
N SER C 228 16.01 -30.63 -7.46
CA SER C 228 16.04 -29.48 -8.36
C SER C 228 14.99 -29.55 -9.44
N GLY C 229 14.48 -30.74 -9.76
CA GLY C 229 13.48 -30.90 -10.79
C GLY C 229 12.04 -30.78 -10.33
N LYS C 230 11.81 -30.41 -9.07
CA LYS C 230 10.44 -30.32 -8.55
C LYS C 230 9.61 -29.31 -9.34
N ASP C 231 10.19 -28.15 -9.64
CA ASP C 231 9.46 -27.15 -10.42
C ASP C 231 9.22 -27.62 -11.85
N LEU C 232 10.20 -28.27 -12.46
CA LEU C 232 10.05 -28.74 -13.84
C LEU C 232 8.96 -29.80 -13.93
N ARG C 233 8.93 -30.74 -13.00
CA ARG C 233 7.89 -31.78 -13.03
C ARG C 233 6.51 -31.16 -12.96
N GLU C 234 6.34 -30.13 -12.12
CA GLU C 234 5.06 -29.44 -12.05
C GLU C 234 4.72 -28.76 -13.36
N TYR C 235 5.69 -28.08 -13.98
CA TYR C 235 5.45 -27.39 -15.24
C TYR C 235 5.04 -28.37 -16.34
N ILE C 236 5.75 -29.50 -16.44
CA ILE C 236 5.39 -30.52 -17.41
C ILE C 236 4.01 -31.09 -17.12
N LYS C 237 3.76 -31.41 -15.85
CA LYS C 237 2.51 -32.05 -15.47
C LYS C 237 1.29 -31.17 -15.75
N SER C 238 1.48 -29.85 -15.70
CA SER C 238 0.35 -28.93 -15.79
C SER C 238 0.08 -28.43 -17.21
N ASN C 239 1.04 -28.55 -18.12
CA ASN C 239 0.91 -27.92 -19.43
C ASN C 239 0.87 -28.89 -20.60
N VAL C 240 1.22 -30.17 -20.42
CA VAL C 240 1.13 -31.16 -21.47
C VAL C 240 0.56 -32.46 -20.90
N ASN C 241 0.15 -33.34 -21.80
CA ASN C 241 -0.18 -34.71 -21.44
C ASN C 241 1.04 -35.58 -21.75
N VAL C 242 1.56 -36.26 -20.74
CA VAL C 242 2.71 -37.14 -20.95
C VAL C 242 2.21 -38.47 -21.48
N GLN C 243 2.60 -38.82 -22.71
CA GLN C 243 2.19 -40.08 -23.30
C GLN C 243 3.01 -41.25 -22.76
N GLU C 244 4.32 -41.08 -22.68
CA GLU C 244 5.20 -42.22 -22.45
C GLU C 244 6.53 -41.76 -21.88
N ILE C 245 7.05 -42.52 -20.91
CA ILE C 245 8.37 -42.30 -20.34
C ILE C 245 9.17 -43.58 -20.54
N VAL C 246 10.32 -43.47 -21.20
CA VAL C 246 11.25 -44.58 -21.34
C VAL C 246 12.44 -44.28 -20.44
N ASP C 247 12.57 -45.04 -19.36
CA ASP C 247 13.59 -44.81 -18.34
C ASP C 247 14.65 -45.89 -18.47
N PHE C 248 15.85 -45.49 -18.87
CA PHE C 248 16.97 -46.41 -19.04
C PHE C 248 17.76 -46.62 -17.75
N LEU C 249 17.38 -45.96 -16.67
CA LEU C 249 18.06 -46.06 -15.36
C LEU C 249 19.55 -45.83 -15.58
N GLY C 250 20.43 -46.68 -15.06
CA GLY C 250 21.86 -46.47 -15.16
C GLY C 250 22.52 -46.93 -16.43
N ALA C 251 21.75 -47.40 -17.41
CA ALA C 251 22.32 -47.89 -18.65
C ALA C 251 23.10 -46.78 -19.36
N ASN C 252 24.02 -47.19 -20.23
CA ASN C 252 24.93 -46.27 -20.92
C ASN C 252 24.46 -46.13 -22.38
N ILE C 253 23.57 -45.18 -22.61
CA ILE C 253 23.07 -44.93 -23.95
C ILE C 253 24.14 -44.27 -24.82
N PHE C 254 24.84 -43.28 -24.26
CA PHE C 254 25.84 -42.52 -25.00
C PHE C 254 27.23 -43.06 -24.69
N LYS C 255 27.93 -43.50 -25.73
CA LYS C 255 29.24 -44.12 -25.55
C LYS C 255 30.23 -43.11 -24.96
N ASN C 256 30.95 -43.55 -23.92
CA ASN C 256 31.97 -42.75 -23.25
C ASN C 256 31.41 -41.44 -22.69
N ILE C 257 30.14 -41.46 -22.29
CA ILE C 257 29.50 -40.31 -21.65
C ILE C 257 28.91 -40.77 -20.33
N GLY C 258 29.24 -40.07 -19.25
CA GLY C 258 28.74 -40.42 -17.94
C GLY C 258 27.42 -39.78 -17.61
N VAL C 259 26.36 -40.13 -18.36
CA VAL C 259 25.03 -39.62 -18.12
C VAL C 259 24.04 -40.78 -18.23
N SER C 260 22.90 -40.63 -17.55
CA SER C 260 21.81 -41.59 -17.61
C SER C 260 20.58 -40.92 -18.22
N SER C 261 19.94 -41.63 -19.14
CA SER C 261 19.03 -41.02 -20.10
C SER C 261 17.59 -41.47 -19.89
N CYS C 262 16.67 -40.68 -20.43
CA CYS C 262 15.27 -41.06 -20.54
C CYS C 262 14.68 -40.38 -21.76
N ILE C 263 13.57 -40.94 -22.25
CA ILE C 263 12.86 -40.42 -23.40
C ILE C 263 11.45 -40.03 -22.96
N LEU C 264 11.09 -38.78 -23.17
CA LEU C 264 9.80 -38.24 -22.76
C LEU C 264 9.00 -37.87 -24.00
N THR C 265 7.78 -38.41 -24.11
CA THR C 265 6.87 -38.09 -25.19
C THR C 265 5.61 -37.48 -24.62
N PHE C 266 5.20 -36.34 -25.16
CA PHE C 266 4.10 -35.58 -24.59
C PHE C 266 3.37 -34.84 -25.72
N ASP C 267 2.13 -34.46 -25.44
CA ASP C 267 1.29 -33.78 -26.41
C ASP C 267 0.46 -32.71 -25.71
N LYS C 268 -0.12 -31.82 -26.52
CA LYS C 268 -1.08 -30.83 -26.07
C LYS C 268 -2.48 -31.11 -26.62
N LYS C 269 -2.83 -32.39 -26.71
CA LYS C 269 -4.11 -32.81 -27.28
C LYS C 269 -5.20 -32.72 -26.22
N LYS C 270 -6.39 -33.21 -26.55
CA LYS C 270 -7.50 -33.24 -25.60
C LYS C 270 -7.29 -34.39 -24.62
N THR C 271 -7.28 -34.07 -23.33
CA THR C 271 -7.00 -35.05 -22.28
C THR C 271 -8.15 -36.06 -22.21
N LYS C 272 -7.88 -37.31 -22.60
CA LYS C 272 -8.89 -38.35 -22.62
C LYS C 272 -8.82 -39.27 -21.40
N GLU C 273 -7.68 -39.96 -21.22
CA GLU C 273 -7.52 -40.89 -20.12
C GLU C 273 -6.34 -40.59 -19.22
N THR C 274 -5.35 -39.83 -19.69
CA THR C 274 -4.22 -39.40 -18.88
C THR C 274 -3.49 -40.59 -18.25
N TYR C 275 -3.36 -41.67 -19.00
CA TYR C 275 -2.61 -42.84 -18.58
C TYR C 275 -1.25 -42.83 -19.27
N ILE C 276 -0.19 -42.74 -18.47
CA ILE C 276 1.17 -42.64 -18.98
C ILE C 276 1.77 -44.04 -19.09
N ASP C 277 2.35 -44.34 -20.25
CA ASP C 277 3.05 -45.60 -20.46
C ASP C 277 4.48 -45.45 -19.98
N VAL C 278 4.86 -46.21 -18.97
CA VAL C 278 6.19 -46.12 -18.37
C VAL C 278 6.94 -47.41 -18.66
N PHE C 279 8.11 -47.27 -19.28
CA PHE C 279 9.00 -48.40 -19.56
C PHE C 279 10.27 -48.21 -18.75
N LYS C 280 10.49 -49.09 -17.78
CA LYS C 280 11.70 -49.10 -16.95
C LYS C 280 12.55 -50.29 -17.36
N ILE C 281 13.82 -50.04 -17.66
CA ILE C 281 14.72 -51.12 -18.05
C ILE C 281 14.95 -52.04 -16.86
N LYS C 282 15.03 -53.34 -17.13
CA LYS C 282 15.23 -54.33 -16.08
C LYS C 282 16.69 -54.70 -15.88
N ASN C 283 17.53 -54.50 -16.90
CA ASN C 283 18.95 -54.83 -16.82
C ASN C 283 19.74 -53.65 -17.37
N GLU C 284 20.52 -53.01 -16.52
CA GLU C 284 21.29 -51.83 -16.92
C GLU C 284 22.51 -52.18 -17.76
N ASP C 285 22.85 -53.46 -17.89
CA ASP C 285 24.06 -53.86 -18.60
C ASP C 285 23.90 -53.96 -20.10
N ILE C 286 22.69 -53.77 -20.64
CA ILE C 286 22.48 -53.98 -22.06
C ILE C 286 23.24 -52.94 -22.87
N CYS C 287 23.67 -53.33 -24.06
CA CYS C 287 24.34 -52.44 -25.00
C CYS C 287 23.32 -51.98 -26.03
N ILE C 288 23.16 -50.67 -26.17
CA ILE C 288 22.07 -50.13 -26.99
C ILE C 288 22.30 -50.45 -28.47
N ASN C 289 23.57 -50.46 -28.92
CA ASN C 289 23.86 -50.65 -30.34
C ASN C 289 23.62 -52.08 -30.82
N LYS C 290 23.36 -53.03 -29.92
CA LYS C 290 23.20 -54.41 -30.30
C LYS C 290 21.80 -54.74 -30.82
N PHE C 291 20.88 -53.78 -30.83
CA PHE C 291 19.51 -54.02 -31.22
C PHE C 291 19.14 -53.20 -32.45
N GLU C 292 18.28 -53.78 -33.29
CA GLU C 292 17.90 -53.13 -34.54
C GLU C 292 16.91 -51.99 -34.32
N THR C 293 15.99 -52.14 -33.38
CA THR C 293 15.02 -51.10 -33.05
C THR C 293 14.84 -51.03 -31.54
N LEU C 294 14.39 -49.86 -31.09
CA LEU C 294 14.07 -49.70 -29.68
C LEU C 294 12.82 -50.48 -29.28
N GLU C 295 11.84 -50.57 -30.19
CA GLU C 295 10.62 -51.31 -29.90
C GLU C 295 10.90 -52.78 -29.62
N GLU C 296 11.94 -53.34 -30.26
CA GLU C 296 12.34 -54.70 -29.95
C GLU C 296 12.73 -54.83 -28.48
N LEU C 297 13.46 -53.85 -27.95
CA LEU C 297 13.78 -53.84 -26.53
C LEU C 297 12.53 -53.63 -25.67
N LEU C 298 11.72 -52.64 -26.03
CA LEU C 298 10.58 -52.27 -25.17
C LEU C 298 9.56 -53.41 -25.08
N LYS C 299 9.32 -54.10 -26.19
CA LYS C 299 8.35 -55.20 -26.24
C LYS C 299 8.94 -56.51 -25.77
N SER C 300 10.03 -56.50 -25.02
CA SER C 300 10.73 -57.71 -24.60
C SER C 300 10.67 -57.85 -23.09
N SER C 301 11.29 -58.91 -22.58
CA SER C 301 11.46 -59.12 -21.16
C SER C 301 12.41 -58.12 -20.53
N LYS C 302 13.21 -57.41 -21.33
CA LYS C 302 14.23 -56.50 -20.81
C LYS C 302 13.65 -55.19 -20.28
N PHE C 303 12.37 -54.93 -20.50
CA PHE C 303 11.73 -53.71 -20.01
C PHE C 303 10.45 -54.07 -19.29
N GLU C 304 10.22 -53.43 -18.14
CA GLU C 304 8.96 -53.54 -17.44
C GLU C 304 8.03 -52.41 -17.88
N HIS C 305 6.74 -52.72 -18.00
CA HIS C 305 5.74 -51.73 -18.34
C HIS C 305 4.69 -51.63 -17.25
N PHE C 306 4.22 -50.41 -17.00
CA PHE C 306 3.08 -50.17 -16.13
C PHE C 306 2.51 -48.80 -16.46
N ASN C 307 1.27 -48.59 -16.03
CA ASN C 307 0.55 -47.35 -16.30
C ASN C 307 0.52 -46.47 -15.06
N ILE C 308 0.67 -45.16 -15.29
CA ILE C 308 0.62 -44.17 -14.22
C ILE C 308 -0.43 -43.14 -14.58
N ASN C 309 -1.33 -42.85 -13.64
CA ASN C 309 -2.34 -41.83 -13.84
C ASN C 309 -1.70 -40.46 -13.62
N GLN C 310 -1.65 -39.66 -14.69
CA GLN C 310 -1.03 -38.34 -14.61
C GLN C 310 -1.74 -37.45 -13.60
N ARG C 311 -3.06 -37.57 -13.49
CA ARG C 311 -3.82 -36.76 -12.54
C ARG C 311 -3.43 -37.05 -11.09
N LEU C 312 -2.92 -38.25 -10.81
CA LEU C 312 -2.60 -38.67 -9.45
C LEU C 312 -1.19 -38.35 -9.03
N LEU C 313 -0.37 -37.76 -9.91
CA LEU C 313 0.98 -37.39 -9.52
C LEU C 313 0.95 -36.22 -8.54
N SER C 314 1.80 -36.30 -7.52
CA SER C 314 2.05 -35.18 -6.63
C SER C 314 3.27 -34.41 -7.16
N ASP C 315 3.85 -33.55 -6.34
CA ASP C 315 5.11 -32.92 -6.70
C ASP C 315 6.22 -33.95 -6.89
N GLU C 316 6.10 -35.12 -6.27
CA GLU C 316 7.00 -36.24 -6.48
C GLU C 316 6.34 -37.27 -7.39
N TRP C 317 7.08 -37.73 -8.40
CA TRP C 317 6.58 -38.70 -9.37
C TRP C 317 7.04 -40.09 -8.93
N ILE C 318 6.13 -40.85 -8.33
CA ILE C 318 6.41 -42.21 -7.89
C ILE C 318 6.04 -43.12 -9.07
N LEU C 319 7.02 -43.39 -9.92
CA LEU C 319 6.80 -44.22 -11.12
C LEU C 319 7.17 -45.66 -10.81
N VAL C 320 6.26 -46.34 -10.11
CA VAL C 320 6.45 -47.73 -9.71
C VAL C 320 5.17 -48.50 -10.00
N ASN C 321 5.29 -49.83 -10.01
CA ASN C 321 4.15 -50.67 -10.27
C ASN C 321 3.24 -50.73 -9.04
N LYS C 322 2.14 -51.47 -9.17
CA LYS C 322 1.13 -51.52 -8.10
C LYS C 322 1.70 -52.14 -6.83
N ASP C 323 2.51 -53.19 -6.96
CA ASP C 323 3.07 -53.85 -5.79
C ASP C 323 3.94 -52.90 -4.98
N ASP C 324 4.81 -52.16 -5.67
CA ASP C 324 5.69 -51.22 -4.99
C ASP C 324 4.90 -50.07 -4.36
N GLU C 325 3.87 -49.61 -5.05
CA GLU C 325 3.03 -48.54 -4.51
C GLU C 325 2.38 -48.97 -3.20
N THR C 326 1.82 -50.19 -3.16
CA THR C 326 1.24 -50.70 -1.94
C THR C 326 2.30 -50.88 -0.85
N PHE C 327 3.46 -51.42 -1.23
CA PHE C 327 4.56 -51.60 -0.29
C PHE C 327 5.02 -50.27 0.28
N TYR C 328 5.20 -49.26 -0.59
CA TYR C 328 5.67 -47.96 -0.16
C TYR C 328 4.66 -47.27 0.76
N ASN C 329 3.38 -47.28 0.35
CA ASN C 329 2.35 -46.61 1.14
C ASN C 329 2.13 -47.30 2.49
N LYS C 330 2.30 -48.62 2.54
CA LYS C 330 2.13 -49.33 3.80
C LYS C 330 3.17 -48.88 4.82
N ILE C 331 4.42 -48.69 4.39
CA ILE C 331 5.47 -48.27 5.30
C ILE C 331 5.26 -46.82 5.74
N GLN C 332 4.85 -45.95 4.82
CA GLN C 332 4.68 -44.54 5.15
C GLN C 332 3.61 -44.34 6.22
N GLU C 333 2.48 -45.04 6.10
CA GLU C 333 1.42 -44.91 7.09
C GLU C 333 1.84 -45.49 8.44
N LYS C 334 2.52 -46.65 8.42
CA LYS C 334 2.81 -47.36 9.66
C LYS C 334 3.83 -46.63 10.53
N CYS C 335 4.66 -45.77 9.94
CA CYS C 335 5.75 -45.12 10.67
C CYS C 335 5.31 -43.75 11.16
N LYS C 336 5.54 -43.49 12.45
CA LYS C 336 5.19 -42.22 13.06
C LYS C 336 6.29 -41.18 12.94
N TYR C 337 7.54 -41.61 12.84
CA TYR C 337 8.69 -40.72 12.82
C TYR C 337 9.37 -40.74 11.46
N SER C 338 10.18 -39.71 11.22
CA SER C 338 11.13 -39.68 10.12
C SER C 338 12.52 -39.42 10.69
N LEU C 339 13.54 -39.70 9.89
CA LEU C 339 14.91 -39.46 10.33
C LEU C 339 15.14 -37.99 10.61
N GLU C 340 14.53 -37.11 9.81
CA GLU C 340 14.67 -35.67 10.04
C GLU C 340 14.12 -35.27 11.39
N ASP C 341 13.08 -35.96 11.87
CA ASP C 341 12.50 -35.64 13.17
C ASP C 341 13.46 -35.92 14.31
N ILE C 342 14.21 -37.02 14.23
CA ILE C 342 14.95 -37.55 15.37
C ILE C 342 16.44 -37.32 15.29
N ALA C 343 16.96 -36.78 14.19
CA ALA C 343 18.41 -36.73 14.00
C ALA C 343 18.83 -35.40 13.40
N ILE C 344 20.09 -35.05 13.65
CA ILE C 344 20.72 -33.87 13.08
C ILE C 344 21.65 -34.34 11.95
N SER C 345 21.37 -33.90 10.73
CA SER C 345 22.14 -34.29 9.56
C SER C 345 23.11 -33.18 9.18
N PHE C 346 24.23 -33.59 8.58
CA PHE C 346 25.19 -32.61 8.08
C PHE C 346 26.10 -33.24 7.03
N GLN C 347 26.53 -32.42 6.08
CA GLN C 347 27.48 -32.81 5.05
C GLN C 347 28.90 -32.74 5.61
N GLY C 348 29.82 -33.44 4.93
CA GLY C 348 31.19 -33.54 5.38
C GLY C 348 32.01 -32.29 5.16
N ILE C 349 33.28 -32.38 5.53
CA ILE C 349 34.22 -31.30 5.30
C ILE C 349 34.38 -31.07 3.80
N ILE C 350 34.41 -29.81 3.39
CA ILE C 350 34.76 -29.45 2.02
C ILE C 350 35.99 -28.54 2.12
N THR C 351 37.16 -29.11 1.86
CA THR C 351 38.40 -28.35 2.02
C THR C 351 38.55 -27.32 0.90
N GLY C 352 38.08 -27.64 -0.30
CA GLY C 352 38.32 -26.81 -1.46
C GLY C 352 39.54 -27.20 -2.27
N CYS C 353 40.48 -27.92 -1.66
CA CYS C 353 41.59 -28.53 -2.39
C CYS C 353 42.12 -29.67 -1.52
N ASP C 354 41.72 -30.91 -1.84
CA ASP C 354 42.06 -32.03 -0.96
C ASP C 354 43.57 -32.28 -0.94
N LYS C 355 44.24 -32.10 -2.08
CA LYS C 355 45.68 -32.34 -2.14
C LYS C 355 46.46 -31.43 -1.19
N ALA C 356 45.87 -30.33 -0.75
CA ALA C 356 46.57 -29.43 0.18
C ALA C 356 46.41 -29.85 1.63
N PHE C 357 45.35 -30.58 1.99
CA PHE C 357 45.04 -30.86 3.38
C PHE C 357 44.99 -32.34 3.74
N ILE C 358 45.00 -33.24 2.76
CA ILE C 358 44.79 -34.67 3.00
C ILE C 358 46.08 -35.42 2.69
N LEU C 359 46.54 -36.22 3.65
CA LEU C 359 47.76 -37.00 3.49
C LEU C 359 47.50 -38.44 3.91
N SER C 360 48.20 -39.37 3.25
CA SER C 360 48.22 -40.75 3.71
C SER C 360 48.84 -40.82 5.10
N LYS C 361 48.29 -41.69 5.96
CA LYS C 361 48.79 -41.74 7.33
C LYS C 361 50.21 -42.29 7.41
N ASP C 362 50.73 -42.85 6.33
CA ASP C 362 52.13 -43.27 6.26
C ASP C 362 53.03 -42.20 5.68
N ASP C 363 52.48 -41.05 5.26
CA ASP C 363 53.29 -40.01 4.63
C ASP C 363 54.26 -39.41 5.64
N VAL C 364 55.50 -39.22 5.20
CA VAL C 364 56.55 -38.73 6.09
C VAL C 364 56.32 -37.26 6.47
N LYS C 365 55.67 -36.48 5.59
CA LYS C 365 55.46 -35.08 5.87
C LYS C 365 54.54 -34.84 7.06
N LEU C 366 53.84 -35.88 7.54
CA LEU C 366 53.07 -35.78 8.77
C LEU C 366 53.96 -35.56 9.98
N ASN C 367 55.28 -35.75 9.86
CA ASN C 367 56.19 -35.37 10.94
C ASN C 367 56.21 -33.87 11.16
N LEU C 368 55.79 -33.08 10.17
CA LEU C 368 55.72 -31.64 10.28
C LEU C 368 54.45 -31.14 10.95
N VAL C 369 53.47 -32.01 11.18
CA VAL C 369 52.16 -31.61 11.66
C VAL C 369 51.97 -32.12 13.08
N ASP C 370 51.71 -31.19 14.01
CA ASP C 370 51.37 -31.57 15.37
C ASP C 370 50.09 -32.40 15.36
N ASP C 371 50.06 -33.43 16.22
CA ASP C 371 48.94 -34.37 16.21
C ASP C 371 47.63 -33.72 16.61
N LYS C 372 47.66 -32.56 17.28
CA LYS C 372 46.42 -31.89 17.64
C LYS C 372 45.67 -31.37 16.42
N PHE C 373 46.36 -31.15 15.31
CA PHE C 373 45.73 -30.70 14.07
C PHE C 373 45.20 -31.83 13.21
N LEU C 374 45.62 -33.07 13.46
CA LEU C 374 45.34 -34.18 12.56
C LEU C 374 44.05 -34.89 12.92
N LYS C 375 43.25 -35.18 11.90
CA LYS C 375 41.98 -35.88 12.06
C LYS C 375 41.98 -37.12 11.17
N CYS C 376 41.28 -38.16 11.62
CA CYS C 376 41.05 -39.32 10.78
C CYS C 376 40.12 -38.98 9.62
N TRP C 377 40.44 -39.51 8.45
CA TRP C 377 39.78 -39.12 7.20
C TRP C 377 39.38 -40.39 6.44
N ILE C 378 38.09 -40.63 6.31
CA ILE C 378 37.58 -41.79 5.58
C ILE C 378 36.94 -41.32 4.28
N LYS C 379 36.86 -42.24 3.32
CA LYS C 379 36.20 -42.03 2.04
C LYS C 379 34.97 -42.92 1.94
N SER C 380 34.23 -42.77 0.84
CA SER C 380 33.02 -43.56 0.64
C SER C 380 33.33 -45.06 0.58
N LYS C 381 34.56 -45.43 0.18
CA LYS C 381 34.96 -46.83 0.19
C LYS C 381 34.79 -47.45 1.56
N ASN C 382 35.13 -46.71 2.62
CA ASN C 382 35.32 -47.28 3.94
C ASN C 382 34.03 -47.60 4.65
N ILE C 383 32.88 -47.19 4.12
CA ILE C 383 31.59 -47.43 4.78
C ILE C 383 31.08 -48.79 4.35
N ASN C 384 30.86 -49.67 5.33
CA ASN C 384 30.12 -50.91 5.13
C ASN C 384 28.81 -50.84 5.92
N LYS C 385 28.02 -51.90 5.81
CA LYS C 385 26.89 -52.04 6.71
C LYS C 385 27.41 -52.23 8.13
N TYR C 386 26.91 -51.38 9.03
CA TYR C 386 27.12 -51.38 10.48
C TYR C 386 28.48 -50.89 10.98
N ILE C 387 29.51 -50.80 10.14
CA ILE C 387 30.84 -50.47 10.61
C ILE C 387 31.65 -49.81 9.51
N VAL C 388 32.69 -49.08 9.93
CA VAL C 388 33.56 -48.31 9.04
C VAL C 388 34.94 -48.98 9.01
N ASP C 389 35.52 -49.07 7.81
CA ASP C 389 36.91 -49.49 7.69
C ASP C 389 37.82 -48.48 8.37
N LYS C 390 38.97 -48.97 8.85
CA LYS C 390 39.94 -48.09 9.48
C LYS C 390 40.45 -47.05 8.49
N SER C 391 40.68 -45.83 8.99
CA SER C 391 41.05 -44.73 8.12
C SER C 391 42.49 -44.88 7.63
N GLU C 392 42.69 -44.60 6.35
CA GLU C 392 44.00 -44.65 5.71
C GLU C 392 44.60 -43.26 5.47
N TYR C 393 43.86 -42.19 5.71
CA TYR C 393 44.31 -40.84 5.44
C TYR C 393 44.18 -40.00 6.70
N ARG C 394 44.74 -38.79 6.63
CA ARG C 394 44.69 -37.83 7.72
C ARG C 394 44.31 -36.46 7.17
N LEU C 395 43.52 -35.72 7.94
CA LEU C 395 43.10 -34.38 7.60
C LEU C 395 43.86 -33.37 8.45
N ILE C 396 44.43 -32.36 7.80
CA ILE C 396 45.03 -31.23 8.51
C ILE C 396 43.92 -30.20 8.72
N TYR C 397 43.37 -30.17 9.94
CA TYR C 397 42.30 -29.22 10.24
C TYR C 397 42.92 -27.85 10.46
N SER C 398 43.27 -27.22 9.33
CA SER C 398 44.09 -26.01 9.32
C SER C 398 43.39 -24.80 9.95
N ASN C 399 42.08 -24.88 10.20
CA ASN C 399 41.39 -23.77 10.85
C ASN C 399 41.84 -23.57 12.29
N ASP C 400 42.49 -24.57 12.89
CA ASP C 400 42.99 -24.45 14.25
C ASP C 400 44.38 -23.84 14.33
N ILE C 401 44.97 -23.49 13.19
CA ILE C 401 46.17 -22.65 13.17
C ILE C 401 45.72 -21.19 13.22
N ASP C 402 46.19 -20.46 14.23
CA ASP C 402 45.65 -19.12 14.50
C ASP C 402 46.06 -18.14 13.40
N ASN C 403 47.36 -17.94 13.21
CA ASN C 403 47.89 -17.00 12.23
C ASN C 403 48.96 -17.68 11.40
N GLU C 404 49.46 -16.96 10.40
CA GLU C 404 50.45 -17.52 9.49
C GLU C 404 51.82 -17.70 10.14
N ASN C 405 52.08 -17.07 11.28
CA ASN C 405 53.42 -17.03 11.85
C ASN C 405 53.67 -18.08 12.92
N THR C 406 52.62 -18.65 13.52
CA THR C 406 52.81 -19.58 14.62
C THR C 406 53.26 -20.96 14.14
N ASN C 407 52.73 -21.44 13.02
CA ASN C 407 52.99 -22.78 12.50
C ASN C 407 53.46 -22.73 11.05
N LYS C 408 54.45 -21.87 10.78
CA LYS C 408 54.85 -21.59 9.40
C LYS C 408 55.23 -22.85 8.62
N ARG C 409 55.80 -23.85 9.29
CA ARG C 409 56.32 -25.02 8.57
C ARG C 409 55.20 -25.77 7.84
N ILE C 410 54.05 -25.92 8.48
CA ILE C 410 52.93 -26.62 7.85
C ILE C 410 52.47 -25.86 6.61
N LEU C 411 52.32 -24.55 6.74
CA LEU C 411 51.83 -23.74 5.62
C LEU C 411 52.84 -23.71 4.47
N ASP C 412 54.14 -23.67 4.79
CA ASP C 412 55.14 -23.55 3.74
C ASP C 412 55.34 -24.87 3.00
N GLU C 413 55.34 -26.00 3.71
CA GLU C 413 55.77 -27.25 3.12
C GLU C 413 54.63 -28.16 2.67
N ILE C 414 53.41 -27.95 3.16
CA ILE C 414 52.31 -28.84 2.80
C ILE C 414 51.19 -28.06 2.14
N ILE C 415 50.58 -27.13 2.88
CA ILE C 415 49.39 -26.44 2.38
C ILE C 415 49.76 -25.48 1.25
N GLY C 416 50.86 -24.75 1.41
CA GLY C 416 51.25 -23.72 0.47
C GLY C 416 51.62 -24.23 -0.91
N LEU C 417 51.83 -25.53 -1.07
CA LEU C 417 52.10 -26.08 -2.40
C LEU C 417 50.94 -25.84 -3.35
N TYR C 418 49.74 -25.56 -2.84
CA TYR C 418 48.58 -25.26 -3.66
C TYR C 418 48.01 -23.89 -3.35
N LYS C 419 48.87 -22.96 -2.93
CA LYS C 419 48.42 -21.66 -2.46
C LYS C 419 47.67 -20.90 -3.57
N THR C 420 48.19 -20.97 -4.80
CA THR C 420 47.50 -20.29 -5.91
C THR C 420 46.11 -20.86 -6.12
N LYS C 421 45.97 -22.19 -6.05
CA LYS C 421 44.65 -22.79 -6.14
C LYS C 421 43.77 -22.39 -4.98
N LEU C 422 44.33 -22.40 -3.76
CA LEU C 422 43.56 -22.05 -2.57
C LEU C 422 43.11 -20.60 -2.60
N GLU C 423 43.96 -19.70 -3.07
CA GLU C 423 43.61 -18.29 -3.13
C GLU C 423 42.49 -18.00 -4.11
N ASN C 424 42.24 -18.91 -5.06
CA ASN C 424 41.19 -18.70 -6.04
C ASN C 424 39.81 -19.13 -5.54
N ARG C 425 39.72 -19.72 -4.35
CA ARG C 425 38.42 -20.09 -3.80
C ARG C 425 37.62 -18.84 -3.47
N ARG C 426 36.29 -18.99 -3.56
CA ARG C 426 35.41 -17.82 -3.50
C ARG C 426 35.55 -17.09 -2.17
N GLU C 427 35.52 -17.82 -1.06
CA GLU C 427 35.58 -17.18 0.26
C GLU C 427 36.97 -16.60 0.56
N CYS C 428 37.98 -16.95 -0.22
CA CYS C 428 39.28 -16.31 -0.10
C CYS C 428 39.35 -15.03 -0.91
N LYS C 429 38.75 -15.01 -2.10
CA LYS C 429 38.71 -13.79 -2.89
C LYS C 429 37.86 -12.71 -2.23
N SER C 430 36.80 -13.11 -1.54
CA SER C 430 35.99 -12.16 -0.78
C SER C 430 36.64 -11.76 0.54
N GLY C 431 37.73 -12.41 0.94
CA GLY C 431 38.49 -12.00 2.09
C GLY C 431 37.98 -12.49 3.44
N ILE C 432 36.94 -13.33 3.46
CA ILE C 432 36.45 -13.84 4.75
C ILE C 432 37.13 -15.13 5.16
N ARG C 433 37.94 -15.73 4.29
CA ARG C 433 38.63 -16.98 4.57
C ARG C 433 40.10 -16.82 4.24
N LYS C 434 40.96 -17.22 5.17
CA LYS C 434 42.40 -17.20 4.91
C LYS C 434 42.76 -18.26 3.88
N TRP C 435 43.87 -18.03 3.18
CA TRP C 435 44.23 -18.90 2.06
C TRP C 435 44.51 -20.32 2.52
N TYR C 436 44.99 -20.50 3.75
CA TYR C 436 45.36 -21.81 4.25
C TYR C 436 44.25 -22.50 5.03
N GLU C 437 43.11 -21.83 5.21
CA GLU C 437 42.02 -22.44 5.96
C GLU C 437 41.17 -23.33 5.06
N LEU C 438 40.51 -24.31 5.68
CA LEU C 438 39.53 -25.13 4.96
C LEU C 438 38.39 -24.25 4.47
N GLN C 439 37.89 -24.53 3.26
CA GLN C 439 36.85 -23.69 2.69
C GLN C 439 35.56 -23.80 3.50
N TRP C 440 35.13 -25.03 3.81
CA TRP C 440 33.96 -25.27 4.66
C TRP C 440 34.38 -26.28 5.72
N GLY C 441 34.85 -25.77 6.86
CA GLY C 441 35.37 -26.61 7.93
C GLY C 441 34.33 -27.20 8.86
N ARG C 442 33.07 -26.80 8.72
CA ARG C 442 31.95 -27.29 9.54
C ARG C 442 32.28 -27.07 11.02
N GLU C 443 31.74 -27.90 11.90
CA GLU C 443 31.97 -27.81 13.34
C GLU C 443 32.57 -29.12 13.83
N LYS C 444 33.76 -29.04 14.44
CA LYS C 444 34.45 -30.25 14.88
C LYS C 444 33.61 -31.05 15.86
N LEU C 445 32.85 -30.38 16.72
CA LEU C 445 32.02 -31.06 17.70
C LEU C 445 30.99 -31.99 17.06
N PHE C 446 30.61 -31.73 15.81
CA PHE C 446 29.68 -32.64 15.14
C PHE C 446 30.36 -33.94 14.74
N PHE C 447 31.59 -33.87 14.24
CA PHE C 447 32.29 -35.07 13.78
C PHE C 447 32.86 -35.88 14.94
N GLU C 448 33.32 -35.21 16.00
CA GLU C 448 34.03 -35.89 17.08
C GLU C 448 33.06 -36.38 18.15
N ARG C 449 32.22 -37.33 17.74
CA ARG C 449 31.21 -37.92 18.61
C ARG C 449 30.71 -39.20 17.95
N LYS C 450 29.99 -39.99 18.72
CA LYS C 450 29.33 -41.17 18.17
C LYS C 450 28.26 -40.73 17.16
N LYS C 451 28.29 -41.31 15.96
CA LYS C 451 27.39 -40.88 14.91
C LYS C 451 27.25 -42.01 13.90
N ILE C 452 26.35 -41.80 12.94
CA ILE C 452 26.11 -42.73 11.84
C ILE C 452 26.58 -42.07 10.55
N MET C 453 27.32 -42.81 9.74
CA MET C 453 27.83 -42.32 8.47
C MET C 453 27.40 -43.26 7.34
N TYR C 454 27.24 -42.70 6.14
CA TYR C 454 26.83 -43.47 4.99
C TYR C 454 27.40 -42.83 3.73
N PRO C 455 27.73 -43.61 2.70
CA PRO C 455 28.30 -43.04 1.48
C PRO C 455 27.27 -42.25 0.69
N TYR C 456 27.72 -41.19 0.04
CA TYR C 456 26.81 -40.32 -0.69
C TYR C 456 26.32 -40.94 -1.99
N LYS C 457 27.01 -41.96 -2.48
CA LYS C 457 26.62 -42.69 -3.70
C LYS C 457 26.95 -44.15 -3.48
N SER C 458 25.96 -45.03 -3.70
CA SER C 458 26.14 -46.43 -3.36
C SER C 458 25.14 -47.28 -4.13
N ASN C 459 25.40 -48.58 -4.13
CA ASN C 459 24.49 -49.56 -4.72
C ASN C 459 23.44 -50.04 -3.73
N GLU C 460 23.61 -49.79 -2.44
CA GLU C 460 22.73 -50.34 -1.43
C GLU C 460 22.83 -49.49 -0.17
N ASN C 461 21.88 -49.68 0.73
CA ASN C 461 21.92 -49.02 2.02
C ASN C 461 23.15 -49.47 2.81
N ARG C 462 24.05 -48.54 3.08
CA ARG C 462 25.26 -48.82 3.87
C ARG C 462 25.32 -47.76 4.98
N PHE C 463 24.71 -48.06 6.12
CA PHE C 463 24.71 -47.16 7.27
C PHE C 463 25.56 -47.76 8.36
N ALA C 464 26.60 -47.03 8.77
CA ALA C 464 27.57 -47.53 9.73
C ALA C 464 27.62 -46.61 10.95
N ILE C 465 27.84 -47.23 12.11
CA ILE C 465 28.12 -46.47 13.32
C ILE C 465 29.60 -46.15 13.35
N ASP C 466 29.92 -44.87 13.53
CA ASP C 466 31.30 -44.43 13.64
C ASP C 466 31.66 -44.29 15.12
N TYR C 467 32.72 -45.00 15.54
CA TYR C 467 33.22 -44.94 16.90
C TYR C 467 34.52 -44.17 17.04
N ASP C 468 35.15 -43.79 15.94
CA ASP C 468 36.53 -43.32 15.96
C ASP C 468 36.67 -41.84 15.58
N ASN C 469 35.61 -41.06 15.72
CA ASN C 469 35.64 -39.62 15.41
C ASN C 469 36.18 -39.37 14.00
N ASN C 470 35.65 -40.11 13.04
CA ASN C 470 36.10 -40.00 11.66
C ASN C 470 35.58 -38.72 11.02
N PHE C 471 36.46 -38.00 10.32
CA PHE C 471 36.09 -36.91 9.44
C PHE C 471 36.03 -37.44 8.01
N SER C 472 35.31 -36.70 7.16
CA SER C 472 35.17 -37.12 5.77
C SER C 472 34.87 -35.90 4.92
N SER C 473 35.03 -36.06 3.61
CA SER C 473 34.63 -35.05 2.66
C SER C 473 33.13 -35.15 2.42
N ALA C 474 32.66 -34.50 1.36
CA ALA C 474 31.23 -34.53 1.02
C ALA C 474 30.80 -35.85 0.40
N ASP C 475 31.72 -36.81 0.21
CA ASP C 475 31.35 -38.12 -0.31
C ASP C 475 30.81 -39.04 0.79
N VAL C 476 30.82 -38.61 2.05
CA VAL C 476 30.22 -39.34 3.15
C VAL C 476 29.37 -38.37 3.96
N TYR C 477 28.12 -38.74 4.19
CA TYR C 477 27.22 -37.96 5.04
C TYR C 477 27.16 -38.56 6.43
N SER C 478 26.81 -37.72 7.40
CA SER C 478 26.72 -38.13 8.80
C SER C 478 25.43 -37.59 9.40
N PHE C 479 24.96 -38.28 10.44
CA PHE C 479 23.94 -37.73 11.31
C PHE C 479 24.09 -38.33 12.70
N PHE C 480 23.56 -37.61 13.69
CA PHE C 480 23.50 -38.08 15.06
C PHE C 480 22.10 -37.85 15.61
N ILE C 481 21.77 -38.61 16.64
CA ILE C 481 20.42 -38.57 17.22
C ILE C 481 20.29 -37.35 18.12
N LYS C 482 19.15 -36.68 18.03
CA LYS C 482 18.86 -35.56 18.91
C LYS C 482 18.80 -36.02 20.37
N GLU C 483 19.20 -35.12 21.27
CA GLU C 483 19.28 -35.49 22.68
C GLU C 483 17.93 -35.90 23.24
N GLU C 484 16.85 -35.25 22.80
CA GLU C 484 15.53 -35.59 23.31
C GLU C 484 15.03 -36.95 22.82
N TYR C 485 15.58 -37.46 21.72
CA TYR C 485 15.16 -38.73 21.16
C TYR C 485 16.09 -39.88 21.54
N LEU C 486 17.09 -39.64 22.39
CA LEU C 486 18.04 -40.69 22.72
C LEU C 486 17.41 -41.81 23.54
N ASP C 487 16.36 -41.51 24.31
CA ASP C 487 15.69 -42.54 25.07
C ASP C 487 14.69 -43.36 24.25
N LYS C 488 14.33 -42.88 23.05
CA LYS C 488 13.44 -43.62 22.16
C LYS C 488 14.18 -44.42 21.09
N PHE C 489 15.31 -43.91 20.59
CA PHE C 489 16.05 -44.55 19.51
C PHE C 489 17.53 -44.62 19.85
N SER C 490 18.15 -45.74 19.50
CA SER C 490 19.59 -45.92 19.65
C SER C 490 20.25 -46.01 18.28
N TYR C 491 21.56 -45.82 18.27
CA TYR C 491 22.31 -45.97 17.02
C TYR C 491 22.28 -47.40 16.53
N GLU C 492 22.34 -48.37 17.45
CA GLU C 492 22.31 -49.77 17.07
C GLU C 492 20.98 -50.15 16.44
N TYR C 493 19.87 -49.68 16.99
CA TYR C 493 18.57 -49.95 16.40
C TYR C 493 18.45 -49.33 15.01
N LEU C 494 18.93 -48.10 14.84
CA LEU C 494 18.77 -47.40 13.58
C LEU C 494 19.51 -48.08 12.45
N VAL C 495 20.79 -48.41 12.66
CA VAL C 495 21.54 -49.11 11.62
C VAL C 495 20.95 -50.49 11.36
N GLY C 496 20.28 -51.07 12.36
CA GLY C 496 19.65 -52.35 12.15
C GLY C 496 18.53 -52.27 11.11
N ILE C 497 17.63 -51.31 11.28
CA ILE C 497 16.52 -51.22 10.34
C ILE C 497 16.96 -50.54 9.04
N LEU C 498 17.94 -49.63 9.11
CA LEU C 498 18.35 -48.91 7.91
C LEU C 498 19.11 -49.82 6.94
N ASN C 499 19.82 -50.82 7.44
CA ASN C 499 20.56 -51.74 6.60
C ASN C 499 19.76 -52.96 6.19
N SER C 500 18.50 -53.05 6.59
CA SER C 500 17.71 -54.25 6.33
C SER C 500 17.27 -54.31 4.87
N SER C 501 16.84 -55.51 4.46
CA SER C 501 16.33 -55.69 3.10
C SER C 501 15.08 -54.86 2.87
N VAL C 502 14.23 -54.74 3.89
CA VAL C 502 12.99 -53.95 3.76
C VAL C 502 13.32 -52.50 3.44
N TYR C 503 14.26 -51.92 4.19
CA TYR C 503 14.58 -50.51 4.00
C TYR C 503 15.46 -50.25 2.78
N ASP C 504 16.22 -51.24 2.33
CA ASP C 504 16.94 -51.09 1.08
C ASP C 504 15.97 -50.94 -0.09
N LYS C 505 14.97 -51.82 -0.16
CA LYS C 505 13.94 -51.70 -1.18
C LYS C 505 13.10 -50.44 -0.98
N TYR C 506 12.80 -50.11 0.28
CA TYR C 506 11.98 -48.94 0.58
C TYR C 506 12.63 -47.66 0.08
N PHE C 507 13.93 -47.49 0.36
CA PHE C 507 14.61 -46.28 -0.07
C PHE C 507 14.69 -46.19 -1.59
N LYS C 508 14.97 -47.32 -2.26
CA LYS C 508 15.20 -47.29 -3.70
C LYS C 508 13.92 -47.03 -4.50
N ILE C 509 12.76 -47.04 -3.86
CA ILE C 509 11.52 -46.71 -4.56
C ILE C 509 11.55 -45.26 -5.04
N THR C 510 12.05 -44.35 -4.22
CA THR C 510 12.12 -42.94 -4.57
C THR C 510 13.54 -42.42 -4.73
N ALA C 511 14.55 -43.26 -4.54
CA ALA C 511 15.93 -42.81 -4.62
C ALA C 511 16.28 -42.36 -6.04
N LYS C 512 17.28 -41.49 -6.11
CA LYS C 512 17.73 -40.89 -7.37
C LYS C 512 18.77 -41.81 -8.01
N LYS C 513 18.39 -42.46 -9.11
CA LYS C 513 19.31 -43.34 -9.83
C LYS C 513 20.29 -42.50 -10.64
N MET C 514 21.58 -42.65 -10.36
CA MET C 514 22.62 -41.80 -10.93
C MET C 514 23.31 -42.46 -12.12
N SER C 515 23.85 -43.64 -11.91
CA SER C 515 24.55 -44.39 -12.95
C SER C 515 24.36 -45.87 -12.66
N LYS C 516 25.03 -46.72 -13.44
CA LYS C 516 24.89 -48.15 -13.26
C LYS C 516 25.28 -48.54 -11.84
N ASN C 517 24.33 -49.13 -11.12
CA ASN C 517 24.51 -49.61 -9.74
C ASN C 517 24.81 -48.50 -8.74
N ILE C 518 24.42 -47.26 -9.02
CA ILE C 518 24.70 -46.15 -8.10
C ILE C 518 23.42 -45.35 -7.90
N TYR C 519 22.99 -45.24 -6.64
CA TYR C 519 21.96 -44.30 -6.23
C TYR C 519 22.58 -43.17 -5.43
N ASP C 520 21.97 -41.99 -5.51
CA ASP C 520 22.33 -40.91 -4.61
C ASP C 520 21.81 -41.20 -3.21
N TYR C 521 22.69 -41.15 -2.21
CA TYR C 521 22.29 -41.22 -0.81
C TYR C 521 22.61 -39.86 -0.20
N TYR C 522 21.68 -38.92 -0.38
CA TYR C 522 21.80 -37.55 0.10
C TYR C 522 20.75 -37.28 1.15
N PRO C 523 21.00 -36.35 2.07
CA PRO C 523 20.00 -36.05 3.11
C PRO C 523 18.65 -35.62 2.55
N ASN C 524 18.61 -35.00 1.36
CA ASN C 524 17.33 -34.53 0.84
C ASN C 524 16.36 -35.68 0.58
N LYS C 525 16.84 -36.91 0.52
CA LYS C 525 15.96 -38.07 0.54
C LYS C 525 16.19 -38.99 1.72
N VAL C 526 17.42 -39.10 2.22
CA VAL C 526 17.69 -40.01 3.34
C VAL C 526 17.00 -39.51 4.61
N MET C 527 16.98 -38.20 4.83
CA MET C 527 16.32 -37.67 6.02
C MET C 527 14.79 -37.77 5.95
N LYS C 528 14.23 -38.11 4.79
CA LYS C 528 12.80 -38.36 4.68
C LYS C 528 12.43 -39.81 4.94
N ILE C 529 13.41 -40.68 5.19
CA ILE C 529 13.12 -42.08 5.51
C ILE C 529 12.36 -42.15 6.81
N ARG C 530 11.23 -42.86 6.79
CA ARG C 530 10.35 -42.91 7.96
C ARG C 530 10.69 -44.14 8.82
N ILE C 531 10.56 -43.95 10.13
CA ILE C 531 11.04 -44.89 11.13
C ILE C 531 9.89 -45.27 12.06
N PHE C 532 9.92 -46.49 12.56
CA PHE C 532 8.90 -46.99 13.49
C PHE C 532 9.54 -47.39 14.81
N ARG C 533 8.68 -47.65 15.79
CA ARG C 533 9.12 -48.06 17.13
C ARG C 533 7.97 -48.80 17.79
N ASP C 534 8.14 -50.09 18.04
CA ASP C 534 7.08 -50.91 18.60
C ASP C 534 7.69 -52.02 19.44
N ASN C 535 6.91 -53.07 19.70
CA ASN C 535 7.32 -54.14 20.61
C ASN C 535 8.50 -54.95 20.08
N ASN C 536 8.82 -54.86 18.79
CA ASN C 536 9.96 -55.58 18.26
C ASN C 536 11.27 -54.83 18.45
N TYR C 537 11.25 -53.66 19.07
CA TYR C 537 12.43 -52.81 19.16
C TYR C 537 13.59 -53.53 19.84
N GLU C 538 13.32 -54.20 20.96
CA GLU C 538 14.40 -54.77 21.76
C GLU C 538 15.14 -55.87 21.01
N GLU C 539 14.41 -56.75 20.33
CA GLU C 539 15.08 -57.85 19.63
C GLU C 539 15.76 -57.36 18.36
N ILE C 540 15.16 -56.39 17.66
CA ILE C 540 15.81 -55.79 16.50
C ILE C 540 17.14 -55.16 16.92
N GLU C 541 17.12 -54.38 18.00
CA GLU C 541 18.35 -53.79 18.53
C GLU C 541 19.32 -54.86 18.98
N ASN C 542 18.82 -55.90 19.65
CA ASN C 542 19.69 -56.97 20.12
C ASN C 542 20.35 -57.69 18.96
N LEU C 543 19.60 -57.95 17.88
CA LEU C 543 20.18 -58.58 16.70
C LEU C 543 21.24 -57.68 16.07
N SER C 544 20.98 -56.37 16.02
CA SER C 544 21.96 -55.46 15.47
C SER C 544 23.26 -55.48 16.26
N LYS C 545 23.15 -55.49 17.59
CA LYS C 545 24.35 -55.54 18.44
C LYS C 545 25.13 -56.83 18.22
N GLN C 546 24.43 -57.95 18.02
CA GLN C 546 25.12 -59.19 17.71
C GLN C 546 25.86 -59.12 16.38
N ILE C 547 25.23 -58.54 15.36
CA ILE C 547 25.86 -58.40 14.05
C ILE C 547 27.10 -57.53 14.16
N ILE C 548 27.01 -56.42 14.88
CA ILE C 548 28.16 -55.53 15.04
C ILE C 548 29.31 -56.27 15.73
N SER C 549 29.00 -57.06 16.75
CA SER C 549 30.04 -57.78 17.48
C SER C 549 30.78 -58.75 16.58
N ILE C 550 30.06 -59.49 15.73
CA ILE C 550 30.70 -60.43 14.82
C ILE C 550 31.57 -59.69 13.81
N LEU C 551 31.06 -58.59 13.26
CA LEU C 551 31.82 -57.85 12.25
C LEU C 551 33.10 -57.25 12.82
N LEU C 552 33.11 -56.93 14.12
CA LEU C 552 34.29 -56.37 14.75
C LEU C 552 35.22 -57.43 15.32
N ASN C 553 34.84 -58.71 15.30
CA ASN C 553 35.67 -59.75 15.88
C ASN C 553 36.75 -60.20 14.90
N LYS C 554 37.75 -60.88 15.44
CA LYS C 554 38.91 -61.29 14.65
C LYS C 554 38.51 -62.29 13.56
N SER C 555 37.71 -63.28 13.91
CA SER C 555 37.27 -64.32 12.97
C SER C 555 35.78 -64.14 12.73
N ILE C 556 35.42 -63.73 11.50
CA ILE C 556 34.06 -63.39 11.14
C ILE C 556 33.40 -64.58 10.46
N ASP C 557 32.21 -64.94 10.93
CA ASP C 557 31.37 -65.95 10.28
C ASP C 557 30.33 -65.19 9.45
N LYS C 558 30.53 -65.15 8.14
CA LYS C 558 29.59 -64.45 7.27
C LYS C 558 28.21 -65.11 7.31
N GLY C 559 28.17 -66.44 7.36
CA GLY C 559 26.90 -67.15 7.44
C GLY C 559 26.15 -66.87 8.73
N LYS C 560 26.87 -66.68 9.84
CA LYS C 560 26.21 -66.34 11.10
C LYS C 560 25.55 -64.98 11.02
N VAL C 561 26.20 -64.01 10.38
CA VAL C 561 25.60 -62.68 10.23
C VAL C 561 24.33 -62.76 9.38
N GLU C 562 24.37 -63.53 8.29
CA GLU C 562 23.22 -63.61 7.39
C GLU C 562 21.97 -64.08 8.11
N LYS C 563 22.11 -65.14 8.92
CA LYS C 563 20.98 -65.64 9.68
C LYS C 563 20.43 -64.59 10.62
N LEU C 564 21.32 -63.84 11.28
CA LEU C 564 20.90 -62.76 12.17
C LEU C 564 20.16 -61.67 11.39
N GLN C 565 20.67 -61.32 10.22
CA GLN C 565 20.02 -60.30 9.41
C GLN C 565 18.63 -60.76 8.97
N ILE C 566 18.49 -62.04 8.62
CA ILE C 566 17.21 -62.58 8.18
C ILE C 566 16.18 -62.52 9.31
N LYS C 567 16.58 -62.91 10.52
CA LYS C 567 15.68 -62.79 11.67
C LYS C 567 15.24 -61.34 11.86
N MET C 568 16.17 -60.40 11.72
CA MET C 568 15.82 -58.99 11.86
C MET C 568 14.84 -58.55 10.80
N ASP C 569 15.05 -58.97 9.54
CA ASP C 569 14.14 -58.59 8.47
C ASP C 569 12.73 -59.11 8.74
N ASN C 570 12.61 -60.34 9.26
CA ASN C 570 11.30 -60.90 9.56
C ASN C 570 10.59 -60.07 10.64
N LEU C 571 11.31 -59.63 11.66
CA LEU C 571 10.71 -58.78 12.68
C LEU C 571 10.24 -57.46 12.07
N ILE C 572 11.06 -56.85 11.22
CA ILE C 572 10.71 -55.57 10.60
C ILE C 572 9.47 -55.72 9.72
N MET C 573 9.41 -56.80 8.93
CA MET C 573 8.23 -57.05 8.11
C MET C 573 6.98 -57.25 8.98
N ASP C 574 7.12 -57.98 10.08
CA ASP C 574 6.02 -58.16 11.01
C ASP C 574 5.58 -56.82 11.58
N SER C 575 6.54 -55.95 11.92
CA SER C 575 6.21 -54.64 12.46
C SER C 575 5.44 -53.78 11.47
N LEU C 576 5.82 -53.83 10.19
CA LEU C 576 5.24 -52.99 9.15
C LEU C 576 4.11 -53.67 8.39
N GLY C 577 3.74 -54.88 8.76
CA GLY C 577 2.67 -55.58 8.06
C GLY C 577 3.01 -55.92 6.62
N ILE C 578 4.26 -56.32 6.37
CA ILE C 578 4.68 -56.66 5.03
C ILE C 578 4.66 -58.17 4.83
C1 EDO J . -22.45 43.11 -13.32
O1 EDO J . -23.45 44.00 -13.82
C2 EDO J . -21.08 43.78 -13.38
O2 EDO J . -21.10 44.99 -12.64
C1 EDO K . -25.11 16.75 -21.59
O1 EDO K . -25.49 15.59 -22.33
C2 EDO K . -24.26 17.67 -22.47
O2 EDO K . -23.78 18.77 -21.69
K K L . -48.19 28.54 -54.80
K K M . -34.60 40.95 -5.05
C1 T96 N . -39.53 25.00 -14.04
C2 T96 N . -38.96 22.77 -14.22
C3 T96 N . -37.03 21.72 -12.94
N4 T96 N . -34.20 19.07 -14.86
C5 T96 N . -37.25 21.08 -15.02
C6 T96 N . -36.90 20.02 -16.92
C7 T96 N . -35.38 19.63 -15.25
C8 T96 N . -33.57 19.31 -13.58
C11 T96 N . -33.69 17.43 -10.28
C10 T96 N . -33.38 18.38 -11.25
C9 T96 N . -33.90 18.28 -12.53
C12 T96 N . -34.53 16.36 -10.58
C15 T96 N . -38.95 26.21 -13.36
C16 T96 N . -39.90 22.82 -13.04
N T96 N . -37.82 21.88 -14.05
C T96 N . -40.55 24.21 -13.22
O T96 N . -41.81 24.12 -13.90
C13 T96 N . -35.04 16.26 -11.88
C14 T96 N . -34.73 17.21 -12.83
C4 T96 N . -36.14 20.50 -14.43
N1 T96 N . -36.02 20.91 -13.11
N2 T96 N . -37.68 20.88 -16.27
N3 T96 N . -35.80 19.39 -16.50
N5 T96 N . -34.84 15.42 -9.63
O1 T96 N . -38.47 24.08 -14.38
O2 T96 N . -39.53 26.42 -12.08
O3 T96 N . -40.86 21.78 -13.13
C1 EDO O . -5.53 -42.93 40.36
O1 EDO O . -6.49 -43.94 40.03
C2 EDO O . -4.23 -43.21 39.63
O2 EDO O . -4.51 -43.43 38.23
C1 EDO P . 3.18 23.32 16.25
O1 EDO P . 2.81 24.70 16.43
C2 EDO P . 2.26 22.68 15.21
O2 EDO P . 2.44 23.30 13.94
C1 EDO Q . 30.93 26.31 32.35
O1 EDO Q . 29.76 26.16 31.53
C2 EDO Q . 31.32 24.96 32.94
O2 EDO Q . 31.73 24.06 31.90
C1 EDO R . -1.50 19.91 -7.02
O1 EDO R . -2.81 19.46 -7.36
C2 EDO R . -1.53 20.59 -5.65
O2 EDO R . -1.62 19.60 -4.62
K K S . 13.88 -4.92 17.79
K K T . -14.55 -39.51 46.29
K K U . 19.39 21.48 -15.13
C1 T96 V . -1.49 -15.78 14.59
C2 T96 V . -3.63 -15.70 13.70
C3 T96 V . -4.56 -13.63 12.57
N4 T96 V . -8.60 -12.26 13.34
C5 T96 V . -5.96 -14.74 13.83
C6 T96 V . -7.83 -15.34 14.85
C7 T96 V . -7.91 -13.38 13.66
C8 T96 V . -8.02 -11.13 12.64
C11 T96 V . -8.18 -10.03 9.01
C10 T96 V . -7.92 -10.04 10.37
C9 T96 V . -8.28 -11.13 11.15
C12 T96 V . -8.81 -11.11 8.40
C15 T96 V . -0.40 -14.74 14.71
C16 T96 V . -2.72 -16.10 12.54
N T96 V . -4.67 -14.74 13.37
C T96 V . -1.48 -16.59 13.29
O T96 V . -1.55 -17.99 13.56
C13 T96 V . -9.18 -12.20 9.19
C14 T96 V . -8.91 -12.20 10.55
C4 T96 V . -6.55 -13.61 13.29
N1 T96 V . -5.66 -12.91 12.50
N2 T96 V . -6.54 -15.65 14.61
N3 T96 V . -8.53 -14.29 14.43
N5 T96 V . -9.09 -11.10 7.05
O1 T96 V . -2.77 -15.13 14.66
O2 T96 V . -0.27 -13.98 13.52
O3 T96 V . -3.31 -17.17 11.80
K K W . 24.75 -44.26 -17.39
K K X . 52.95 -36.08 13.66
C1 T96 Y . 23.67 -29.35 -29.05
C2 T96 Y . 23.65 -27.02 -29.05
C3 T96 Y . 23.82 -25.76 -26.85
N4 T96 Y . 21.36 -22.30 -26.01
C5 T96 Y . 22.42 -24.92 -28.31
C6 T96 Y . 20.94 -23.60 -29.25
C7 T96 Y . 21.55 -23.06 -27.10
C8 T96 Y . 21.96 -22.56 -24.71
C11 T96 Y . 25.04 -21.18 -22.98
C10 T96 Y . 23.88 -21.90 -23.24
C9 T96 Y . 23.20 -21.76 -24.44
C12 T96 Y . 25.54 -20.28 -23.93
C15 T96 Y . 23.76 -30.30 -27.88
C16 T96 Y . 25.12 -27.43 -29.05
N T96 Y . 23.32 -25.95 -28.12
C T96 Y . 25.03 -28.86 -29.59
O T96 Y . 25.06 -28.91 -31.02
C13 T96 Y . 24.85 -20.14 -25.14
C14 T96 Y . 23.70 -20.86 -25.38
C4 T96 Y . 22.42 -24.19 -27.14
N1 T96 Y . 23.31 -24.73 -26.22
N2 T96 Y . 21.70 -24.69 -29.41
N3 T96 Y . 20.82 -22.79 -28.20
N5 T96 Y . 26.70 -19.58 -23.69
O1 T96 Y . 22.93 -28.17 -28.67
O2 T96 Y . 25.07 -30.29 -27.31
O3 T96 Y . 25.87 -26.59 -29.92
C1 EDO Z . 16.23 -6.17 11.21
O1 EDO Z . 17.59 -5.75 11.40
C2 EDO Z . 15.88 -7.27 12.20
O2 EDO Z . 15.92 -6.74 13.53
C1 EDO AA . 10.24 3.02 5.47
O1 EDO AA . 11.21 2.89 4.43
C2 EDO AA . 9.83 1.64 5.98
O2 EDO AA . 10.96 0.92 6.46
#